data_2EHF
#
_entry.id   2EHF
#
_entity_poly.entity_id   1
_entity_poly.type   'polypeptide(L)'
_entity_poly.pdbx_seq_one_letter_code
;GSSGSSGEIEKGGCGDPGIPAYGKRTGSSFLHGDTLTFECPAAFELVGERVITCQQNNQWSGNKPSCSGPSSG
;
_entity_poly.pdbx_strand_id   A
#
# COMPACT_ATOMS: atom_id res chain seq x y z
N GLY A 1 32.68 -14.44 -3.38
CA GLY A 1 32.03 -13.19 -3.70
C GLY A 1 33.01 -12.08 -4.02
N SER A 2 32.53 -11.04 -4.70
CA SER A 2 33.39 -9.92 -5.06
C SER A 2 32.67 -8.59 -4.84
N SER A 3 33.36 -7.49 -5.12
CA SER A 3 32.79 -6.16 -4.95
C SER A 3 31.56 -5.98 -5.83
N GLY A 4 30.84 -4.89 -5.61
CA GLY A 4 29.65 -4.62 -6.39
C GLY A 4 29.61 -3.20 -6.92
N SER A 5 28.40 -2.69 -7.17
CA SER A 5 28.23 -1.34 -7.69
C SER A 5 28.35 -0.31 -6.58
N SER A 6 28.81 0.88 -6.93
CA SER A 6 28.97 1.97 -5.96
C SER A 6 28.32 3.25 -6.45
N GLY A 7 28.20 4.22 -5.56
CA GLY A 7 27.59 5.50 -5.92
C GLY A 7 26.54 5.94 -4.93
N GLU A 8 26.67 7.17 -4.45
CA GLU A 8 25.72 7.72 -3.48
C GLU A 8 24.94 8.87 -4.08
N ILE A 9 23.62 8.72 -4.16
CA ILE A 9 22.77 9.76 -4.71
C ILE A 9 21.39 9.73 -4.06
N GLU A 10 20.78 10.92 -3.92
CA GLU A 10 19.46 11.02 -3.33
C GLU A 10 18.36 10.65 -4.32
N LYS A 11 17.30 10.02 -3.83
CA LYS A 11 16.19 9.61 -4.69
C LYS A 11 14.87 10.06 -4.10
N GLY A 12 13.91 10.39 -4.98
CA GLY A 12 12.62 10.85 -4.53
C GLY A 12 11.77 9.71 -3.97
N GLY A 13 10.68 9.40 -4.67
CA GLY A 13 9.80 8.32 -4.23
C GLY A 13 8.35 8.56 -4.63
N CYS A 14 7.64 7.48 -4.95
CA CYS A 14 6.25 7.56 -5.35
C CYS A 14 5.53 8.66 -4.57
N GLY A 15 5.22 8.36 -3.31
CA GLY A 15 4.52 9.32 -2.47
C GLY A 15 4.01 8.70 -1.18
N ASP A 16 2.87 9.21 -0.70
CA ASP A 16 2.28 8.71 0.53
C ASP A 16 0.90 8.12 0.25
N PRO A 17 0.87 6.87 -0.24
CA PRO A 17 -0.38 6.17 -0.55
C PRO A 17 -1.17 5.80 0.70
N GLY A 18 -0.65 6.19 1.85
CA GLY A 18 -1.33 5.89 3.11
C GLY A 18 -1.51 4.40 3.33
N ILE A 19 -2.17 4.05 4.42
CA ILE A 19 -2.41 2.65 4.74
C ILE A 19 -3.91 2.35 4.83
N PRO A 20 -4.30 1.17 4.31
CA PRO A 20 -5.71 0.75 4.31
C PRO A 20 -6.21 0.41 5.72
N ALA A 21 -7.50 0.64 5.94
CA ALA A 21 -8.11 0.37 7.24
C ALA A 21 -8.75 -1.02 7.26
N TYR A 22 -8.18 -1.95 6.49
CA TYR A 22 -8.69 -3.30 6.42
C TYR A 22 -7.59 -4.32 6.72
N GLY A 23 -6.36 -3.94 6.45
CA GLY A 23 -5.23 -4.82 6.70
C GLY A 23 -4.01 -4.08 7.19
N LYS A 24 -2.86 -4.76 7.19
CA LYS A 24 -1.62 -4.16 7.63
C LYS A 24 -0.62 -4.05 6.48
N ARG A 25 0.14 -2.96 6.46
CA ARG A 25 1.13 -2.74 5.42
C ARG A 25 2.55 -2.88 5.97
N THR A 26 3.48 -3.22 5.09
CA THR A 26 4.88 -3.40 5.48
C THR A 26 5.80 -2.52 4.65
N GLY A 27 6.33 -1.48 5.28
CA GLY A 27 7.22 -0.57 4.58
C GLY A 27 6.73 0.86 4.58
N SER A 28 6.72 1.48 5.76
CA SER A 28 6.26 2.86 5.90
C SER A 28 6.98 3.78 4.90
N SER A 29 8.21 3.41 4.56
CA SER A 29 9.01 4.20 3.63
C SER A 29 8.72 3.79 2.18
N PHE A 30 8.71 4.78 1.28
CA PHE A 30 8.43 4.53 -0.12
C PHE A 30 9.52 5.15 -1.00
N LEU A 31 10.38 4.30 -1.56
CA LEU A 31 11.46 4.77 -2.43
C LEU A 31 11.28 4.25 -3.84
N HIS A 32 12.11 4.75 -4.76
CA HIS A 32 12.05 4.33 -6.15
C HIS A 32 12.51 2.90 -6.33
N GLY A 33 11.56 1.98 -6.47
CA GLY A 33 11.89 0.58 -6.63
C GLY A 33 11.46 -0.26 -5.44
N ASP A 34 10.82 0.37 -4.47
CA ASP A 34 10.36 -0.32 -3.28
C ASP A 34 9.00 -0.96 -3.51
N THR A 35 8.78 -2.11 -2.88
CA THR A 35 7.51 -2.82 -3.02
C THR A 35 6.73 -2.84 -1.71
N LEU A 36 5.49 -2.37 -1.76
CA LEU A 36 4.65 -2.33 -0.57
C LEU A 36 3.65 -3.48 -0.58
N THR A 37 3.78 -4.38 0.40
CA THR A 37 2.89 -5.53 0.51
C THR A 37 1.89 -5.34 1.63
N PHE A 38 0.82 -6.14 1.61
CA PHE A 38 -0.22 -6.05 2.63
C PHE A 38 -0.61 -7.45 3.12
N GLU A 39 -1.49 -7.49 4.11
CA GLU A 39 -1.95 -8.75 4.67
C GLU A 39 -3.23 -8.57 5.47
N CYS A 40 -4.06 -9.61 5.51
CA CYS A 40 -5.32 -9.55 6.24
C CYS A 40 -5.46 -10.75 7.17
N PRO A 41 -6.09 -10.53 8.33
CA PRO A 41 -6.30 -11.57 9.34
C PRO A 41 -7.31 -12.63 8.87
N ALA A 42 -7.78 -13.44 9.82
CA ALA A 42 -8.75 -14.49 9.51
C ALA A 42 -10.12 -13.89 9.19
N ALA A 43 -10.98 -14.69 8.57
CA ALA A 43 -12.31 -14.25 8.20
C ALA A 43 -12.26 -13.09 7.21
N PHE A 44 -11.22 -13.08 6.39
CA PHE A 44 -11.04 -12.03 5.40
C PHE A 44 -10.28 -12.54 4.18
N GLU A 45 -10.67 -12.07 3.00
CA GLU A 45 -10.03 -12.49 1.76
C GLU A 45 -9.47 -11.29 1.01
N LEU A 46 -8.26 -11.45 0.46
CA LEU A 46 -7.61 -10.38 -0.28
C LEU A 46 -8.49 -9.89 -1.43
N VAL A 47 -8.72 -8.58 -1.47
CA VAL A 47 -9.54 -7.99 -2.51
C VAL A 47 -8.81 -6.85 -3.21
N GLY A 48 -7.77 -7.20 -3.97
CA GLY A 48 -7.00 -6.19 -4.67
C GLY A 48 -5.57 -6.62 -4.92
N GLU A 49 -4.72 -5.68 -5.31
CA GLU A 49 -3.31 -5.97 -5.58
C GLU A 49 -2.57 -6.31 -4.29
N ARG A 50 -2.24 -7.58 -4.12
CA ARG A 50 -1.52 -8.03 -2.93
C ARG A 50 -0.29 -7.17 -2.68
N VAL A 51 0.49 -6.92 -3.73
CA VAL A 51 1.69 -6.10 -3.61
C VAL A 51 1.91 -5.27 -4.87
N ILE A 52 2.16 -3.98 -4.69
CA ILE A 52 2.39 -3.08 -5.81
C ILE A 52 3.86 -2.70 -5.92
N THR A 53 4.22 -2.04 -7.02
CA THR A 53 5.60 -1.62 -7.24
C THR A 53 5.67 -0.19 -7.75
N CYS A 54 6.44 0.64 -7.07
CA CYS A 54 6.58 2.05 -7.46
C CYS A 54 6.89 2.17 -8.94
N GLN A 55 6.55 3.32 -9.52
CA GLN A 55 6.79 3.56 -10.94
C GLN A 55 7.67 4.79 -11.14
N GLN A 56 8.41 5.16 -10.10
CA GLN A 56 9.29 6.31 -10.16
C GLN A 56 8.63 7.46 -10.90
N ASN A 57 7.29 7.52 -10.83
CA ASN A 57 6.53 8.57 -11.51
C ASN A 57 5.57 9.25 -10.54
N ASN A 58 6.02 9.44 -9.30
CA ASN A 58 5.19 10.07 -8.28
C ASN A 58 3.81 9.43 -8.23
N GLN A 59 3.74 8.15 -8.58
CA GLN A 59 2.48 7.43 -8.57
C GLN A 59 2.70 5.92 -8.42
N TRP A 60 1.64 5.20 -8.08
CA TRP A 60 1.73 3.75 -7.91
C TRP A 60 1.00 3.03 -9.03
N SER A 61 1.47 1.83 -9.35
CA SER A 61 0.86 1.03 -10.41
C SER A 61 -0.60 0.71 -10.09
N GLY A 62 -0.89 0.55 -8.80
CA GLY A 62 -2.24 0.24 -8.38
C GLY A 62 -2.56 0.82 -7.02
N ASN A 63 -3.85 0.88 -6.69
CA ASN A 63 -4.28 1.41 -5.41
C ASN A 63 -4.14 0.37 -4.30
N LYS A 64 -4.24 0.82 -3.05
CA LYS A 64 -4.12 -0.07 -1.91
C LYS A 64 -5.17 -1.17 -1.96
N PRO A 65 -4.78 -2.38 -1.52
CA PRO A 65 -5.69 -3.54 -1.50
C PRO A 65 -6.79 -3.40 -0.46
N SER A 66 -7.44 -4.52 -0.14
CA SER A 66 -8.53 -4.51 0.83
C SER A 66 -8.72 -5.91 1.44
N CYS A 67 -9.61 -6.00 2.42
CA CYS A 67 -9.88 -7.27 3.08
C CYS A 67 -11.39 -7.50 3.22
N SER A 68 -11.87 -8.57 2.62
CA SER A 68 -13.29 -8.91 2.68
C SER A 68 -13.56 -10.28 2.09
N GLY A 69 -14.23 -11.14 2.85
CA GLY A 69 -14.53 -12.48 2.38
C GLY A 69 -14.60 -13.49 3.51
N PRO A 70 -15.34 -14.59 3.28
CA PRO A 70 -15.50 -15.65 4.27
C PRO A 70 -14.21 -16.44 4.49
N SER A 71 -14.34 -17.60 5.13
CA SER A 71 -13.18 -18.45 5.41
C SER A 71 -12.77 -19.24 4.16
N SER A 72 -11.80 -20.13 4.33
CA SER A 72 -11.31 -20.95 3.23
C SER A 72 -11.77 -22.40 3.39
N GLY A 73 -11.45 -22.99 4.53
CA GLY A 73 -11.83 -24.36 4.79
C GLY A 73 -13.30 -24.50 5.13
N GLY A 1 17.69 2.67 22.57
CA GLY A 1 18.46 3.88 22.32
C GLY A 1 18.78 4.07 20.85
N SER A 2 17.76 3.91 20.00
CA SER A 2 17.96 4.04 18.56
C SER A 2 19.33 3.54 18.14
N SER A 3 19.80 2.50 18.81
CA SER A 3 21.11 1.92 18.52
C SER A 3 21.32 1.81 17.02
N GLY A 4 20.24 1.54 16.29
CA GLY A 4 20.32 1.42 14.84
C GLY A 4 18.98 1.18 14.20
N SER A 5 18.97 0.46 13.07
CA SER A 5 17.75 0.17 12.36
C SER A 5 16.83 1.39 12.31
N SER A 6 17.44 2.57 12.21
CA SER A 6 16.68 3.81 12.16
C SER A 6 17.17 4.70 11.01
N GLY A 7 16.22 5.29 10.29
CA GLY A 7 16.57 6.15 9.17
C GLY A 7 15.39 6.98 8.69
N GLU A 8 15.44 8.27 8.97
CA GLU A 8 14.37 9.19 8.57
C GLU A 8 14.83 10.12 7.45
N ILE A 9 15.72 9.61 6.60
CA ILE A 9 16.24 10.40 5.49
C ILE A 9 15.47 10.12 4.20
N GLU A 10 15.11 11.19 3.49
CA GLU A 10 14.37 11.07 2.24
C GLU A 10 14.94 12.00 1.18
N LYS A 11 15.31 11.44 0.04
CA LYS A 11 15.86 12.23 -1.06
C LYS A 11 14.91 12.23 -2.25
N GLY A 12 13.63 11.95 -2.00
CA GLY A 12 12.65 11.92 -3.06
C GLY A 12 11.88 10.62 -3.11
N GLY A 13 10.68 10.66 -3.72
CA GLY A 13 9.87 9.47 -3.82
C GLY A 13 8.38 9.79 -3.88
N CYS A 14 7.55 8.81 -3.57
CA CYS A 14 6.10 8.98 -3.61
C CYS A 14 5.53 9.02 -2.19
N GLY A 15 6.41 8.91 -1.20
CA GLY A 15 5.97 8.93 0.19
C GLY A 15 5.28 7.64 0.59
N ASP A 16 4.03 7.48 0.15
CA ASP A 16 3.26 6.30 0.47
C ASP A 16 2.01 6.20 -0.38
N PRO A 17 1.64 4.98 -0.77
CA PRO A 17 0.46 4.73 -1.61
C PRO A 17 -0.85 5.00 -0.85
N GLY A 18 -0.96 4.46 0.35
CA GLY A 18 -2.15 4.65 1.16
C GLY A 18 -2.44 3.47 2.07
N ILE A 19 -2.86 3.76 3.29
CA ILE A 19 -3.16 2.72 4.26
C ILE A 19 -4.62 2.28 4.15
N PRO A 20 -4.85 0.96 4.27
CA PRO A 20 -6.20 0.38 4.19
C PRO A 20 -7.06 0.75 5.40
N ALA A 21 -8.36 0.87 5.19
CA ALA A 21 -9.28 1.21 6.27
C ALA A 21 -9.90 -0.04 6.86
N TYR A 22 -9.14 -1.14 6.86
CA TYR A 22 -9.61 -2.40 7.41
C TYR A 22 -8.55 -3.04 8.29
N GLY A 23 -7.36 -3.28 7.71
CA GLY A 23 -6.29 -3.89 8.46
C GLY A 23 -5.08 -2.98 8.59
N LYS A 24 -3.89 -3.56 8.51
CA LYS A 24 -2.65 -2.79 8.61
C LYS A 24 -1.71 -3.12 7.45
N ARG A 25 -0.80 -2.20 7.15
CA ARG A 25 0.15 -2.39 6.07
C ARG A 25 1.58 -2.48 6.62
N THR A 26 2.46 -3.13 5.87
CA THR A 26 3.84 -3.29 6.27
C THR A 26 4.77 -2.39 5.45
N GLY A 27 5.98 -2.17 5.96
CA GLY A 27 6.93 -1.33 5.25
C GLY A 27 6.95 0.10 5.78
N SER A 28 8.12 0.72 5.76
CA SER A 28 8.27 2.09 6.24
C SER A 28 8.91 2.97 5.18
N SER A 29 9.71 2.36 4.31
CA SER A 29 10.39 3.09 3.25
C SER A 29 9.62 2.96 1.94
N PHE A 30 9.48 4.08 1.23
CA PHE A 30 8.78 4.11 -0.05
C PHE A 30 9.56 4.90 -1.09
N LEU A 31 10.15 4.18 -2.04
CA LEU A 31 10.93 4.83 -3.10
C LEU A 31 10.28 4.59 -4.46
N HIS A 32 10.79 5.29 -5.48
CA HIS A 32 10.27 5.15 -6.83
C HIS A 32 10.64 3.79 -7.43
N GLY A 33 10.07 2.73 -6.88
CA GLY A 33 10.35 1.40 -7.37
C GLY A 33 10.23 0.34 -6.29
N ASP A 34 10.12 0.79 -5.04
CA ASP A 34 9.99 -0.12 -3.91
C ASP A 34 8.65 -0.85 -3.95
N THR A 35 8.47 -1.80 -3.02
CA THR A 35 7.23 -2.57 -2.95
C THR A 35 6.78 -2.73 -1.51
N LEU A 36 5.52 -3.10 -1.34
CA LEU A 36 4.95 -3.31 0.00
C LEU A 36 3.98 -4.47 0.01
N THR A 37 3.54 -4.86 1.20
CA THR A 37 2.61 -5.96 1.35
C THR A 37 1.54 -5.65 2.40
N PHE A 38 0.28 -5.86 2.04
CA PHE A 38 -0.83 -5.60 2.96
C PHE A 38 -1.37 -6.91 3.55
N GLU A 39 -2.00 -6.80 4.70
CA GLU A 39 -2.56 -7.97 5.38
C GLU A 39 -3.90 -7.63 6.03
N CYS A 40 -4.72 -8.66 6.26
CA CYS A 40 -6.02 -8.48 6.87
C CYS A 40 -6.30 -9.57 7.90
N PRO A 41 -7.12 -9.25 8.90
CA PRO A 41 -7.48 -10.19 9.97
C PRO A 41 -8.39 -11.31 9.47
N ALA A 42 -8.42 -12.42 10.21
CA ALA A 42 -9.25 -13.55 9.84
C ALA A 42 -10.66 -13.11 9.44
N ALA A 43 -11.46 -14.05 8.95
CA ALA A 43 -12.83 -13.75 8.54
C ALA A 43 -12.85 -12.73 7.41
N PHE A 44 -11.85 -12.81 6.52
CA PHE A 44 -11.76 -11.89 5.40
C PHE A 44 -10.82 -12.43 4.33
N GLU A 45 -11.11 -12.13 3.07
CA GLU A 45 -10.29 -12.59 1.96
C GLU A 45 -9.57 -11.42 1.30
N LEU A 46 -8.35 -11.68 0.83
CA LEU A 46 -7.55 -10.65 0.17
C LEU A 46 -8.17 -10.24 -1.16
N VAL A 47 -8.30 -8.93 -1.36
CA VAL A 47 -8.88 -8.40 -2.59
C VAL A 47 -8.07 -7.21 -3.10
N GLY A 48 -7.44 -7.39 -4.26
CA GLY A 48 -6.64 -6.32 -4.84
C GLY A 48 -5.23 -6.76 -5.17
N GLU A 49 -4.26 -5.90 -4.90
CA GLU A 49 -2.86 -6.20 -5.18
C GLU A 49 -2.08 -6.40 -3.88
N ARG A 50 -1.90 -7.66 -3.49
CA ARG A 50 -1.17 -7.98 -2.26
C ARG A 50 0.07 -7.10 -2.13
N VAL A 51 0.63 -6.70 -3.26
CA VAL A 51 1.82 -5.85 -3.26
C VAL A 51 1.86 -4.97 -4.51
N ILE A 52 2.20 -3.69 -4.31
CA ILE A 52 2.26 -2.74 -5.41
C ILE A 52 3.68 -2.19 -5.56
N THR A 53 3.92 -1.50 -6.66
CA THR A 53 5.23 -0.91 -6.94
C THR A 53 5.11 0.54 -7.39
N CYS A 54 5.93 1.40 -6.81
CA CYS A 54 5.92 2.82 -7.16
C CYS A 54 6.77 3.09 -8.40
N GLN A 55 6.34 4.05 -9.21
CA GLN A 55 7.07 4.40 -10.42
C GLN A 55 7.90 5.66 -10.22
N GLN A 56 8.62 6.07 -11.25
CA GLN A 56 9.46 7.26 -11.19
C GLN A 56 8.61 8.54 -11.23
N ASN A 57 7.38 8.40 -11.72
CA ASN A 57 6.47 9.53 -11.83
C ASN A 57 5.52 9.58 -10.64
N ASN A 58 6.05 9.33 -9.45
CA ASN A 58 5.24 9.33 -8.23
C ASN A 58 3.84 8.78 -8.51
N GLN A 59 3.78 7.69 -9.27
CA GLN A 59 2.51 7.07 -9.60
C GLN A 59 2.59 5.56 -9.45
N TRP A 60 1.96 5.04 -8.41
CA TRP A 60 1.96 3.60 -8.15
C TRP A 60 1.28 2.83 -9.28
N SER A 61 1.92 1.77 -9.75
CA SER A 61 1.38 0.96 -10.82
C SER A 61 0.00 0.40 -10.45
N GLY A 62 -0.32 0.46 -9.16
CA GLY A 62 -1.59 -0.04 -8.69
C GLY A 62 -2.07 0.68 -7.45
N ASN A 63 -3.32 0.41 -7.05
CA ASN A 63 -3.90 1.03 -5.86
C ASN A 63 -3.81 0.10 -4.66
N LYS A 64 -4.04 0.65 -3.48
CA LYS A 64 -3.99 -0.13 -2.25
C LYS A 64 -5.04 -1.24 -2.26
N PRO A 65 -4.69 -2.39 -1.67
CA PRO A 65 -5.59 -3.55 -1.61
C PRO A 65 -6.77 -3.31 -0.67
N SER A 66 -7.54 -4.37 -0.43
CA SER A 66 -8.71 -4.27 0.45
C SER A 66 -9.06 -5.64 1.03
N CYS A 67 -9.86 -5.63 2.10
CA CYS A 67 -10.27 -6.86 2.75
C CYS A 67 -11.78 -7.04 2.69
N SER A 68 -12.22 -8.18 2.16
CA SER A 68 -13.64 -8.46 2.03
C SER A 68 -13.90 -9.96 2.08
N GLY A 69 -14.82 -10.37 2.96
CA GLY A 69 -15.13 -11.78 3.09
C GLY A 69 -15.52 -12.41 1.76
N PRO A 70 -15.62 -13.74 1.75
CA PRO A 70 -15.97 -14.50 0.54
C PRO A 70 -17.43 -14.29 0.13
N SER A 71 -17.64 -14.00 -1.15
CA SER A 71 -18.98 -13.76 -1.68
C SER A 71 -19.50 -15.00 -2.41
N SER A 72 -20.81 -15.07 -2.57
CA SER A 72 -21.44 -16.20 -3.24
C SER A 72 -22.53 -15.73 -4.20
N GLY A 73 -22.82 -16.54 -5.20
CA GLY A 73 -23.84 -16.19 -6.18
C GLY A 73 -24.56 -17.41 -6.73
N GLY A 1 -8.90 13.57 -6.99
CA GLY A 1 -9.65 13.47 -5.75
C GLY A 1 -8.76 13.44 -4.52
N SER A 2 -7.83 14.39 -4.46
CA SER A 2 -6.91 14.47 -3.33
C SER A 2 -7.51 15.29 -2.19
N SER A 3 -7.27 14.83 -0.96
CA SER A 3 -7.79 15.51 0.22
C SER A 3 -6.83 15.38 1.40
N GLY A 4 -6.94 16.29 2.35
CA GLY A 4 -6.08 16.26 3.51
C GLY A 4 -5.44 17.61 3.81
N SER A 5 -5.80 18.19 4.94
CA SER A 5 -5.28 19.49 5.34
C SER A 5 -3.86 19.36 5.89
N SER A 6 -3.01 18.65 5.16
CA SER A 6 -1.63 18.44 5.59
C SER A 6 -0.65 18.86 4.49
N GLY A 7 0.61 19.04 4.87
CA GLY A 7 1.61 19.44 3.90
C GLY A 7 2.21 18.26 3.15
N GLU A 8 1.94 18.20 1.85
CA GLU A 8 2.45 17.11 1.02
C GLU A 8 3.97 17.19 0.88
N ILE A 9 4.68 16.82 1.94
CA ILE A 9 6.13 16.85 1.93
C ILE A 9 6.71 15.45 2.04
N GLU A 10 7.53 15.08 1.07
CA GLU A 10 8.17 13.76 1.05
C GLU A 10 9.68 13.88 0.93
N LYS A 11 10.38 12.85 1.40
CA LYS A 11 11.84 12.84 1.35
C LYS A 11 12.34 12.37 -0.01
N GLY A 12 11.78 11.26 -0.48
CA GLY A 12 12.19 10.73 -1.77
C GLY A 12 11.43 9.46 -2.15
N GLY A 13 10.55 9.57 -3.14
CA GLY A 13 9.78 8.41 -3.57
C GLY A 13 8.38 8.79 -4.01
N CYS A 14 7.50 7.81 -4.06
CA CYS A 14 6.12 8.05 -4.48
C CYS A 14 5.25 8.44 -3.28
N GLY A 15 5.83 9.22 -2.38
CA GLY A 15 5.09 9.65 -1.20
C GLY A 15 4.57 8.48 -0.38
N ASP A 16 3.28 8.21 -0.49
CA ASP A 16 2.66 7.11 0.25
C ASP A 16 1.53 6.48 -0.54
N PRO A 17 1.38 5.16 -0.42
CA PRO A 17 0.33 4.41 -1.13
C PRO A 17 -1.06 4.71 -0.59
N GLY A 18 -1.21 4.63 0.73
CA GLY A 18 -2.50 4.90 1.34
C GLY A 18 -3.09 3.68 2.02
N ILE A 19 -3.20 3.74 3.34
CA ILE A 19 -3.75 2.63 4.11
C ILE A 19 -5.28 2.67 4.12
N PRO A 20 -5.90 1.48 3.97
CA PRO A 20 -7.36 1.36 3.96
C PRO A 20 -7.98 1.63 5.33
N ALA A 21 -9.30 1.54 5.41
CA ALA A 21 -10.01 1.77 6.66
C ALA A 21 -10.18 0.47 7.44
N TYR A 22 -9.37 -0.52 7.11
CA TYR A 22 -9.45 -1.82 7.78
C TYR A 22 -8.32 -2.74 7.31
N GLY A 23 -7.34 -2.95 8.18
CA GLY A 23 -6.21 -3.81 7.84
C GLY A 23 -4.89 -3.25 8.32
N LYS A 24 -3.80 -3.88 7.91
CA LYS A 24 -2.47 -3.44 8.31
C LYS A 24 -1.56 -3.29 7.10
N ARG A 25 -0.52 -2.48 7.24
CA ARG A 25 0.43 -2.25 6.14
C ARG A 25 1.86 -2.47 6.62
N THR A 26 2.54 -3.44 6.03
CA THR A 26 3.91 -3.75 6.38
C THR A 26 4.90 -2.90 5.59
N GLY A 27 5.59 -1.99 6.29
CA GLY A 27 6.55 -1.13 5.63
C GLY A 27 6.12 0.32 5.64
N SER A 28 7.08 1.21 5.86
CA SER A 28 6.80 2.65 5.91
C SER A 28 7.67 3.41 4.92
N SER A 29 8.69 2.72 4.39
CA SER A 29 9.61 3.33 3.43
C SER A 29 9.08 3.18 2.00
N PHE A 30 9.13 4.27 1.24
CA PHE A 30 8.68 4.25 -0.14
C PHE A 30 9.71 4.87 -1.07
N LEU A 31 10.38 4.02 -1.84
CA LEU A 31 11.41 4.48 -2.78
C LEU A 31 10.99 4.20 -4.21
N HIS A 32 11.77 4.71 -5.16
CA HIS A 32 11.49 4.52 -6.58
C HIS A 32 11.70 3.06 -6.98
N GLY A 33 10.68 2.24 -6.74
CA GLY A 33 10.77 0.83 -7.08
C GLY A 33 10.55 -0.08 -5.88
N ASP A 34 10.25 0.53 -4.73
CA ASP A 34 10.00 -0.23 -3.51
C ASP A 34 8.70 -1.01 -3.61
N THR A 35 8.67 -2.18 -2.98
CA THR A 35 7.48 -3.02 -2.99
C THR A 35 6.94 -3.25 -1.58
N LEU A 36 5.63 -3.13 -1.43
CA LEU A 36 4.99 -3.33 -0.13
C LEU A 36 4.20 -4.63 -0.10
N THR A 37 3.68 -4.98 1.08
CA THR A 37 2.91 -6.19 1.24
C THR A 37 1.77 -5.99 2.24
N PHE A 38 0.55 -6.27 1.81
CA PHE A 38 -0.61 -6.12 2.67
C PHE A 38 -1.20 -7.48 3.04
N GLU A 39 -2.05 -7.50 4.06
CA GLU A 39 -2.67 -8.74 4.52
C GLU A 39 -3.91 -8.45 5.35
N CYS A 40 -4.79 -9.43 5.46
CA CYS A 40 -6.02 -9.29 6.23
C CYS A 40 -6.21 -10.46 7.19
N PRO A 41 -6.95 -10.22 8.28
CA PRO A 41 -7.22 -11.24 9.30
C PRO A 41 -8.15 -12.34 8.80
N ALA A 42 -8.70 -13.11 9.71
CA ALA A 42 -9.61 -14.20 9.36
C ALA A 42 -10.98 -13.65 8.98
N ALA A 43 -11.43 -12.63 9.70
CA ALA A 43 -12.73 -12.02 9.44
C ALA A 43 -12.84 -11.59 7.98
N PHE A 44 -11.79 -10.96 7.47
CA PHE A 44 -11.77 -10.50 6.09
C PHE A 44 -10.51 -10.95 5.37
N GLU A 45 -10.62 -11.22 4.08
CA GLU A 45 -9.49 -11.67 3.28
C GLU A 45 -8.98 -10.54 2.39
N LEU A 46 -7.97 -10.84 1.59
CA LEU A 46 -7.38 -9.85 0.68
C LEU A 46 -8.11 -9.84 -0.66
N VAL A 47 -8.58 -8.66 -1.06
CA VAL A 47 -9.29 -8.51 -2.32
C VAL A 47 -8.59 -7.49 -3.22
N GLY A 48 -7.35 -7.77 -3.58
CA GLY A 48 -6.60 -6.87 -4.44
C GLY A 48 -5.13 -7.24 -4.51
N GLU A 49 -4.33 -6.32 -5.07
CA GLU A 49 -2.90 -6.56 -5.20
C GLU A 49 -2.22 -6.60 -3.83
N ARG A 50 -1.67 -7.75 -3.48
CA ARG A 50 -0.99 -7.92 -2.20
C ARG A 50 0.26 -7.05 -2.13
N VAL A 51 0.80 -6.70 -3.29
CA VAL A 51 1.99 -5.86 -3.37
C VAL A 51 1.93 -4.91 -4.55
N ILE A 52 2.44 -3.70 -4.36
CA ILE A 52 2.44 -2.70 -5.42
C ILE A 52 3.85 -2.19 -5.70
N THR A 53 3.99 -1.38 -6.74
CA THR A 53 5.29 -0.82 -7.10
C THR A 53 5.19 0.68 -7.36
N CYS A 54 6.22 1.41 -6.96
CA CYS A 54 6.25 2.86 -7.15
C CYS A 54 6.94 3.22 -8.47
N GLN A 55 6.26 4.03 -9.27
CA GLN A 55 6.81 4.45 -10.56
C GLN A 55 7.66 5.71 -10.40
N GLN A 56 8.23 6.16 -11.51
CA GLN A 56 9.08 7.36 -11.50
C GLN A 56 8.23 8.63 -11.53
N ASN A 57 6.93 8.45 -11.64
CA ASN A 57 6.00 9.58 -11.69
C ASN A 57 5.37 9.82 -10.31
N ASN A 58 6.09 9.42 -9.26
CA ASN A 58 5.60 9.59 -7.90
C ASN A 58 4.17 9.09 -7.76
N GLN A 59 3.91 7.91 -8.32
CA GLN A 59 2.58 7.32 -8.27
C GLN A 59 2.66 5.79 -8.36
N TRP A 60 1.79 5.11 -7.61
CA TRP A 60 1.77 3.65 -7.60
C TRP A 60 1.01 3.12 -8.82
N SER A 61 1.64 2.19 -9.53
CA SER A 61 1.03 1.59 -10.72
C SER A 61 -0.32 0.96 -10.37
N GLY A 62 -0.42 0.41 -9.17
CA GLY A 62 -1.66 -0.22 -8.75
C GLY A 62 -2.22 0.42 -7.49
N ASN A 63 -3.55 0.55 -7.45
CA ASN A 63 -4.21 1.16 -6.30
C ASN A 63 -4.10 0.26 -5.07
N LYS A 64 -4.05 0.89 -3.90
CA LYS A 64 -3.93 0.15 -2.64
C LYS A 64 -4.95 -0.98 -2.58
N PRO A 65 -4.57 -2.09 -1.94
CA PRO A 65 -5.43 -3.27 -1.80
C PRO A 65 -6.61 -3.01 -0.86
N SER A 66 -7.53 -3.98 -0.79
CA SER A 66 -8.70 -3.85 0.07
C SER A 66 -9.15 -5.22 0.56
N CYS A 67 -9.62 -5.27 1.81
CA CYS A 67 -10.09 -6.52 2.41
C CYS A 67 -11.60 -6.49 2.57
N SER A 68 -12.24 -7.59 2.19
CA SER A 68 -13.71 -7.70 2.29
C SER A 68 -14.21 -7.07 3.59
N GLY A 69 -15.46 -6.64 3.58
CA GLY A 69 -16.04 -6.02 4.75
C GLY A 69 -17.36 -5.33 4.46
N PRO A 70 -17.86 -4.57 5.44
CA PRO A 70 -19.13 -3.83 5.30
C PRO A 70 -19.02 -2.67 4.32
N SER A 71 -20.15 -2.29 3.73
CA SER A 71 -20.17 -1.19 2.77
C SER A 71 -20.14 0.16 3.48
N SER A 72 -19.00 0.49 4.07
CA SER A 72 -18.85 1.75 4.79
C SER A 72 -18.43 2.86 3.85
N GLY A 73 -19.35 3.78 3.58
CA GLY A 73 -19.06 4.89 2.69
C GLY A 73 -18.69 6.16 3.44
N GLY A 1 -6.31 26.97 -4.23
CA GLY A 1 -7.07 25.95 -3.52
C GLY A 1 -7.68 24.92 -4.47
N SER A 2 -6.87 24.45 -5.42
CA SER A 2 -7.33 23.47 -6.40
C SER A 2 -6.72 22.10 -6.12
N SER A 3 -7.23 21.08 -6.80
CA SER A 3 -6.74 19.72 -6.63
C SER A 3 -5.63 19.41 -7.64
N GLY A 4 -4.52 18.86 -7.15
CA GLY A 4 -3.41 18.53 -8.01
C GLY A 4 -2.37 19.63 -8.07
N SER A 5 -1.10 19.24 -8.13
CA SER A 5 0.00 20.20 -8.19
C SER A 5 0.84 20.00 -9.44
N SER A 6 1.47 21.07 -9.91
CA SER A 6 2.30 21.01 -11.10
C SER A 6 3.72 20.58 -10.75
N GLY A 7 3.90 19.29 -10.51
CA GLY A 7 5.21 18.77 -10.15
C GLY A 7 5.59 19.08 -8.72
N GLU A 8 5.97 18.04 -7.97
CA GLU A 8 6.35 18.19 -6.58
C GLU A 8 7.80 17.76 -6.37
N ILE A 9 8.38 18.19 -5.25
CA ILE A 9 9.76 17.84 -4.92
C ILE A 9 9.81 16.81 -3.80
N GLU A 10 9.46 15.57 -4.12
CA GLU A 10 9.47 14.49 -3.13
C GLU A 10 10.59 13.51 -3.41
N LYS A 11 11.80 13.85 -2.96
CA LYS A 11 12.96 12.99 -3.16
C LYS A 11 12.74 11.61 -2.54
N GLY A 12 12.28 10.66 -3.37
CA GLY A 12 12.03 9.32 -2.89
C GLY A 12 11.16 8.52 -3.83
N GLY A 13 10.42 7.56 -3.29
CA GLY A 13 9.56 6.73 -4.10
C GLY A 13 8.18 7.32 -4.27
N CYS A 14 7.16 6.58 -3.85
CA CYS A 14 5.78 7.04 -3.97
C CYS A 14 5.44 8.01 -2.84
N GLY A 15 5.25 7.48 -1.64
CA GLY A 15 4.93 8.32 -0.50
C GLY A 15 3.94 7.66 0.45
N ASP A 16 2.92 8.40 0.85
CA ASP A 16 1.90 7.88 1.75
C ASP A 16 0.57 7.70 1.02
N PRO A 17 0.46 6.58 0.28
CA PRO A 17 -0.76 6.25 -0.47
C PRO A 17 -1.92 5.90 0.43
N GLY A 18 -1.71 5.99 1.74
CA GLY A 18 -2.76 5.67 2.69
C GLY A 18 -2.74 4.21 3.11
N ILE A 19 -3.75 3.81 3.87
CA ILE A 19 -3.85 2.42 4.34
C ILE A 19 -5.09 1.74 3.77
N PRO A 20 -4.93 0.47 3.36
CA PRO A 20 -6.03 -0.32 2.79
C PRO A 20 -7.07 -0.69 3.83
N ALA A 21 -8.30 -0.20 3.63
CA ALA A 21 -9.39 -0.48 4.54
C ALA A 21 -9.33 -1.92 5.05
N TYR A 22 -9.45 -2.10 6.36
CA TYR A 22 -9.41 -3.42 6.96
C TYR A 22 -8.12 -4.15 6.60
N GLY A 23 -7.05 -3.38 6.39
CA GLY A 23 -5.77 -3.96 6.03
C GLY A 23 -4.61 -3.17 6.59
N LYS A 24 -3.57 -3.88 7.02
CA LYS A 24 -2.38 -3.23 7.57
C LYS A 24 -1.33 -3.00 6.50
N ARG A 25 -0.36 -2.15 6.79
CA ARG A 25 0.70 -1.84 5.83
C ARG A 25 2.07 -2.04 6.47
N THR A 26 2.99 -2.64 5.71
CA THR A 26 4.33 -2.89 6.19
C THR A 26 5.37 -2.09 5.41
N GLY A 27 6.52 -1.84 6.03
CA GLY A 27 7.57 -1.08 5.38
C GLY A 27 7.26 0.40 5.30
N SER A 28 7.84 1.17 6.21
CA SER A 28 7.61 2.61 6.25
C SER A 28 8.54 3.33 5.28
N SER A 29 8.89 2.66 4.19
CA SER A 29 9.78 3.23 3.19
C SER A 29 9.21 3.05 1.79
N PHE A 30 9.22 4.12 1.00
CA PHE A 30 8.71 4.08 -0.36
C PHE A 30 9.70 4.71 -1.34
N LEU A 31 10.36 3.87 -2.14
CA LEU A 31 11.34 4.34 -3.11
C LEU A 31 10.87 4.05 -4.53
N HIS A 32 11.59 4.60 -5.51
CA HIS A 32 11.25 4.39 -6.91
C HIS A 32 11.60 2.97 -7.35
N GLY A 33 10.70 2.03 -7.08
CA GLY A 33 10.93 0.65 -7.46
C GLY A 33 10.66 -0.32 -6.32
N ASP A 34 10.60 0.22 -5.10
CA ASP A 34 10.35 -0.61 -3.93
C ASP A 34 8.99 -1.29 -4.02
N THR A 35 8.75 -2.24 -3.13
CA THR A 35 7.49 -2.97 -3.11
C THR A 35 6.87 -2.98 -1.72
N LEU A 36 5.57 -2.71 -1.64
CA LEU A 36 4.87 -2.68 -0.37
C LEU A 36 4.05 -3.96 -0.17
N THR A 37 3.74 -4.26 1.09
CA THR A 37 2.97 -5.45 1.41
C THR A 37 1.78 -5.11 2.30
N PHE A 38 0.66 -5.80 2.08
CA PHE A 38 -0.55 -5.58 2.86
C PHE A 38 -1.23 -6.90 3.20
N GLU A 39 -1.80 -6.98 4.40
CA GLU A 39 -2.48 -8.18 4.85
C GLU A 39 -3.71 -7.83 5.70
N CYS A 40 -4.63 -8.78 5.81
CA CYS A 40 -5.84 -8.56 6.59
C CYS A 40 -6.21 -9.82 7.38
N PRO A 41 -6.95 -9.64 8.47
CA PRO A 41 -7.39 -10.74 9.34
C PRO A 41 -8.42 -11.63 8.66
N ALA A 42 -8.67 -12.80 9.25
CA ALA A 42 -9.64 -13.75 8.70
C ALA A 42 -10.98 -13.08 8.47
N ALA A 43 -11.26 -12.04 9.24
CA ALA A 43 -12.53 -11.31 9.12
C ALA A 43 -12.69 -10.74 7.71
N PHE A 44 -11.57 -10.43 7.07
CA PHE A 44 -11.59 -9.88 5.72
C PHE A 44 -10.45 -10.45 4.88
N GLU A 45 -10.81 -11.26 3.89
CA GLU A 45 -9.82 -11.88 3.01
C GLU A 45 -9.12 -10.82 2.16
N LEU A 46 -8.08 -11.23 1.46
CA LEU A 46 -7.32 -10.33 0.60
C LEU A 46 -7.92 -10.27 -0.80
N VAL A 47 -8.38 -9.09 -1.20
CA VAL A 47 -8.98 -8.90 -2.51
C VAL A 47 -8.31 -7.75 -3.26
N GLY A 48 -7.22 -8.07 -3.95
CA GLY A 48 -6.50 -7.05 -4.70
C GLY A 48 -5.01 -7.33 -4.76
N GLU A 49 -4.25 -6.37 -5.31
CA GLU A 49 -2.81 -6.52 -5.42
C GLU A 49 -2.14 -6.44 -4.06
N ARG A 50 -1.83 -7.59 -3.48
CA ARG A 50 -1.20 -7.66 -2.18
C ARG A 50 0.02 -6.74 -2.11
N VAL A 51 0.66 -6.53 -3.27
CA VAL A 51 1.83 -5.67 -3.35
C VAL A 51 1.80 -4.81 -4.60
N ILE A 52 2.37 -3.62 -4.52
CA ILE A 52 2.41 -2.70 -5.65
C ILE A 52 3.82 -2.18 -5.89
N THR A 53 4.01 -1.47 -7.00
CA THR A 53 5.31 -0.91 -7.34
C THR A 53 5.20 0.57 -7.69
N CYS A 54 6.25 1.32 -7.39
CA CYS A 54 6.27 2.76 -7.67
C CYS A 54 6.77 3.02 -9.08
N GLN A 55 6.43 4.20 -9.61
CA GLN A 55 6.86 4.57 -10.96
C GLN A 55 7.74 5.81 -10.93
N GLN A 56 8.11 6.29 -12.11
CA GLN A 56 8.97 7.47 -12.21
C GLN A 56 8.32 8.67 -11.53
N ASN A 57 7.04 8.91 -11.83
CA ASN A 57 6.31 10.02 -11.25
C ASN A 57 5.76 9.66 -9.88
N ASN A 58 6.61 9.04 -9.05
CA ASN A 58 6.20 8.65 -7.71
C ASN A 58 4.78 8.12 -7.70
N GLN A 59 4.35 7.57 -8.83
CA GLN A 59 3.00 7.03 -8.96
C GLN A 59 2.98 5.54 -8.66
N TRP A 60 1.91 5.07 -8.02
CA TRP A 60 1.77 3.67 -7.68
C TRP A 60 1.15 2.88 -8.83
N SER A 61 1.95 2.02 -9.45
CA SER A 61 1.49 1.21 -10.57
C SER A 61 0.13 0.59 -10.27
N GLY A 62 -0.19 0.49 -8.99
CA GLY A 62 -1.46 -0.08 -8.58
C GLY A 62 -2.04 0.59 -7.34
N ASN A 63 -3.35 0.48 -7.17
CA ASN A 63 -4.03 1.09 -6.03
C ASN A 63 -4.07 0.13 -4.86
N LYS A 64 -3.87 0.66 -3.65
CA LYS A 64 -3.89 -0.15 -2.44
C LYS A 64 -4.94 -1.26 -2.54
N PRO A 65 -4.63 -2.42 -1.95
CA PRO A 65 -5.53 -3.58 -1.96
C PRO A 65 -6.77 -3.36 -1.11
N SER A 66 -7.70 -4.31 -1.17
CA SER A 66 -8.93 -4.21 -0.40
C SER A 66 -9.34 -5.58 0.14
N CYS A 67 -9.77 -5.60 1.41
CA CYS A 67 -10.19 -6.84 2.05
C CYS A 67 -11.64 -6.76 2.49
N SER A 68 -12.44 -7.73 2.06
CA SER A 68 -13.86 -7.78 2.41
C SER A 68 -14.20 -9.06 3.15
N GLY A 69 -14.21 -10.18 2.41
CA GLY A 69 -14.52 -11.46 3.02
C GLY A 69 -15.40 -12.31 2.13
N PRO A 70 -16.71 -12.06 2.17
CA PRO A 70 -17.69 -12.81 1.37
C PRO A 70 -17.57 -12.50 -0.12
N SER A 71 -17.03 -13.45 -0.88
CA SER A 71 -16.86 -13.28 -2.32
C SER A 71 -17.57 -14.38 -3.08
N SER A 72 -17.70 -14.20 -4.39
CA SER A 72 -18.36 -15.19 -5.25
C SER A 72 -19.63 -15.70 -4.58
N GLY A 73 -20.44 -14.79 -4.05
CA GLY A 73 -21.66 -15.17 -3.39
C GLY A 73 -22.90 -14.75 -4.18
N GLY A 1 -7.40 2.98 15.09
CA GLY A 1 -8.46 3.63 14.36
C GLY A 1 -7.94 4.73 13.45
N SER A 2 -7.08 5.58 13.99
CA SER A 2 -6.51 6.68 13.22
C SER A 2 -4.99 6.68 13.31
N SER A 3 -4.40 5.49 13.31
CA SER A 3 -2.96 5.35 13.39
C SER A 3 -2.27 6.18 12.31
N GLY A 4 -1.43 7.12 12.73
CA GLY A 4 -0.73 7.96 11.79
C GLY A 4 -0.54 9.38 12.30
N SER A 5 0.27 10.16 11.60
CA SER A 5 0.54 11.54 12.00
C SER A 5 0.18 12.50 10.86
N SER A 6 0.25 13.79 11.16
CA SER A 6 -0.06 14.82 10.17
C SER A 6 1.21 15.53 9.71
N GLY A 7 2.10 14.80 9.06
CA GLY A 7 3.33 15.38 8.59
C GLY A 7 4.16 14.39 7.78
N GLU A 8 5.47 14.39 8.00
CA GLU A 8 6.37 13.49 7.29
C GLU A 8 6.24 13.69 5.78
N ILE A 9 5.95 14.92 5.37
CA ILE A 9 5.81 15.24 3.95
C ILE A 9 7.12 15.74 3.37
N GLU A 10 7.67 14.97 2.43
CA GLU A 10 8.93 15.34 1.79
C GLU A 10 8.85 15.14 0.28
N LYS A 11 9.53 16.00 -0.46
CA LYS A 11 9.54 15.92 -1.92
C LYS A 11 10.68 15.04 -2.41
N GLY A 12 10.34 13.96 -3.11
CA GLY A 12 11.34 13.05 -3.64
C GLY A 12 10.94 11.60 -3.49
N GLY A 13 9.76 11.26 -4.00
CA GLY A 13 9.27 9.90 -3.92
C GLY A 13 7.76 9.82 -3.94
N CYS A 14 7.22 8.68 -3.53
CA CYS A 14 5.78 8.48 -3.51
C CYS A 14 5.29 8.17 -2.09
N GLY A 15 6.23 8.08 -1.16
CA GLY A 15 5.88 7.80 0.22
C GLY A 15 4.94 6.61 0.35
N ASP A 16 4.15 6.60 1.41
CA ASP A 16 3.20 5.52 1.65
C ASP A 16 2.00 5.63 0.72
N PRO A 17 1.49 4.47 0.28
CA PRO A 17 0.33 4.41 -0.62
C PRO A 17 -0.96 4.83 0.06
N GLY A 18 -1.21 4.26 1.24
CA GLY A 18 -2.42 4.59 1.97
C GLY A 18 -3.06 3.38 2.62
N ILE A 19 -3.55 3.55 3.84
CA ILE A 19 -4.19 2.45 4.56
C ILE A 19 -5.66 2.31 4.16
N PRO A 20 -6.10 1.06 4.00
CA PRO A 20 -7.48 0.76 3.62
C PRO A 20 -8.48 1.07 4.74
N ALA A 21 -9.69 0.55 4.62
CA ALA A 21 -10.72 0.77 5.63
C ALA A 21 -10.67 -0.30 6.71
N TYR A 22 -10.53 0.14 7.96
CA TYR A 22 -10.47 -0.78 9.09
C TYR A 22 -9.49 -1.91 8.81
N GLY A 23 -8.37 -1.58 8.19
CA GLY A 23 -7.36 -2.58 7.87
C GLY A 23 -5.99 -2.21 8.40
N LYS A 24 -4.95 -2.81 7.83
CA LYS A 24 -3.59 -2.54 8.25
C LYS A 24 -2.64 -2.51 7.05
N ARG A 25 -1.40 -2.10 7.29
CA ARG A 25 -0.40 -2.03 6.23
C ARG A 25 1.01 -2.04 6.82
N THR A 26 1.99 -2.34 5.97
CA THR A 26 3.38 -2.39 6.41
C THR A 26 4.28 -1.65 5.43
N GLY A 27 5.35 -1.05 5.95
CA GLY A 27 6.28 -0.31 5.11
C GLY A 27 6.45 1.13 5.56
N SER A 28 7.68 1.62 5.50
CA SER A 28 7.98 2.99 5.90
C SER A 28 8.71 3.74 4.80
N SER A 29 9.61 3.03 4.11
CA SER A 29 10.38 3.63 3.03
C SER A 29 9.71 3.40 1.67
N PHE A 30 9.50 4.47 0.93
CA PHE A 30 8.87 4.39 -0.38
C PHE A 30 9.60 5.25 -1.40
N LEU A 31 10.34 4.61 -2.30
CA LEU A 31 11.09 5.31 -3.33
C LEU A 31 10.56 4.98 -4.72
N HIS A 32 11.06 5.68 -5.72
CA HIS A 32 10.64 5.46 -7.10
C HIS A 32 11.04 4.06 -7.56
N GLY A 33 10.32 3.05 -7.08
CA GLY A 33 10.61 1.68 -7.45
C GLY A 33 10.69 0.75 -6.26
N ASP A 34 9.80 0.95 -5.30
CA ASP A 34 9.76 0.12 -4.10
C ASP A 34 8.52 -0.77 -4.09
N THR A 35 8.49 -1.72 -3.15
CA THR A 35 7.36 -2.64 -3.03
C THR A 35 6.87 -2.71 -1.60
N LEU A 36 5.56 -2.91 -1.44
CA LEU A 36 4.96 -3.00 -0.11
C LEU A 36 4.08 -4.24 0.00
N THR A 37 3.57 -4.50 1.20
CA THR A 37 2.72 -5.65 1.44
C THR A 37 1.46 -5.25 2.19
N PHE A 38 0.36 -5.97 1.93
CA PHE A 38 -0.91 -5.68 2.58
C PHE A 38 -1.59 -6.97 3.04
N GLU A 39 -2.37 -6.87 4.10
CA GLU A 39 -3.07 -8.04 4.65
C GLU A 39 -4.25 -7.60 5.52
N CYS A 40 -5.13 -8.55 5.83
CA CYS A 40 -6.29 -8.27 6.66
C CYS A 40 -6.12 -8.87 8.05
N PRO A 41 -6.79 -8.25 9.05
CA PRO A 41 -6.73 -8.70 10.43
C PRO A 41 -7.46 -10.01 10.65
N ALA A 42 -6.95 -11.08 10.04
CA ALA A 42 -7.55 -12.40 10.15
C ALA A 42 -9.07 -12.30 10.26
N ALA A 43 -9.65 -11.39 9.48
CA ALA A 43 -11.10 -11.19 9.49
C ALA A 43 -11.64 -11.13 8.07
N PHE A 44 -10.91 -10.45 7.19
CA PHE A 44 -11.32 -10.30 5.79
C PHE A 44 -10.36 -11.03 4.87
N GLU A 45 -10.72 -11.11 3.59
CA GLU A 45 -9.89 -11.79 2.60
C GLU A 45 -9.24 -10.77 1.65
N LEU A 46 -7.95 -10.93 1.43
CA LEU A 46 -7.21 -10.04 0.55
C LEU A 46 -7.90 -9.90 -0.80
N VAL A 47 -8.35 -8.70 -1.12
CA VAL A 47 -9.03 -8.45 -2.39
C VAL A 47 -8.28 -7.41 -3.22
N GLY A 48 -7.14 -7.82 -3.77
CA GLY A 48 -6.34 -6.90 -4.58
C GLY A 48 -4.89 -7.31 -4.62
N GLU A 49 -4.05 -6.41 -5.13
CA GLU A 49 -2.62 -6.67 -5.23
C GLU A 49 -1.95 -6.64 -3.86
N ARG A 50 -1.46 -7.79 -3.40
CA ARG A 50 -0.81 -7.88 -2.11
C ARG A 50 0.40 -6.94 -2.04
N VAL A 51 1.05 -6.73 -3.17
CA VAL A 51 2.21 -5.85 -3.24
C VAL A 51 2.21 -5.03 -4.52
N ILE A 52 2.44 -3.73 -4.38
CA ILE A 52 2.47 -2.84 -5.53
C ILE A 52 3.85 -2.21 -5.72
N THR A 53 4.11 -1.70 -6.91
CA THR A 53 5.39 -1.07 -7.21
C THR A 53 5.21 0.37 -7.67
N CYS A 54 6.07 1.26 -7.18
CA CYS A 54 6.00 2.67 -7.54
C CYS A 54 6.90 2.97 -8.73
N GLN A 55 6.40 3.79 -9.65
CA GLN A 55 7.16 4.15 -10.84
C GLN A 55 7.96 5.43 -10.59
N GLN A 56 8.65 5.90 -11.63
CA GLN A 56 9.47 7.10 -11.53
C GLN A 56 8.59 8.35 -11.66
N ASN A 57 7.28 8.16 -11.62
CA ASN A 57 6.34 9.27 -11.73
C ASN A 57 5.61 9.50 -10.40
N ASN A 58 6.34 9.36 -9.30
CA ASN A 58 5.76 9.56 -7.97
C ASN A 58 4.34 9.01 -7.92
N GLN A 59 4.16 7.79 -8.37
CA GLN A 59 2.84 7.15 -8.38
C GLN A 59 2.97 5.63 -8.44
N TRP A 60 1.97 4.94 -7.92
CA TRP A 60 1.96 3.49 -7.91
C TRP A 60 1.21 2.94 -9.12
N SER A 61 1.63 1.76 -9.58
CA SER A 61 1.01 1.13 -10.74
C SER A 61 -0.27 0.39 -10.33
N GLY A 62 -0.31 -0.05 -9.08
CA GLY A 62 -1.47 -0.76 -8.58
C GLY A 62 -2.18 -0.02 -7.47
N ASN A 63 -3.49 0.10 -7.59
CA ASN A 63 -4.29 0.80 -6.59
C ASN A 63 -4.34 0.01 -5.29
N LYS A 64 -4.60 0.71 -4.18
CA LYS A 64 -4.68 0.09 -2.87
C LYS A 64 -5.60 -1.13 -2.90
N PRO A 65 -5.25 -2.16 -2.13
CA PRO A 65 -6.02 -3.40 -2.04
C PRO A 65 -7.36 -3.20 -1.35
N SER A 66 -7.99 -4.30 -0.94
CA SER A 66 -9.27 -4.24 -0.26
C SER A 66 -9.47 -5.45 0.65
N CYS A 67 -10.02 -5.22 1.84
CA CYS A 67 -10.26 -6.29 2.79
C CYS A 67 -11.75 -6.59 2.90
N SER A 68 -12.16 -7.77 2.40
CA SER A 68 -13.56 -8.17 2.45
C SER A 68 -13.67 -9.68 2.55
N GLY A 69 -14.65 -10.15 3.33
CA GLY A 69 -14.85 -11.58 3.49
C GLY A 69 -14.92 -12.31 2.17
N PRO A 70 -16.02 -12.09 1.44
CA PRO A 70 -16.24 -12.73 0.13
C PRO A 70 -15.30 -12.20 -0.93
N SER A 71 -15.52 -12.63 -2.18
CA SER A 71 -14.69 -12.19 -3.30
C SER A 71 -15.50 -11.36 -4.29
N SER A 72 -16.61 -11.93 -4.76
CA SER A 72 -17.47 -11.26 -5.72
C SER A 72 -18.43 -10.30 -5.00
N GLY A 73 -17.87 -9.25 -4.41
CA GLY A 73 -18.68 -8.28 -3.70
C GLY A 73 -19.66 -7.57 -4.62
N GLY A 1 4.83 12.95 21.11
CA GLY A 1 5.37 14.15 21.72
C GLY A 1 5.63 15.26 20.71
N SER A 2 5.13 15.07 19.50
CA SER A 2 5.32 16.05 18.44
C SER A 2 4.02 16.28 17.67
N SER A 3 3.43 17.46 17.84
CA SER A 3 2.18 17.79 17.17
C SER A 3 2.46 18.43 15.81
N GLY A 4 1.39 18.60 15.02
CA GLY A 4 1.55 19.20 13.70
C GLY A 4 2.46 18.39 12.79
N SER A 5 2.22 17.09 12.73
CA SER A 5 3.03 16.20 11.90
C SER A 5 3.03 16.67 10.44
N SER A 6 4.21 16.90 9.90
CA SER A 6 4.35 17.35 8.51
C SER A 6 4.13 16.20 7.54
N GLY A 7 3.45 16.48 6.44
CA GLY A 7 3.19 15.46 5.45
C GLY A 7 3.70 15.84 4.08
N GLU A 8 4.97 15.53 3.81
CA GLU A 8 5.59 15.84 2.52
C GLU A 8 6.16 14.59 1.88
N ILE A 9 6.71 14.75 0.67
CA ILE A 9 7.29 13.62 -0.06
C ILE A 9 8.61 13.20 0.57
N GLU A 10 9.19 12.13 0.03
CA GLU A 10 10.46 11.62 0.53
C GLU A 10 11.51 11.57 -0.57
N LYS A 11 12.77 11.42 -0.18
CA LYS A 11 13.87 11.36 -1.13
C LYS A 11 13.67 10.22 -2.13
N GLY A 12 13.06 10.54 -3.27
CA GLY A 12 12.82 9.54 -4.28
C GLY A 12 11.74 8.56 -3.88
N GLY A 13 10.90 8.17 -4.84
CA GLY A 13 9.83 7.23 -4.55
C GLY A 13 8.47 7.90 -4.48
N CYS A 14 7.44 7.13 -4.14
CA CYS A 14 6.09 7.66 -4.04
C CYS A 14 5.91 8.46 -2.75
N GLY A 15 5.98 7.76 -1.61
CA GLY A 15 5.81 8.42 -0.33
C GLY A 15 4.66 7.87 0.46
N ASP A 16 3.63 8.70 0.67
CA ASP A 16 2.45 8.29 1.42
C ASP A 16 1.25 8.10 0.49
N PRO A 17 1.19 6.94 -0.18
CA PRO A 17 0.10 6.62 -1.10
C PRO A 17 -1.21 6.38 -0.38
N GLY A 18 -1.14 6.05 0.90
CA GLY A 18 -2.33 5.80 1.68
C GLY A 18 -2.36 4.40 2.28
N ILE A 19 -3.23 4.19 3.25
CA ILE A 19 -3.36 2.89 3.91
C ILE A 19 -4.81 2.45 3.98
N PRO A 20 -5.05 1.16 3.71
CA PRO A 20 -6.39 0.58 3.75
C PRO A 20 -6.96 0.50 5.16
N ALA A 21 -8.22 0.89 5.31
CA ALA A 21 -8.87 0.86 6.61
C ALA A 21 -9.53 -0.48 6.87
N TYR A 22 -9.05 -1.50 6.16
CA TYR A 22 -9.59 -2.85 6.31
C TYR A 22 -8.57 -3.79 6.94
N GLY A 23 -7.29 -3.48 6.72
CA GLY A 23 -6.22 -4.30 7.27
C GLY A 23 -5.06 -3.48 7.78
N LYS A 24 -3.84 -3.92 7.47
CA LYS A 24 -2.64 -3.23 7.90
C LYS A 24 -1.60 -3.18 6.79
N ARG A 25 -0.61 -2.33 6.93
CA ARG A 25 0.45 -2.19 5.94
C ARG A 25 1.77 -2.73 6.47
N THR A 26 2.66 -3.12 5.56
CA THR A 26 3.96 -3.65 5.94
C THR A 26 5.10 -2.88 5.28
N GLY A 27 5.45 -1.74 5.87
CA GLY A 27 6.52 -0.93 5.32
C GLY A 27 6.46 0.51 5.83
N SER A 28 7.64 1.11 5.99
CA SER A 28 7.72 2.48 6.47
C SER A 28 8.47 3.37 5.48
N SER A 29 9.19 2.73 4.55
CA SER A 29 9.97 3.44 3.55
C SER A 29 9.33 3.30 2.17
N PHE A 30 9.37 4.38 1.39
CA PHE A 30 8.80 4.37 0.05
C PHE A 30 9.78 4.97 -0.95
N LEU A 31 10.37 4.12 -1.78
CA LEU A 31 11.33 4.56 -2.78
C LEU A 31 10.80 4.30 -4.19
N HIS A 32 11.45 4.89 -5.19
CA HIS A 32 11.05 4.71 -6.58
C HIS A 32 11.37 3.30 -7.06
N GLY A 33 10.47 2.37 -6.77
CA GLY A 33 10.68 0.99 -7.19
C GLY A 33 10.43 0.00 -6.06
N ASP A 34 10.35 0.52 -4.84
CA ASP A 34 10.12 -0.32 -3.67
C ASP A 34 8.77 -1.03 -3.75
N THR A 35 8.58 -2.06 -2.93
CA THR A 35 7.34 -2.80 -2.93
C THR A 35 6.78 -2.94 -1.51
N LEU A 36 5.57 -2.48 -1.30
CA LEU A 36 4.91 -2.55 0.00
C LEU A 36 3.94 -3.72 0.07
N THR A 37 4.18 -4.62 1.02
CA THR A 37 3.32 -5.78 1.19
C THR A 37 2.19 -5.49 2.16
N PHE A 38 1.06 -6.18 1.99
CA PHE A 38 -0.10 -5.98 2.85
C PHE A 38 -0.54 -7.31 3.46
N GLU A 39 -1.50 -7.24 4.38
CA GLU A 39 -2.01 -8.45 5.03
C GLU A 39 -3.34 -8.16 5.72
N CYS A 40 -4.34 -8.98 5.42
CA CYS A 40 -5.67 -8.82 6.00
C CYS A 40 -5.93 -9.88 7.06
N PRO A 41 -6.68 -9.51 8.11
CA PRO A 41 -7.02 -10.42 9.21
C PRO A 41 -7.99 -11.50 8.78
N ALA A 42 -8.22 -12.46 9.67
CA ALA A 42 -9.14 -13.57 9.38
C ALA A 42 -10.52 -13.04 9.02
N ALA A 43 -11.39 -13.94 8.55
CA ALA A 43 -12.75 -13.58 8.18
C ALA A 43 -12.74 -12.57 7.03
N PHE A 44 -11.70 -12.62 6.20
CA PHE A 44 -11.58 -11.72 5.07
C PHE A 44 -10.72 -12.33 3.97
N GLU A 45 -11.06 -12.05 2.72
CA GLU A 45 -10.33 -12.57 1.58
C GLU A 45 -9.72 -11.44 0.76
N LEU A 46 -8.39 -11.46 0.62
CA LEU A 46 -7.69 -10.43 -0.14
C LEU A 46 -8.42 -10.13 -1.44
N VAL A 47 -8.75 -8.85 -1.64
CA VAL A 47 -9.45 -8.43 -2.84
C VAL A 47 -8.64 -7.39 -3.61
N GLY A 48 -7.43 -7.78 -4.03
CA GLY A 48 -6.57 -6.89 -4.78
C GLY A 48 -5.12 -7.31 -4.73
N GLU A 49 -4.23 -6.38 -5.07
CA GLU A 49 -2.80 -6.67 -5.07
C GLU A 49 -2.19 -6.44 -3.70
N ARG A 50 -1.68 -7.50 -3.09
CA ARG A 50 -1.07 -7.40 -1.76
C ARG A 50 0.28 -6.71 -1.84
N VAL A 51 0.66 -6.28 -3.03
CA VAL A 51 1.94 -5.60 -3.24
C VAL A 51 1.89 -4.70 -4.48
N ILE A 52 2.22 -3.44 -4.29
CA ILE A 52 2.23 -2.48 -5.39
C ILE A 52 3.63 -1.97 -5.68
N THR A 53 3.83 -1.44 -6.89
CA THR A 53 5.13 -0.91 -7.29
C THR A 53 5.04 0.55 -7.68
N CYS A 54 5.95 1.36 -7.16
CA CYS A 54 5.97 2.79 -7.48
C CYS A 54 6.68 3.05 -8.80
N GLN A 55 5.96 3.70 -9.72
CA GLN A 55 6.52 4.01 -11.03
C GLN A 55 7.54 5.15 -10.93
N GLN A 56 8.14 5.49 -12.07
CA GLN A 56 9.13 6.56 -12.12
C GLN A 56 8.45 7.92 -12.19
N ASN A 57 7.16 7.95 -11.87
CA ASN A 57 6.40 9.21 -11.90
C ASN A 57 5.82 9.51 -10.52
N ASN A 58 6.53 9.12 -9.48
CA ASN A 58 6.08 9.36 -8.11
C ASN A 58 4.64 8.89 -7.92
N GLN A 59 4.28 7.80 -8.58
CA GLN A 59 2.93 7.26 -8.49
C GLN A 59 2.93 5.75 -8.69
N TRP A 60 2.11 5.05 -7.92
CA TRP A 60 2.01 3.60 -8.01
C TRP A 60 1.18 3.18 -9.21
N SER A 61 1.26 1.91 -9.56
CA SER A 61 0.51 1.37 -10.70
C SER A 61 -0.61 0.44 -10.24
N GLY A 62 -0.86 0.44 -8.94
CA GLY A 62 -1.90 -0.41 -8.39
C GLY A 62 -2.50 0.17 -7.11
N ASN A 63 -3.83 0.13 -7.02
CA ASN A 63 -4.53 0.65 -5.84
C ASN A 63 -4.25 -0.22 -4.63
N LYS A 64 -4.55 0.32 -3.44
CA LYS A 64 -4.33 -0.41 -2.20
C LYS A 64 -5.24 -1.63 -2.12
N PRO A 65 -4.71 -2.71 -1.53
CA PRO A 65 -5.46 -3.97 -1.37
C PRO A 65 -6.59 -3.85 -0.37
N SER A 66 -7.79 -4.23 -0.79
CA SER A 66 -8.97 -4.16 0.06
C SER A 66 -9.31 -5.53 0.63
N CYS A 67 -9.74 -5.56 1.88
CA CYS A 67 -10.10 -6.81 2.54
C CYS A 67 -11.61 -6.89 2.80
N SER A 68 -12.21 -8.00 2.41
CA SER A 68 -13.64 -8.20 2.58
C SER A 68 -14.01 -9.66 2.43
N GLY A 69 -15.10 -10.07 3.09
CA GLY A 69 -15.55 -11.45 3.02
C GLY A 69 -16.72 -11.64 2.09
N PRO A 70 -16.91 -12.88 1.62
CA PRO A 70 -18.00 -13.21 0.69
C PRO A 70 -19.37 -13.16 1.37
N SER A 71 -19.44 -13.69 2.58
CA SER A 71 -20.69 -13.70 3.33
C SER A 71 -21.09 -12.29 3.76
N SER A 72 -22.35 -12.12 4.14
CA SER A 72 -22.86 -10.83 4.56
C SER A 72 -22.10 -10.32 5.78
N GLY A 73 -21.64 -9.07 5.71
CA GLY A 73 -20.91 -8.48 6.81
C GLY A 73 -21.82 -7.96 7.91
N GLY A 1 -7.21 13.47 5.34
CA GLY A 1 -7.29 12.55 4.22
C GLY A 1 -6.00 12.46 3.45
N SER A 2 -5.84 13.33 2.46
CA SER A 2 -4.64 13.34 1.63
C SER A 2 -3.53 14.16 2.29
N SER A 3 -3.89 15.35 2.74
CA SER A 3 -2.93 16.24 3.39
C SER A 3 -2.70 15.83 4.84
N GLY A 4 -1.49 15.36 5.13
CA GLY A 4 -1.17 14.94 6.49
C GLY A 4 0.33 14.87 6.73
N SER A 5 1.05 15.85 6.18
CA SER A 5 2.50 15.90 6.33
C SER A 5 2.90 16.95 7.36
N SER A 6 3.35 16.49 8.53
CA SER A 6 3.76 17.40 9.59
C SER A 6 5.24 17.71 9.50
N GLY A 7 6.07 16.67 9.57
CA GLY A 7 7.51 16.86 9.49
C GLY A 7 8.02 16.80 8.07
N GLU A 8 9.34 16.86 7.91
CA GLU A 8 9.95 16.83 6.59
C GLU A 8 9.30 15.76 5.72
N ILE A 9 9.33 15.96 4.41
CA ILE A 9 8.75 15.01 3.47
C ILE A 9 9.84 14.23 2.74
N GLU A 10 9.71 12.91 2.76
CA GLU A 10 10.69 12.05 2.10
C GLU A 10 10.72 12.31 0.59
N LYS A 11 11.90 12.27 0.01
CA LYS A 11 12.06 12.50 -1.42
C LYS A 11 12.52 11.23 -2.13
N GLY A 12 12.16 11.10 -3.41
CA GLY A 12 12.56 9.93 -4.17
C GLY A 12 11.75 8.70 -3.80
N GLY A 13 10.78 8.35 -4.64
CA GLY A 13 9.95 7.20 -4.37
C GLY A 13 8.50 7.43 -4.74
N CYS A 14 7.60 7.14 -3.81
CA CYS A 14 6.17 7.32 -4.04
C CYS A 14 5.63 8.51 -3.24
N GLY A 15 5.57 8.35 -1.93
CA GLY A 15 5.07 9.42 -1.08
C GLY A 15 4.17 8.91 0.03
N ASP A 16 2.88 8.86 -0.24
CA ASP A 16 1.91 8.40 0.75
C ASP A 16 0.68 7.81 0.06
N PRO A 17 0.79 6.55 -0.39
CA PRO A 17 -0.31 5.85 -1.08
C PRO A 17 -1.45 5.50 -0.13
N GLY A 18 -1.32 5.92 1.13
CA GLY A 18 -2.34 5.64 2.11
C GLY A 18 -2.33 4.20 2.57
N ILE A 19 -3.01 3.92 3.68
CA ILE A 19 -3.07 2.57 4.22
C ILE A 19 -4.49 2.21 4.64
N PRO A 20 -4.89 0.97 4.34
CA PRO A 20 -6.24 0.47 4.66
C PRO A 20 -6.43 0.27 6.17
N ALA A 21 -7.61 0.60 6.65
CA ALA A 21 -7.92 0.46 8.07
C ALA A 21 -8.46 -0.94 8.37
N TYR A 22 -8.12 -1.90 7.52
CA TYR A 22 -8.57 -3.28 7.70
C TYR A 22 -7.47 -4.12 8.31
N GLY A 23 -6.28 -4.09 7.70
CA GLY A 23 -5.16 -4.86 8.21
C GLY A 23 -3.97 -3.99 8.57
N LYS A 24 -2.78 -4.40 8.13
CA LYS A 24 -1.57 -3.65 8.41
C LYS A 24 -0.59 -3.74 7.24
N ARG A 25 0.04 -2.62 6.91
CA ARG A 25 0.99 -2.58 5.81
C ARG A 25 2.43 -2.61 6.34
N THR A 26 3.31 -3.32 5.64
CA THR A 26 4.70 -3.42 6.03
C THR A 26 5.57 -2.44 5.25
N GLY A 27 6.49 -1.79 5.96
CA GLY A 27 7.38 -0.83 5.31
C GLY A 27 6.87 0.60 5.43
N SER A 28 7.72 1.47 5.94
CA SER A 28 7.35 2.88 6.12
C SER A 28 8.09 3.76 5.11
N SER A 29 9.10 3.18 4.46
CA SER A 29 9.89 3.92 3.48
C SER A 29 9.36 3.68 2.06
N PHE A 30 9.37 4.73 1.25
CA PHE A 30 8.89 4.63 -0.13
C PHE A 30 9.93 5.16 -1.10
N LEU A 31 10.56 4.25 -1.83
CA LEU A 31 11.59 4.61 -2.81
C LEU A 31 11.14 4.26 -4.22
N HIS A 32 11.90 4.73 -5.21
CA HIS A 32 11.59 4.47 -6.61
C HIS A 32 11.93 3.02 -6.97
N GLY A 33 11.05 2.10 -6.58
CA GLY A 33 11.28 0.70 -6.88
C GLY A 33 10.90 -0.21 -5.72
N ASP A 34 10.56 0.39 -4.59
CA ASP A 34 10.18 -0.36 -3.40
C ASP A 34 8.85 -1.07 -3.63
N THR A 35 8.53 -2.01 -2.73
CA THR A 35 7.29 -2.77 -2.84
C THR A 35 6.59 -2.85 -1.48
N LEU A 36 5.32 -2.47 -1.45
CA LEU A 36 4.53 -2.51 -0.22
C LEU A 36 3.61 -3.72 -0.20
N THR A 37 3.70 -4.52 0.86
CA THR A 37 2.86 -5.71 1.00
C THR A 37 1.72 -5.46 1.98
N PHE A 38 0.67 -6.28 1.87
CA PHE A 38 -0.49 -6.15 2.75
C PHE A 38 -1.04 -7.52 3.12
N GLU A 39 -1.79 -7.57 4.22
CA GLU A 39 -2.38 -8.82 4.68
C GLU A 39 -3.75 -8.57 5.32
N CYS A 40 -4.49 -9.65 5.54
CA CYS A 40 -5.81 -9.55 6.14
C CYS A 40 -6.12 -10.79 6.98
N PRO A 41 -6.98 -10.63 7.99
CA PRO A 41 -7.38 -11.73 8.88
C PRO A 41 -8.26 -12.75 8.17
N ALA A 42 -8.51 -13.87 8.85
CA ALA A 42 -9.33 -14.94 8.28
C ALA A 42 -10.76 -14.46 8.05
N ALA A 43 -11.17 -13.45 8.82
CA ALA A 43 -12.51 -12.90 8.72
C ALA A 43 -12.75 -12.30 7.33
N PHE A 44 -11.66 -12.08 6.60
CA PHE A 44 -11.75 -11.51 5.25
C PHE A 44 -10.64 -12.05 4.36
N GLU A 45 -10.81 -11.89 3.05
CA GLU A 45 -9.82 -12.37 2.08
C GLU A 45 -9.15 -11.20 1.37
N LEU A 46 -8.03 -11.48 0.72
CA LEU A 46 -7.29 -10.45 -0.01
C LEU A 46 -8.02 -10.06 -1.29
N VAL A 47 -8.45 -8.81 -1.35
CA VAL A 47 -9.17 -8.30 -2.53
C VAL A 47 -8.40 -7.14 -3.18
N GLY A 48 -7.28 -7.46 -3.81
CA GLY A 48 -6.48 -6.44 -4.46
C GLY A 48 -5.04 -6.88 -4.69
N GLU A 49 -4.25 -6.01 -5.27
CA GLU A 49 -2.84 -6.31 -5.55
C GLU A 49 -2.07 -6.51 -4.25
N ARG A 50 -1.96 -7.75 -3.81
CA ARG A 50 -1.25 -8.07 -2.58
C ARG A 50 -0.04 -7.15 -2.40
N VAL A 51 0.61 -6.82 -3.51
CA VAL A 51 1.78 -5.95 -3.46
C VAL A 51 1.86 -5.07 -4.71
N ILE A 52 2.05 -3.78 -4.51
CA ILE A 52 2.15 -2.85 -5.63
C ILE A 52 3.60 -2.41 -5.85
N THR A 53 3.83 -1.70 -6.96
CA THR A 53 5.17 -1.22 -7.29
C THR A 53 5.17 0.28 -7.55
N CYS A 54 6.29 0.92 -7.29
CA CYS A 54 6.42 2.36 -7.49
C CYS A 54 7.00 2.66 -8.87
N GLN A 55 6.38 3.60 -9.57
CA GLN A 55 6.83 3.98 -10.91
C GLN A 55 7.74 5.20 -10.85
N GLN A 56 8.29 5.59 -12.00
CA GLN A 56 9.19 6.73 -12.08
C GLN A 56 8.40 8.03 -12.22
N ASN A 57 7.16 8.01 -11.76
CA ASN A 57 6.29 9.19 -11.84
C ASN A 57 5.60 9.45 -10.50
N ASN A 58 6.27 9.08 -9.42
CA ASN A 58 5.72 9.26 -8.07
C ASN A 58 4.26 8.83 -8.02
N GLN A 59 3.99 7.61 -8.47
CA GLN A 59 2.64 7.07 -8.48
C GLN A 59 2.65 5.55 -8.65
N TRP A 60 2.17 4.84 -7.65
CA TRP A 60 2.12 3.38 -7.69
C TRP A 60 1.34 2.89 -8.90
N SER A 61 1.50 1.62 -9.22
CA SER A 61 0.81 1.02 -10.37
C SER A 61 -0.53 0.45 -9.96
N GLY A 62 -0.92 0.68 -8.70
CA GLY A 62 -2.18 0.18 -8.22
C GLY A 62 -2.55 0.76 -6.86
N ASN A 63 -3.82 1.10 -6.68
CA ASN A 63 -4.29 1.65 -5.42
C ASN A 63 -4.22 0.63 -4.30
N LYS A 64 -4.04 1.10 -3.07
CA LYS A 64 -3.96 0.22 -1.91
C LYS A 64 -4.98 -0.90 -2.01
N PRO A 65 -4.60 -2.09 -1.52
CA PRO A 65 -5.48 -3.27 -1.54
C PRO A 65 -6.66 -3.13 -0.57
N SER A 66 -7.48 -4.17 -0.50
CA SER A 66 -8.64 -4.17 0.38
C SER A 66 -9.00 -5.59 0.81
N CYS A 67 -9.62 -5.71 1.98
CA CYS A 67 -10.02 -7.00 2.50
C CYS A 67 -11.50 -7.03 2.82
N SER A 68 -12.24 -7.94 2.17
CA SER A 68 -13.67 -8.06 2.39
C SER A 68 -14.09 -9.53 2.43
N GLY A 69 -15.31 -9.77 2.89
CA GLY A 69 -15.82 -11.13 2.97
C GLY A 69 -17.28 -11.23 2.58
N PRO A 70 -17.69 -12.42 2.10
CA PRO A 70 -19.06 -12.67 1.69
C PRO A 70 -20.03 -12.71 2.87
N SER A 71 -20.68 -11.57 3.13
CA SER A 71 -21.63 -11.48 4.23
C SER A 71 -22.97 -12.09 3.85
N SER A 72 -22.98 -13.41 3.66
CA SER A 72 -24.20 -14.12 3.29
C SER A 72 -24.87 -14.73 4.52
N GLY A 73 -24.23 -15.76 5.09
CA GLY A 73 -24.77 -16.41 6.26
C GLY A 73 -25.15 -17.86 6.00
N GLY A 1 -13.21 -0.58 -10.81
CA GLY A 1 -12.28 -0.56 -9.69
C GLY A 1 -12.11 0.83 -9.10
N SER A 2 -10.95 1.43 -9.32
CA SER A 2 -10.67 2.76 -8.79
C SER A 2 -9.48 3.38 -9.51
N SER A 3 -9.38 4.72 -9.44
CA SER A 3 -8.29 5.44 -10.09
C SER A 3 -7.93 6.69 -9.29
N GLY A 4 -6.71 7.18 -9.51
CA GLY A 4 -6.26 8.36 -8.81
C GLY A 4 -5.49 8.03 -7.54
N SER A 5 -4.74 9.00 -7.03
CA SER A 5 -3.95 8.80 -5.82
C SER A 5 -4.36 9.80 -4.73
N SER A 6 -3.79 9.62 -3.55
CA SER A 6 -4.10 10.51 -2.42
C SER A 6 -3.90 11.97 -2.81
N GLY A 7 -2.65 12.34 -3.07
CA GLY A 7 -2.35 13.72 -3.45
C GLY A 7 -1.20 14.30 -2.65
N GLU A 8 -1.21 14.05 -1.35
CA GLU A 8 -0.15 14.56 -0.47
C GLU A 8 1.21 14.46 -1.14
N ILE A 9 2.15 15.30 -0.70
CA ILE A 9 3.49 15.30 -1.26
C ILE A 9 4.54 15.01 -0.19
N GLU A 10 5.19 13.87 -0.30
CA GLU A 10 6.22 13.47 0.66
C GLU A 10 7.57 13.27 -0.03
N LYS A 11 8.48 14.21 0.18
CA LYS A 11 9.81 14.12 -0.43
C LYS A 11 10.50 12.81 -0.06
N GLY A 12 10.62 11.92 -1.03
CA GLY A 12 11.27 10.64 -0.80
C GLY A 12 10.60 9.51 -1.55
N GLY A 13 10.14 9.80 -2.76
CA GLY A 13 9.48 8.79 -3.57
C GLY A 13 8.05 9.15 -3.90
N CYS A 14 7.24 8.13 -4.18
CA CYS A 14 5.83 8.34 -4.51
C CYS A 14 5.02 8.64 -3.24
N GLY A 15 5.72 8.80 -2.12
CA GLY A 15 5.04 9.09 -0.87
C GLY A 15 4.60 7.83 -0.15
N ASP A 16 3.30 7.58 -0.15
CA ASP A 16 2.74 6.40 0.50
C ASP A 16 1.46 5.95 -0.18
N PRO A 17 1.24 4.62 -0.23
CA PRO A 17 0.05 4.04 -0.85
C PRO A 17 -1.22 4.31 -0.04
N GLY A 18 -1.16 4.02 1.27
CA GLY A 18 -2.31 4.24 2.13
C GLY A 18 -2.77 2.97 2.81
N ILE A 19 -3.18 3.10 4.07
CA ILE A 19 -3.64 1.97 4.85
C ILE A 19 -5.11 1.67 4.58
N PRO A 20 -5.44 0.38 4.45
CA PRO A 20 -6.82 -0.07 4.20
C PRO A 20 -7.73 0.16 5.39
N ALA A 21 -8.89 -0.49 5.38
CA ALA A 21 -9.85 -0.37 6.47
C ALA A 21 -9.92 -1.64 7.30
N TYR A 22 -9.49 -1.53 8.56
CA TYR A 22 -9.49 -2.68 9.46
C TYR A 22 -8.41 -3.69 9.06
N GLY A 23 -7.24 -3.18 8.68
CA GLY A 23 -6.15 -4.05 8.28
C GLY A 23 -4.82 -3.61 8.86
N LYS A 24 -3.73 -4.09 8.28
CA LYS A 24 -2.39 -3.74 8.74
C LYS A 24 -1.42 -3.64 7.57
N ARG A 25 -0.40 -2.81 7.74
CA ARG A 25 0.61 -2.61 6.70
C ARG A 25 2.01 -2.60 7.29
N THR A 26 2.97 -3.15 6.54
CA THR A 26 4.35 -3.21 6.99
C THR A 26 5.27 -2.48 6.02
N GLY A 27 6.14 -1.63 6.57
CA GLY A 27 7.06 -0.88 5.74
C GLY A 27 6.65 0.56 5.56
N SER A 28 7.18 1.44 6.41
CA SER A 28 6.85 2.86 6.35
C SER A 28 7.81 3.59 5.41
N SER A 29 8.50 2.84 4.57
CA SER A 29 9.45 3.42 3.62
C SER A 29 8.98 3.20 2.19
N PHE A 30 8.92 4.28 1.43
CA PHE A 30 8.49 4.22 0.03
C PHE A 30 9.43 5.00 -0.87
N LEU A 31 10.25 4.28 -1.63
CA LEU A 31 11.20 4.92 -2.54
C LEU A 31 10.85 4.61 -4.00
N HIS A 32 11.52 5.29 -4.92
CA HIS A 32 11.30 5.10 -6.34
C HIS A 32 11.70 3.70 -6.77
N GLY A 33 10.74 2.78 -6.77
CA GLY A 33 11.02 1.41 -7.16
C GLY A 33 11.00 0.45 -5.98
N ASP A 34 10.36 0.87 -4.89
CA ASP A 34 10.27 0.04 -3.70
C ASP A 34 9.08 -0.91 -3.78
N THR A 35 8.96 -1.78 -2.79
CA THR A 35 7.86 -2.74 -2.75
C THR A 35 7.33 -2.91 -1.33
N LEU A 36 6.03 -3.15 -1.22
CA LEU A 36 5.40 -3.34 0.08
C LEU A 36 4.59 -4.63 0.12
N THR A 37 4.08 -4.97 1.30
CA THR A 37 3.29 -6.18 1.47
C THR A 37 2.11 -5.94 2.40
N PHE A 38 0.93 -6.42 1.99
CA PHE A 38 -0.28 -6.26 2.79
C PHE A 38 -0.93 -7.61 3.07
N GLU A 39 -1.87 -7.63 4.01
CA GLU A 39 -2.56 -8.85 4.38
C GLU A 39 -3.90 -8.54 5.05
N CYS A 40 -4.86 -9.45 4.90
CA CYS A 40 -6.18 -9.26 5.49
C CYS A 40 -6.51 -10.40 6.45
N PRO A 41 -7.37 -10.13 7.44
CA PRO A 41 -7.79 -11.12 8.43
C PRO A 41 -8.67 -12.21 7.83
N ALA A 42 -8.48 -13.44 8.31
CA ALA A 42 -9.26 -14.57 7.81
C ALA A 42 -10.70 -14.17 7.55
N ALA A 43 -11.25 -13.33 8.42
CA ALA A 43 -12.62 -12.86 8.28
C ALA A 43 -12.85 -12.25 6.91
N PHE A 44 -11.93 -11.39 6.48
CA PHE A 44 -12.04 -10.73 5.18
C PHE A 44 -11.01 -11.30 4.21
N GLU A 45 -11.10 -10.87 2.95
CA GLU A 45 -10.18 -11.33 1.92
C GLU A 45 -9.58 -10.16 1.16
N LEU A 46 -8.34 -10.32 0.72
CA LEU A 46 -7.63 -9.27 -0.02
C LEU A 46 -8.37 -8.93 -1.31
N VAL A 47 -8.65 -7.64 -1.50
CA VAL A 47 -9.34 -7.18 -2.70
C VAL A 47 -8.45 -6.27 -3.54
N GLY A 48 -7.27 -6.77 -3.90
CA GLY A 48 -6.35 -5.99 -4.69
C GLY A 48 -5.01 -6.67 -4.87
N GLU A 49 -3.99 -5.88 -5.18
CA GLU A 49 -2.64 -6.42 -5.37
C GLU A 49 -1.92 -6.59 -4.04
N ARG A 50 -1.41 -7.80 -3.81
CA ARG A 50 -0.70 -8.10 -2.57
C ARG A 50 0.44 -7.11 -2.33
N VAL A 51 1.20 -6.84 -3.40
CA VAL A 51 2.32 -5.90 -3.31
C VAL A 51 2.37 -4.99 -4.53
N ILE A 52 2.73 -3.73 -4.30
CA ILE A 52 2.82 -2.76 -5.39
C ILE A 52 4.21 -2.15 -5.46
N THR A 53 4.47 -1.40 -6.53
CA THR A 53 5.76 -0.75 -6.72
C THR A 53 5.60 0.67 -7.24
N CYS A 54 6.24 1.62 -6.56
CA CYS A 54 6.17 3.02 -6.96
C CYS A 54 6.90 3.26 -8.28
N GLN A 55 6.14 3.61 -9.31
CA GLN A 55 6.71 3.87 -10.63
C GLN A 55 7.45 5.21 -10.66
N GLN A 56 7.94 5.58 -11.84
CA GLN A 56 8.66 6.83 -11.99
C GLN A 56 7.69 8.01 -12.13
N ASN A 57 6.45 7.71 -12.51
CA ASN A 57 5.43 8.73 -12.67
C ASN A 57 4.79 9.08 -11.33
N ASN A 58 5.61 9.12 -10.29
CA ASN A 58 5.12 9.44 -8.95
C ASN A 58 3.73 8.86 -8.72
N GLN A 59 3.50 7.66 -9.25
CA GLN A 59 2.21 7.00 -9.10
C GLN A 59 2.38 5.50 -8.86
N TRP A 60 1.62 4.97 -7.91
CA TRP A 60 1.69 3.56 -7.58
C TRP A 60 1.18 2.69 -8.72
N SER A 61 1.82 1.56 -8.94
CA SER A 61 1.42 0.65 -10.02
C SER A 61 -0.03 0.23 -9.85
N GLY A 62 -0.53 0.30 -8.63
CA GLY A 62 -1.90 -0.10 -8.36
C GLY A 62 -2.42 0.45 -7.04
N ASN A 63 -3.74 0.47 -6.88
CA ASN A 63 -4.34 0.97 -5.65
C ASN A 63 -4.04 0.05 -4.48
N LYS A 64 -4.08 0.60 -3.27
CA LYS A 64 -3.82 -0.16 -2.06
C LYS A 64 -4.84 -1.28 -1.89
N PRO A 65 -4.38 -2.43 -1.38
CA PRO A 65 -5.24 -3.59 -1.14
C PRO A 65 -6.23 -3.37 -0.01
N SER A 66 -7.51 -3.60 -0.29
CA SER A 66 -8.56 -3.41 0.70
C SER A 66 -9.26 -4.74 1.01
N CYS A 67 -9.74 -4.87 2.24
CA CYS A 67 -10.44 -6.09 2.66
C CYS A 67 -11.93 -5.83 2.82
N SER A 68 -12.74 -6.77 2.31
CA SER A 68 -14.19 -6.64 2.40
C SER A 68 -14.79 -7.82 3.17
N GLY A 69 -14.81 -8.98 2.52
CA GLY A 69 -15.36 -10.17 3.16
C GLY A 69 -16.86 -10.30 2.96
N PRO A 70 -17.52 -11.06 3.84
CA PRO A 70 -18.96 -11.28 3.78
C PRO A 70 -19.75 -10.02 4.13
N SER A 71 -20.54 -9.53 3.17
CA SER A 71 -21.34 -8.34 3.39
C SER A 71 -22.50 -8.27 2.40
N SER A 72 -23.65 -7.79 2.86
CA SER A 72 -24.83 -7.68 2.02
C SER A 72 -24.85 -6.34 1.28
N GLY A 73 -24.55 -6.39 -0.02
CA GLY A 73 -24.54 -5.17 -0.81
C GLY A 73 -23.14 -4.76 -1.23
N GLY A 1 14.97 18.77 21.09
CA GLY A 1 15.20 17.34 21.08
C GLY A 1 13.93 16.54 21.20
N SER A 2 13.68 15.67 20.23
CA SER A 2 12.49 14.84 20.22
C SER A 2 12.56 13.78 19.14
N SER A 3 12.56 12.51 19.56
CA SER A 3 12.64 11.40 18.62
C SER A 3 11.32 10.64 18.55
N GLY A 4 10.78 10.31 19.72
CA GLY A 4 9.53 9.59 19.78
C GLY A 4 9.46 8.44 18.80
N SER A 5 8.51 8.52 17.87
CA SER A 5 8.35 7.47 16.87
C SER A 5 9.54 7.42 15.93
N SER A 6 9.56 6.44 15.04
CA SER A 6 10.65 6.27 14.09
C SER A 6 10.12 6.07 12.67
N GLY A 7 10.97 6.31 11.68
CA GLY A 7 10.56 6.15 10.29
C GLY A 7 9.77 7.34 9.78
N GLU A 8 10.39 8.14 8.91
CA GLU A 8 9.75 9.31 8.35
C GLU A 8 9.44 9.10 6.87
N ILE A 9 8.45 9.83 6.37
CA ILE A 9 8.06 9.73 4.97
C ILE A 9 9.08 10.41 4.06
N GLU A 10 10.10 9.65 3.67
CA GLU A 10 11.14 10.17 2.79
C GLU A 10 10.56 10.64 1.46
N LYS A 11 11.42 11.12 0.57
CA LYS A 11 11.00 11.59 -0.74
C LYS A 11 11.83 10.95 -1.84
N GLY A 12 11.15 10.46 -2.88
CA GLY A 12 11.84 9.83 -4.00
C GLY A 12 11.05 8.70 -4.60
N GLY A 13 10.25 8.02 -3.77
CA GLY A 13 9.44 6.92 -4.25
C GLY A 13 8.05 7.34 -4.65
N CYS A 14 7.04 6.70 -4.06
CA CYS A 14 5.65 7.02 -4.35
C CYS A 14 5.17 8.18 -3.48
N GLY A 15 4.96 7.91 -2.20
CA GLY A 15 4.50 8.94 -1.29
C GLY A 15 3.89 8.37 -0.02
N ASP A 16 2.57 8.32 0.03
CA ASP A 16 1.86 7.79 1.20
C ASP A 16 0.44 7.37 0.82
N PRO A 17 0.32 6.18 0.22
CA PRO A 17 -0.97 5.63 -0.19
C PRO A 17 -1.84 5.22 0.99
N GLY A 18 -1.25 5.25 2.18
CA GLY A 18 -1.99 4.89 3.38
C GLY A 18 -2.22 3.39 3.49
N ILE A 19 -2.99 2.98 4.49
CA ILE A 19 -3.28 1.57 4.70
C ILE A 19 -4.77 1.29 4.54
N PRO A 20 -5.10 0.17 3.88
CA PRO A 20 -6.48 -0.24 3.64
C PRO A 20 -7.19 -0.68 4.92
N ALA A 21 -8.50 -0.52 4.95
CA ALA A 21 -9.29 -0.90 6.12
C ALA A 21 -8.92 -2.30 6.60
N TYR A 22 -9.03 -2.51 7.91
CA TYR A 22 -8.69 -3.80 8.50
C TYR A 22 -7.51 -4.44 7.78
N GLY A 23 -6.40 -3.69 7.71
CA GLY A 23 -5.20 -4.20 7.06
C GLY A 23 -3.94 -3.58 7.61
N LYS A 24 -2.80 -4.17 7.26
CA LYS A 24 -1.51 -3.67 7.73
C LYS A 24 -0.49 -3.65 6.59
N ARG A 25 0.35 -2.63 6.58
CA ARG A 25 1.37 -2.49 5.54
C ARG A 25 2.76 -2.74 6.12
N THR A 26 3.71 -3.08 5.24
CA THR A 26 5.08 -3.35 5.66
C THR A 26 6.05 -2.33 5.08
N GLY A 27 6.82 -1.68 5.96
CA GLY A 27 7.77 -0.69 5.51
C GLY A 27 7.26 0.72 5.70
N SER A 28 8.06 1.55 6.37
CA SER A 28 7.68 2.94 6.62
C SER A 28 8.36 3.88 5.63
N SER A 29 8.96 3.30 4.60
CA SER A 29 9.64 4.09 3.57
C SER A 29 9.21 3.65 2.17
N PHE A 30 9.06 4.63 1.28
CA PHE A 30 8.65 4.35 -0.09
C PHE A 30 9.58 5.02 -1.09
N LEU A 31 10.43 4.23 -1.73
CA LEU A 31 11.37 4.75 -2.72
C LEU A 31 11.05 4.22 -4.11
N HIS A 32 11.73 4.77 -5.12
CA HIS A 32 11.53 4.35 -6.49
C HIS A 32 11.91 2.88 -6.67
N GLY A 33 10.93 2.07 -7.05
CA GLY A 33 11.18 0.65 -7.25
C GLY A 33 10.77 -0.18 -6.07
N ASP A 34 10.69 0.45 -4.90
CA ASP A 34 10.31 -0.25 -3.68
C ASP A 34 8.98 -0.97 -3.85
N THR A 35 8.57 -1.72 -2.83
CA THR A 35 7.32 -2.46 -2.87
C THR A 35 6.65 -2.50 -1.51
N LEU A 36 5.33 -2.33 -1.48
CA LEU A 36 4.57 -2.35 -0.24
C LEU A 36 3.64 -3.55 -0.20
N THR A 37 3.91 -4.46 0.73
CA THR A 37 3.09 -5.66 0.88
C THR A 37 1.92 -5.42 1.84
N PHE A 38 0.73 -5.84 1.43
CA PHE A 38 -0.47 -5.67 2.25
C PHE A 38 -1.08 -7.02 2.62
N GLU A 39 -1.48 -7.15 3.87
CA GLU A 39 -2.08 -8.39 4.35
C GLU A 39 -3.34 -8.11 5.17
N CYS A 40 -4.20 -9.12 5.30
CA CYS A 40 -5.43 -8.98 6.06
C CYS A 40 -5.49 -9.98 7.21
N PRO A 41 -6.14 -9.59 8.31
CA PRO A 41 -6.27 -10.44 9.49
C PRO A 41 -7.22 -11.62 9.25
N ALA A 42 -7.63 -12.27 10.33
CA ALA A 42 -8.53 -13.42 10.23
C ALA A 42 -9.93 -12.98 9.83
N ALA A 43 -10.73 -13.92 9.36
CA ALA A 43 -12.11 -13.63 8.95
C ALA A 43 -12.14 -12.56 7.86
N PHE A 44 -11.20 -12.64 6.93
CA PHE A 44 -11.12 -11.67 5.83
C PHE A 44 -10.51 -12.31 4.59
N GLU A 45 -10.45 -11.53 3.51
CA GLU A 45 -9.89 -12.02 2.25
C GLU A 45 -9.22 -10.89 1.48
N LEU A 46 -8.06 -11.17 0.89
CA LEU A 46 -7.32 -10.18 0.12
C LEU A 46 -8.03 -9.87 -1.20
N VAL A 47 -8.49 -8.64 -1.34
CA VAL A 47 -9.18 -8.22 -2.55
C VAL A 47 -8.47 -7.03 -3.21
N GLY A 48 -7.46 -7.34 -4.02
CA GLY A 48 -6.71 -6.29 -4.70
C GLY A 48 -5.27 -6.68 -4.95
N GLU A 49 -4.41 -5.68 -5.12
CA GLU A 49 -2.99 -5.92 -5.38
C GLU A 49 -2.23 -6.11 -4.07
N ARG A 50 -1.96 -7.36 -3.73
CA ARG A 50 -1.24 -7.69 -2.50
C ARG A 50 -0.01 -6.79 -2.34
N VAL A 51 0.76 -6.66 -3.43
CA VAL A 51 1.95 -5.84 -3.41
C VAL A 51 2.06 -4.99 -4.68
N ILE A 52 2.30 -3.70 -4.49
CA ILE A 52 2.41 -2.77 -5.61
C ILE A 52 3.86 -2.34 -5.82
N THR A 53 4.15 -1.79 -6.99
CA THR A 53 5.49 -1.33 -7.32
C THR A 53 5.49 0.15 -7.69
N CYS A 54 6.44 0.90 -7.13
CA CYS A 54 6.55 2.32 -7.39
C CYS A 54 7.14 2.57 -8.79
N GLN A 55 6.64 3.61 -9.45
CA GLN A 55 7.11 3.95 -10.79
C GLN A 55 7.81 5.30 -10.78
N GLN A 56 8.50 5.61 -11.88
CA GLN A 56 9.22 6.87 -12.01
C GLN A 56 8.25 8.05 -11.96
N ASN A 57 6.96 7.76 -12.04
CA ASN A 57 5.94 8.79 -12.00
C ASN A 57 5.46 9.04 -10.57
N ASN A 58 6.32 8.74 -9.61
CA ASN A 58 5.98 8.94 -8.21
C ASN A 58 4.53 8.54 -7.93
N GLN A 59 4.12 7.39 -8.47
CA GLN A 59 2.76 6.91 -8.28
C GLN A 59 2.69 5.40 -8.50
N TRP A 60 2.39 4.67 -7.44
CA TRP A 60 2.28 3.21 -7.52
C TRP A 60 1.59 2.79 -8.81
N SER A 61 1.94 1.60 -9.29
CA SER A 61 1.35 1.08 -10.52
C SER A 61 -0.10 0.69 -10.30
N GLY A 62 -0.56 0.79 -9.06
CA GLY A 62 -1.93 0.45 -8.74
C GLY A 62 -2.36 0.99 -7.39
N ASN A 63 -3.66 0.91 -7.11
CA ASN A 63 -4.20 1.39 -5.84
C ASN A 63 -4.10 0.33 -4.76
N LYS A 64 -4.14 0.75 -3.51
CA LYS A 64 -4.05 -0.17 -2.38
C LYS A 64 -5.20 -1.15 -2.40
N PRO A 65 -4.93 -2.40 -1.98
CA PRO A 65 -5.94 -3.46 -1.94
C PRO A 65 -6.98 -3.22 -0.85
N SER A 66 -7.74 -4.27 -0.52
CA SER A 66 -8.78 -4.17 0.50
C SER A 66 -9.08 -5.54 1.09
N CYS A 67 -9.72 -5.55 2.25
CA CYS A 67 -10.08 -6.79 2.93
C CYS A 67 -11.60 -6.95 3.01
N SER A 68 -12.06 -8.19 2.88
CA SER A 68 -13.48 -8.48 2.94
C SER A 68 -13.74 -9.89 3.47
N GLY A 69 -14.72 -10.02 4.35
CA GLY A 69 -15.04 -11.32 4.91
C GLY A 69 -16.17 -12.01 4.18
N PRO A 70 -16.22 -13.35 4.28
CA PRO A 70 -17.26 -14.15 3.63
C PRO A 70 -18.63 -13.95 4.24
N SER A 71 -19.18 -12.75 4.07
CA SER A 71 -20.49 -12.42 4.61
C SER A 71 -21.16 -11.32 3.79
N SER A 72 -22.46 -11.46 3.56
CA SER A 72 -23.21 -10.48 2.79
C SER A 72 -23.38 -9.18 3.58
N GLY A 73 -23.40 -9.29 4.90
CA GLY A 73 -23.55 -8.12 5.74
C GLY A 73 -24.67 -8.27 6.75
N GLY A 1 -7.60 22.15 -14.96
CA GLY A 1 -6.78 22.41 -13.80
C GLY A 1 -5.77 21.31 -13.55
N SER A 2 -5.88 20.66 -12.39
CA SER A 2 -4.97 19.59 -12.03
C SER A 2 -4.73 18.66 -13.22
N SER A 3 -3.65 18.91 -13.96
CA SER A 3 -3.32 18.10 -15.13
C SER A 3 -2.54 16.85 -14.71
N GLY A 4 -1.73 16.99 -13.66
CA GLY A 4 -0.96 15.86 -13.18
C GLY A 4 -1.61 15.16 -12.01
N SER A 5 -1.00 15.26 -10.84
CA SER A 5 -1.52 14.62 -9.64
C SER A 5 -1.19 15.43 -8.40
N SER A 6 -2.18 15.59 -7.52
CA SER A 6 -1.98 16.35 -6.29
C SER A 6 -0.59 16.11 -5.71
N GLY A 7 0.31 17.05 -5.94
CA GLY A 7 1.66 16.92 -5.43
C GLY A 7 2.71 17.17 -6.49
N GLU A 8 3.98 17.06 -6.11
CA GLU A 8 5.08 17.28 -7.05
C GLU A 8 5.73 15.95 -7.44
N ILE A 9 6.69 16.02 -8.36
CA ILE A 9 7.39 14.83 -8.83
C ILE A 9 8.26 14.24 -7.73
N GLU A 10 7.63 13.51 -6.81
CA GLU A 10 8.35 12.88 -5.71
C GLU A 10 9.48 12.00 -6.22
N LYS A 11 10.68 12.57 -6.28
CA LYS A 11 11.85 11.83 -6.74
C LYS A 11 12.14 10.62 -5.86
N GLY A 12 12.60 9.54 -6.46
CA GLY A 12 12.90 8.34 -5.71
C GLY A 12 11.89 8.06 -4.63
N GLY A 13 10.62 7.94 -5.01
CA GLY A 13 9.56 7.69 -4.05
C GLY A 13 8.18 7.89 -4.63
N CYS A 14 7.19 7.23 -4.04
CA CYS A 14 5.81 7.32 -4.52
C CYS A 14 5.09 8.48 -3.83
N GLY A 15 4.92 8.37 -2.51
CA GLY A 15 4.25 9.41 -1.76
C GLY A 15 3.70 8.91 -0.43
N ASP A 16 2.43 8.51 -0.43
CA ASP A 16 1.80 8.00 0.78
C ASP A 16 0.44 7.37 0.46
N PRO A 17 0.48 6.12 -0.03
CA PRO A 17 -0.73 5.38 -0.39
C PRO A 17 -1.56 4.98 0.84
N GLY A 18 -0.93 5.05 2.01
CA GLY A 18 -1.62 4.69 3.24
C GLY A 18 -1.86 3.20 3.36
N ILE A 19 -2.63 2.80 4.36
CA ILE A 19 -2.93 1.40 4.59
C ILE A 19 -4.43 1.14 4.55
N PRO A 20 -4.83 0.03 3.91
CA PRO A 20 -6.24 -0.35 3.79
C PRO A 20 -6.83 -0.79 5.13
N ALA A 21 -8.16 -0.71 5.24
CA ALA A 21 -8.85 -1.09 6.46
C ALA A 21 -8.75 -2.60 6.69
N TYR A 22 -8.63 -2.99 7.95
CA TYR A 22 -8.53 -4.40 8.30
C TYR A 22 -7.33 -5.05 7.61
N GLY A 23 -6.24 -4.29 7.51
CA GLY A 23 -5.03 -4.81 6.87
C GLY A 23 -3.77 -4.18 7.42
N LYS A 24 -2.81 -5.01 7.77
CA LYS A 24 -1.54 -4.54 8.33
C LYS A 24 -0.52 -4.32 7.21
N ARG A 25 0.50 -3.51 7.50
CA ARG A 25 1.54 -3.23 6.53
C ARG A 25 2.93 -3.24 7.18
N THR A 26 3.96 -3.46 6.38
CA THR A 26 5.32 -3.50 6.88
C THR A 26 6.23 -2.55 6.10
N GLY A 27 6.40 -1.34 6.62
CA GLY A 27 7.24 -0.36 5.95
C GLY A 27 6.60 1.01 5.89
N SER A 28 7.33 2.02 6.35
CA SER A 28 6.83 3.38 6.35
C SER A 28 7.54 4.23 5.30
N SER A 29 8.52 3.63 4.64
CA SER A 29 9.28 4.33 3.60
C SER A 29 8.97 3.76 2.22
N PHE A 30 8.80 4.66 1.25
CA PHE A 30 8.50 4.24 -0.11
C PHE A 30 9.42 4.93 -1.11
N LEU A 31 10.34 4.15 -1.68
CA LEU A 31 11.29 4.68 -2.65
C LEU A 31 11.06 4.07 -4.04
N HIS A 32 11.74 4.62 -5.04
CA HIS A 32 11.61 4.12 -6.41
C HIS A 32 12.14 2.70 -6.52
N GLY A 33 11.23 1.74 -6.58
CA GLY A 33 11.63 0.35 -6.69
C GLY A 33 11.22 -0.47 -5.47
N ASP A 34 10.66 0.21 -4.46
CA ASP A 34 10.23 -0.46 -3.24
C ASP A 34 8.85 -1.08 -3.42
N THR A 35 8.64 -2.24 -2.80
CA THR A 35 7.37 -2.94 -2.89
C THR A 35 6.72 -3.09 -1.51
N LEU A 36 5.44 -2.78 -1.43
CA LEU A 36 4.70 -2.88 -0.17
C LEU A 36 3.87 -4.15 -0.13
N THR A 37 4.06 -4.95 0.92
CA THR A 37 3.32 -6.20 1.08
C THR A 37 2.18 -6.03 2.08
N PHE A 38 0.95 -6.18 1.59
CA PHE A 38 -0.22 -6.05 2.44
C PHE A 38 -0.80 -7.43 2.79
N GLU A 39 -1.51 -7.50 3.91
CA GLU A 39 -2.11 -8.75 4.35
C GLU A 39 -3.34 -8.49 5.22
N CYS A 40 -4.30 -9.41 5.18
CA CYS A 40 -5.52 -9.28 5.95
C CYS A 40 -5.74 -10.51 6.83
N PRO A 41 -6.44 -10.31 7.95
CA PRO A 41 -6.74 -11.39 8.90
C PRO A 41 -7.73 -12.40 8.33
N ALA A 42 -7.57 -13.67 8.70
CA ALA A 42 -8.46 -14.72 8.24
C ALA A 42 -9.89 -14.22 8.08
N ALA A 43 -10.28 -13.29 8.96
CA ALA A 43 -11.63 -12.72 8.91
C ALA A 43 -11.93 -12.14 7.53
N PHE A 44 -11.06 -11.25 7.07
CA PHE A 44 -11.24 -10.62 5.76
C PHE A 44 -10.18 -11.09 4.78
N GLU A 45 -10.58 -11.29 3.53
CA GLU A 45 -9.66 -11.74 2.49
C GLU A 45 -9.14 -10.56 1.68
N LEU A 46 -8.06 -10.79 0.93
CA LEU A 46 -7.46 -9.75 0.10
C LEU A 46 -8.33 -9.46 -1.11
N VAL A 47 -8.58 -8.18 -1.36
CA VAL A 47 -9.39 -7.76 -2.50
C VAL A 47 -8.65 -6.75 -3.36
N GLY A 48 -7.46 -7.12 -3.80
CA GLY A 48 -6.67 -6.24 -4.64
C GLY A 48 -5.26 -6.75 -4.84
N GLU A 49 -4.36 -5.84 -5.23
CA GLU A 49 -2.97 -6.21 -5.46
C GLU A 49 -2.22 -6.39 -4.14
N ARG A 50 -1.90 -7.64 -3.82
CA ARG A 50 -1.19 -7.95 -2.59
C ARG A 50 0.05 -7.09 -2.44
N VAL A 51 0.64 -6.71 -3.57
CA VAL A 51 1.84 -5.88 -3.56
C VAL A 51 1.93 -5.04 -4.83
N ILE A 52 2.14 -3.74 -4.66
CA ILE A 52 2.24 -2.83 -5.79
C ILE A 52 3.66 -2.29 -5.94
N THR A 53 4.03 -1.92 -7.15
CA THR A 53 5.36 -1.37 -7.42
C THR A 53 5.31 0.14 -7.63
N CYS A 54 6.37 0.82 -7.20
CA CYS A 54 6.44 2.27 -7.34
C CYS A 54 6.95 2.66 -8.72
N GLN A 55 6.44 3.77 -9.24
CA GLN A 55 6.84 4.25 -10.56
C GLN A 55 7.70 5.51 -10.44
N GLN A 56 8.34 5.88 -11.54
CA GLN A 56 9.19 7.07 -11.57
C GLN A 56 8.36 8.34 -11.74
N ASN A 57 7.04 8.18 -11.76
CA ASN A 57 6.14 9.31 -11.91
C ASN A 57 5.31 9.52 -10.65
N ASN A 58 5.96 9.45 -9.49
CA ASN A 58 5.28 9.63 -8.21
C ASN A 58 3.89 9.01 -8.25
N GLN A 59 3.80 7.79 -8.77
CA GLN A 59 2.53 7.09 -8.86
C GLN A 59 2.73 5.58 -8.81
N TRP A 60 1.92 4.91 -8.00
CA TRP A 60 2.01 3.46 -7.86
C TRP A 60 1.39 2.76 -9.06
N SER A 61 1.89 1.56 -9.37
CA SER A 61 1.38 0.78 -10.49
C SER A 61 -0.03 0.29 -10.22
N GLY A 62 -0.51 0.52 -9.01
CA GLY A 62 -1.85 0.08 -8.64
C GLY A 62 -2.31 0.67 -7.32
N ASN A 63 -3.61 0.83 -7.17
CA ASN A 63 -4.18 1.38 -5.94
C ASN A 63 -4.10 0.36 -4.80
N LYS A 64 -3.89 0.86 -3.59
CA LYS A 64 -3.79 -0.01 -2.41
C LYS A 64 -4.93 -1.02 -2.41
N PRO A 65 -4.62 -2.24 -1.92
CA PRO A 65 -5.61 -3.32 -1.83
C PRO A 65 -6.68 -3.06 -0.79
N SER A 66 -7.44 -4.09 -0.44
CA SER A 66 -8.51 -3.97 0.54
C SER A 66 -8.75 -5.31 1.24
N CYS A 67 -9.60 -5.29 2.26
CA CYS A 67 -9.93 -6.49 3.01
C CYS A 67 -11.39 -6.50 3.43
N SER A 68 -12.17 -7.40 2.85
CA SER A 68 -13.60 -7.50 3.16
C SER A 68 -13.93 -8.89 3.69
N GLY A 69 -15.12 -9.02 4.28
CA GLY A 69 -15.54 -10.28 4.83
C GLY A 69 -16.93 -10.69 4.36
N PRO A 70 -17.31 -11.95 4.63
CA PRO A 70 -18.62 -12.48 4.24
C PRO A 70 -19.77 -11.85 5.03
N SER A 71 -20.94 -12.47 4.96
CA SER A 71 -22.11 -11.96 5.67
C SER A 71 -22.72 -13.06 6.55
N SER A 72 -22.57 -14.31 6.12
CA SER A 72 -23.10 -15.44 6.86
C SER A 72 -22.35 -15.63 8.18
N GLY A 73 -23.10 -15.94 9.23
CA GLY A 73 -22.50 -16.15 10.54
C GLY A 73 -22.27 -14.84 11.27
N GLY A 1 -11.34 14.52 -0.84
CA GLY A 1 -11.54 13.37 0.02
C GLY A 1 -11.11 13.62 1.45
N SER A 2 -11.77 12.96 2.40
CA SER A 2 -11.44 13.12 3.81
C SER A 2 -10.93 11.82 4.40
N SER A 3 -9.64 11.57 4.24
CA SER A 3 -9.01 10.35 4.75
C SER A 3 -7.93 10.69 5.77
N GLY A 4 -8.34 10.87 7.02
CA GLY A 4 -7.39 11.19 8.07
C GLY A 4 -6.33 12.18 7.61
N SER A 5 -5.07 11.86 7.89
CA SER A 5 -3.96 12.73 7.51
C SER A 5 -3.70 12.64 6.00
N SER A 6 -3.09 13.70 5.47
CA SER A 6 -2.80 13.75 4.04
C SER A 6 -1.38 13.22 3.75
N GLY A 7 -0.84 12.48 4.72
CA GLY A 7 0.49 11.92 4.55
C GLY A 7 1.54 12.99 4.30
N GLU A 8 2.80 12.59 4.25
CA GLU A 8 3.90 13.52 4.01
C GLU A 8 4.21 13.61 2.52
N ILE A 9 4.88 14.69 2.13
CA ILE A 9 5.24 14.90 0.74
C ILE A 9 6.68 14.47 0.48
N GLU A 10 6.87 13.55 -0.46
CA GLU A 10 8.20 13.06 -0.79
C GLU A 10 8.53 13.34 -2.26
N LYS A 11 9.66 13.98 -2.50
CA LYS A 11 10.09 14.32 -3.85
C LYS A 11 10.84 13.15 -4.48
N GLY A 12 11.54 12.38 -3.65
CA GLY A 12 12.28 11.24 -4.15
C GLY A 12 11.57 9.93 -3.90
N GLY A 13 10.27 9.90 -4.17
CA GLY A 13 9.50 8.69 -3.97
C GLY A 13 8.02 8.88 -4.30
N CYS A 14 7.22 7.87 -4.01
CA CYS A 14 5.79 7.93 -4.29
C CYS A 14 4.99 8.00 -2.99
N GLY A 15 5.55 8.69 -1.99
CA GLY A 15 4.87 8.82 -0.71
C GLY A 15 4.26 7.50 -0.24
N ASP A 16 3.20 7.61 0.54
CA ASP A 16 2.53 6.42 1.07
C ASP A 16 1.45 5.94 0.11
N PRO A 17 1.28 4.62 0.01
CA PRO A 17 0.28 4.00 -0.87
C PRO A 17 -1.14 4.25 -0.39
N GLY A 18 -1.39 3.97 0.88
CA GLY A 18 -2.71 4.16 1.44
C GLY A 18 -3.30 2.88 2.00
N ILE A 19 -3.40 2.79 3.32
CA ILE A 19 -3.95 1.61 3.97
C ILE A 19 -5.47 1.67 4.02
N PRO A 20 -6.12 0.52 3.76
CA PRO A 20 -7.58 0.41 3.78
C PRO A 20 -8.15 0.54 5.18
N ALA A 21 -9.47 0.69 5.27
CA ALA A 21 -10.14 0.82 6.55
C ALA A 21 -10.11 -0.49 7.33
N TYR A 22 -9.77 -0.42 8.61
CA TYR A 22 -9.68 -1.60 9.45
C TYR A 22 -8.62 -2.56 8.95
N GLY A 23 -7.40 -2.06 8.78
CA GLY A 23 -6.31 -2.88 8.30
C GLY A 23 -4.96 -2.22 8.48
N LYS A 24 -3.90 -3.02 8.44
CA LYS A 24 -2.55 -2.50 8.60
C LYS A 24 -1.64 -2.99 7.46
N ARG A 25 -0.40 -2.52 7.46
CA ARG A 25 0.56 -2.90 6.43
C ARG A 25 1.99 -2.84 6.96
N THR A 26 2.90 -3.51 6.27
CA THR A 26 4.30 -3.53 6.68
C THR A 26 5.14 -2.63 5.80
N GLY A 27 5.86 -1.69 6.42
CA GLY A 27 6.70 -0.77 5.68
C GLY A 27 6.31 0.67 5.89
N SER A 28 7.30 1.57 5.83
CA SER A 28 7.05 2.99 6.03
C SER A 28 7.68 3.81 4.91
N SER A 29 8.84 3.37 4.44
CA SER A 29 9.55 4.07 3.36
C SER A 29 9.17 3.48 2.01
N PHE A 30 9.05 4.34 1.01
CA PHE A 30 8.71 3.90 -0.34
C PHE A 30 9.57 4.62 -1.39
N LEU A 31 10.51 3.89 -1.95
CA LEU A 31 11.41 4.46 -2.97
C LEU A 31 11.19 3.78 -4.32
N HIS A 32 11.46 4.52 -5.39
CA HIS A 32 11.30 4.00 -6.74
C HIS A 32 11.70 2.53 -6.81
N GLY A 33 10.84 1.71 -7.40
CA GLY A 33 11.12 0.29 -7.52
C GLY A 33 10.71 -0.48 -6.28
N ASP A 34 10.89 0.14 -5.12
CA ASP A 34 10.54 -0.51 -3.86
C ASP A 34 9.16 -1.16 -3.94
N THR A 35 8.99 -2.27 -3.23
CA THR A 35 7.72 -2.98 -3.23
C THR A 35 7.18 -3.15 -1.82
N LEU A 36 5.88 -2.96 -1.65
CA LEU A 36 5.24 -3.09 -0.36
C LEU A 36 4.38 -4.35 -0.28
N THR A 37 3.85 -4.64 0.90
CA THR A 37 3.02 -5.81 1.10
C THR A 37 1.79 -5.48 1.94
N PHE A 38 0.64 -6.01 1.54
CA PHE A 38 -0.60 -5.77 2.26
C PHE A 38 -1.07 -7.03 2.98
N GLU A 39 -1.95 -6.86 3.95
CA GLU A 39 -2.47 -7.98 4.73
C GLU A 39 -3.77 -7.61 5.43
N CYS A 40 -4.51 -8.61 5.88
CA CYS A 40 -5.77 -8.39 6.57
C CYS A 40 -5.98 -9.42 7.67
N PRO A 41 -6.88 -9.10 8.62
CA PRO A 41 -7.19 -9.99 9.74
C PRO A 41 -7.96 -11.24 9.31
N ALA A 42 -7.96 -12.26 10.16
CA ALA A 42 -8.65 -13.50 9.87
C ALA A 42 -10.11 -13.26 9.53
N ALA A 43 -10.71 -12.28 10.21
CA ALA A 43 -12.12 -11.94 9.99
C ALA A 43 -12.33 -11.46 8.56
N PHE A 44 -11.30 -10.87 7.97
CA PHE A 44 -11.38 -10.35 6.61
C PHE A 44 -10.57 -11.21 5.65
N GLU A 45 -10.61 -10.87 4.37
CA GLU A 45 -9.87 -11.62 3.35
C GLU A 45 -9.44 -10.70 2.22
N LEU A 46 -8.12 -10.58 2.03
CA LEU A 46 -7.57 -9.74 0.97
C LEU A 46 -8.45 -9.79 -0.27
N VAL A 47 -8.69 -8.62 -0.87
CA VAL A 47 -9.52 -8.53 -2.07
C VAL A 47 -8.83 -7.68 -3.13
N GLY A 48 -7.51 -7.81 -3.22
CA GLY A 48 -6.75 -7.05 -4.21
C GLY A 48 -5.29 -7.43 -4.25
N GLU A 49 -4.50 -6.69 -5.01
CA GLU A 49 -3.07 -6.96 -5.13
C GLU A 49 -2.44 -7.13 -3.76
N ARG A 50 -1.30 -7.82 -3.72
CA ARG A 50 -0.59 -8.05 -2.47
C ARG A 50 0.66 -7.17 -2.38
N VAL A 51 1.07 -6.62 -3.51
CA VAL A 51 2.24 -5.75 -3.56
C VAL A 51 2.18 -4.81 -4.75
N ILE A 52 2.84 -3.66 -4.62
CA ILE A 52 2.86 -2.67 -5.68
C ILE A 52 4.23 -2.03 -5.81
N THR A 53 4.46 -1.33 -6.92
CA THR A 53 5.73 -0.67 -7.17
C THR A 53 5.55 0.83 -7.40
N CYS A 54 6.53 1.61 -6.99
CA CYS A 54 6.48 3.06 -7.15
C CYS A 54 7.16 3.48 -8.45
N GLN A 55 6.60 4.51 -9.09
CA GLN A 55 7.15 5.01 -10.34
C GLN A 55 7.61 6.46 -10.19
N GLN A 56 8.50 6.89 -11.08
CA GLN A 56 9.03 8.25 -11.04
C GLN A 56 7.89 9.28 -11.12
N ASN A 57 6.69 8.81 -11.46
CA ASN A 57 5.53 9.67 -11.56
C ASN A 57 4.87 9.88 -10.21
N ASN A 58 5.67 9.80 -9.15
CA ASN A 58 5.17 9.98 -7.80
C ASN A 58 3.85 9.26 -7.60
N GLN A 59 3.73 8.07 -8.20
CA GLN A 59 2.52 7.28 -8.11
C GLN A 59 2.84 5.79 -8.14
N TRP A 60 1.87 4.97 -7.75
CA TRP A 60 2.04 3.52 -7.74
C TRP A 60 1.44 2.89 -8.99
N SER A 61 2.03 1.79 -9.44
CA SER A 61 1.57 1.10 -10.63
C SER A 61 0.24 0.39 -10.35
N GLY A 62 -0.08 0.21 -9.07
CA GLY A 62 -1.31 -0.45 -8.70
C GLY A 62 -2.05 0.29 -7.60
N ASN A 63 -3.37 0.16 -7.59
CA ASN A 63 -4.20 0.82 -6.59
C ASN A 63 -4.33 -0.04 -5.33
N LYS A 64 -4.17 0.59 -4.17
CA LYS A 64 -4.27 -0.11 -2.90
C LYS A 64 -5.36 -1.18 -2.95
N PRO A 65 -5.12 -2.32 -2.28
CA PRO A 65 -6.07 -3.43 -2.23
C PRO A 65 -7.31 -3.10 -1.42
N SER A 66 -8.20 -4.07 -1.27
CA SER A 66 -9.43 -3.88 -0.52
C SER A 66 -9.62 -5.00 0.50
N CYS A 67 -10.13 -4.64 1.67
CA CYS A 67 -10.36 -5.61 2.74
C CYS A 67 -11.86 -5.85 2.94
N SER A 68 -12.30 -7.05 2.56
CA SER A 68 -13.70 -7.42 2.69
C SER A 68 -13.90 -8.92 2.51
N GLY A 69 -14.98 -9.45 3.09
CA GLY A 69 -15.25 -10.87 2.97
C GLY A 69 -16.65 -11.14 2.45
N PRO A 70 -17.61 -11.31 3.37
CA PRO A 70 -19.01 -11.58 3.02
C PRO A 70 -19.69 -10.38 2.38
N SER A 71 -19.25 -10.02 1.19
CA SER A 71 -19.82 -8.88 0.47
C SER A 71 -20.21 -7.77 1.44
N SER A 72 -19.37 -7.57 2.46
CA SER A 72 -19.63 -6.54 3.47
C SER A 72 -18.78 -5.30 3.20
N GLY A 73 -19.43 -4.21 2.85
CA GLY A 73 -18.72 -2.97 2.57
C GLY A 73 -19.66 -1.79 2.39
N GLY A 1 -8.26 10.70 -9.91
CA GLY A 1 -7.09 11.49 -10.24
C GLY A 1 -6.80 11.53 -11.72
N SER A 2 -6.45 12.71 -12.21
CA SER A 2 -6.16 12.88 -13.64
C SER A 2 -4.71 13.34 -13.84
N SER A 3 -3.87 13.08 -12.85
CA SER A 3 -2.47 13.47 -12.92
C SER A 3 -1.72 12.64 -13.96
N GLY A 4 -0.59 13.16 -14.42
CA GLY A 4 0.20 12.46 -15.42
C GLY A 4 1.14 13.38 -16.17
N SER A 5 0.63 14.52 -16.60
CA SER A 5 1.43 15.49 -17.34
C SER A 5 1.96 16.58 -16.41
N SER A 6 1.35 16.70 -15.25
CA SER A 6 1.76 17.70 -14.27
C SER A 6 2.04 17.06 -12.92
N GLY A 7 3.05 17.58 -12.21
CA GLY A 7 3.41 17.04 -10.92
C GLY A 7 4.68 16.23 -10.96
N GLU A 8 5.81 16.91 -11.17
CA GLU A 8 7.11 16.24 -11.23
C GLU A 8 7.93 16.56 -9.99
N ILE A 9 7.68 15.82 -8.92
CA ILE A 9 8.39 16.02 -7.66
C ILE A 9 9.15 14.75 -7.26
N GLU A 10 10.40 14.91 -6.87
CA GLU A 10 11.24 13.78 -6.46
C GLU A 10 11.45 13.80 -4.96
N LYS A 11 10.74 12.92 -4.25
CA LYS A 11 10.86 12.83 -2.80
C LYS A 11 11.45 11.48 -2.39
N GLY A 12 11.77 10.65 -3.38
CA GLY A 12 12.34 9.35 -3.09
C GLY A 12 11.28 8.27 -2.98
N GLY A 13 10.74 7.85 -4.13
CA GLY A 13 9.72 6.82 -4.13
C GLY A 13 8.41 7.31 -4.72
N CYS A 14 7.30 6.95 -4.09
CA CYS A 14 5.98 7.35 -4.57
C CYS A 14 5.51 8.61 -3.86
N GLY A 15 5.10 8.47 -2.61
CA GLY A 15 4.63 9.61 -1.84
C GLY A 15 3.88 9.20 -0.59
N ASP A 16 2.58 8.97 -0.73
CA ASP A 16 1.75 8.57 0.39
C ASP A 16 0.58 7.71 -0.07
N PRO A 17 0.85 6.41 -0.30
CA PRO A 17 -0.17 5.46 -0.75
C PRO A 17 -1.19 5.15 0.33
N GLY A 18 -1.00 5.72 1.51
CA GLY A 18 -1.91 5.50 2.61
C GLY A 18 -2.10 4.03 2.92
N ILE A 19 -2.80 3.73 4.01
CA ILE A 19 -3.05 2.37 4.41
C ILE A 19 -4.48 2.18 4.93
N PRO A 20 -5.12 1.07 4.54
CA PRO A 20 -6.49 0.76 4.95
C PRO A 20 -6.59 0.42 6.43
N ALA A 21 -7.66 0.88 7.07
CA ALA A 21 -7.88 0.63 8.48
C ALA A 21 -8.59 -0.71 8.70
N TYR A 22 -8.47 -1.59 7.71
CA TYR A 22 -9.10 -2.90 7.80
C TYR A 22 -8.11 -4.01 7.47
N GLY A 23 -6.86 -3.62 7.25
CA GLY A 23 -5.83 -4.59 6.92
C GLY A 23 -4.51 -4.29 7.61
N LYS A 24 -3.41 -4.68 6.99
CA LYS A 24 -2.08 -4.45 7.54
C LYS A 24 -1.13 -3.95 6.47
N ARG A 25 0.05 -3.51 6.89
CA ARG A 25 1.06 -3.00 5.96
C ARG A 25 2.47 -3.34 6.45
N THR A 26 3.24 -4.02 5.60
CA THR A 26 4.60 -4.41 5.94
C THR A 26 5.60 -3.36 5.49
N GLY A 27 5.51 -2.16 6.07
CA GLY A 27 6.41 -1.09 5.70
C GLY A 27 5.74 0.27 5.72
N SER A 28 6.49 1.30 6.11
CA SER A 28 5.96 2.65 6.16
C SER A 28 6.74 3.59 5.26
N SER A 29 7.83 3.07 4.69
CA SER A 29 8.68 3.86 3.81
C SER A 29 8.37 3.55 2.34
N PHE A 30 8.43 4.58 1.49
CA PHE A 30 8.16 4.41 0.08
C PHE A 30 9.30 4.99 -0.76
N LEU A 31 10.11 4.11 -1.35
CA LEU A 31 11.23 4.54 -2.17
C LEU A 31 11.04 4.11 -3.63
N HIS A 32 11.87 4.64 -4.51
CA HIS A 32 11.80 4.29 -5.93
C HIS A 32 12.04 2.80 -6.15
N GLY A 33 11.12 2.15 -6.84
CA GLY A 33 11.26 0.73 -7.11
C GLY A 33 10.90 -0.12 -5.90
N ASP A 34 10.43 0.53 -4.85
CA ASP A 34 10.05 -0.18 -3.63
C ASP A 34 8.62 -0.74 -3.74
N THR A 35 8.41 -1.91 -3.14
CA THR A 35 7.10 -2.55 -3.17
C THR A 35 6.52 -2.70 -1.77
N LEU A 36 5.22 -2.47 -1.65
CA LEU A 36 4.55 -2.57 -0.35
C LEU A 36 3.52 -3.70 -0.38
N THR A 37 3.77 -4.74 0.42
CA THR A 37 2.86 -5.87 0.49
C THR A 37 1.92 -5.76 1.69
N PHE A 38 0.65 -6.09 1.49
CA PHE A 38 -0.34 -6.02 2.56
C PHE A 38 -0.81 -7.41 2.96
N GLU A 39 -1.22 -7.56 4.21
CA GLU A 39 -1.69 -8.84 4.71
C GLU A 39 -2.86 -8.65 5.67
N CYS A 40 -3.71 -9.67 5.77
CA CYS A 40 -4.87 -9.61 6.64
C CYS A 40 -5.04 -10.92 7.42
N PRO A 41 -5.70 -10.84 8.58
CA PRO A 41 -5.94 -12.01 9.44
C PRO A 41 -6.94 -12.98 8.82
N ALA A 42 -7.21 -14.07 9.53
CA ALA A 42 -8.15 -15.08 9.06
C ALA A 42 -9.56 -14.51 8.95
N ALA A 43 -10.45 -15.26 8.31
CA ALA A 43 -11.83 -14.83 8.16
C ALA A 43 -11.94 -13.64 7.20
N PHE A 44 -11.02 -13.60 6.22
CA PHE A 44 -11.00 -12.51 5.25
C PHE A 44 -10.39 -12.97 3.94
N GLU A 45 -10.49 -12.13 2.91
CA GLU A 45 -9.95 -12.45 1.60
C GLU A 45 -9.31 -11.22 0.96
N LEU A 46 -8.21 -11.42 0.26
CA LEU A 46 -7.51 -10.33 -0.40
C LEU A 46 -8.31 -9.82 -1.60
N VAL A 47 -8.53 -8.51 -1.64
CA VAL A 47 -9.28 -7.91 -2.74
C VAL A 47 -8.51 -6.74 -3.35
N GLY A 48 -7.52 -7.08 -4.18
CA GLY A 48 -6.71 -6.06 -4.82
C GLY A 48 -5.30 -6.54 -5.11
N GLU A 49 -4.37 -5.59 -5.17
CA GLU A 49 -2.97 -5.91 -5.44
C GLU A 49 -2.19 -6.11 -4.14
N ARG A 50 -2.08 -7.37 -3.72
CA ARG A 50 -1.36 -7.70 -2.49
C ARG A 50 -0.12 -6.84 -2.34
N VAL A 51 0.60 -6.64 -3.45
CA VAL A 51 1.82 -5.85 -3.43
C VAL A 51 1.86 -4.89 -4.62
N ILE A 52 2.06 -3.61 -4.33
CA ILE A 52 2.11 -2.59 -5.38
C ILE A 52 3.54 -2.16 -5.65
N THR A 53 3.82 -1.77 -6.89
CA THR A 53 5.15 -1.33 -7.28
C THR A 53 5.18 0.16 -7.59
N CYS A 54 6.21 0.84 -7.12
CA CYS A 54 6.35 2.28 -7.33
C CYS A 54 7.01 2.56 -8.69
N GLN A 55 6.37 3.39 -9.49
CA GLN A 55 6.90 3.74 -10.80
C GLN A 55 7.75 5.01 -10.74
N GLN A 56 8.68 5.14 -11.66
CA GLN A 56 9.57 6.30 -11.71
C GLN A 56 8.76 7.59 -11.78
N ASN A 57 7.47 7.46 -12.11
CA ASN A 57 6.60 8.62 -12.21
C ASN A 57 5.94 8.92 -10.86
N ASN A 58 6.68 8.72 -9.78
CA ASN A 58 6.17 8.97 -8.45
C ASN A 58 4.70 8.61 -8.35
N GLN A 59 4.33 7.46 -8.92
CA GLN A 59 2.95 7.00 -8.90
C GLN A 59 2.88 5.50 -8.70
N TRP A 60 1.86 5.05 -7.97
CA TRP A 60 1.68 3.62 -7.69
C TRP A 60 0.90 2.95 -8.82
N SER A 61 1.30 1.75 -9.18
CA SER A 61 0.64 1.00 -10.24
C SER A 61 -0.77 0.58 -9.82
N GLY A 62 -1.08 0.81 -8.55
CA GLY A 62 -2.39 0.45 -8.04
C GLY A 62 -2.62 0.98 -6.63
N ASN A 63 -3.86 1.37 -6.36
CA ASN A 63 -4.22 1.90 -5.04
C ASN A 63 -4.13 0.82 -3.97
N LYS A 64 -3.87 1.22 -2.74
CA LYS A 64 -3.75 0.28 -1.63
C LYS A 64 -4.77 -0.85 -1.76
N PRO A 65 -4.38 -2.06 -1.35
CA PRO A 65 -5.25 -3.24 -1.41
C PRO A 65 -6.41 -3.16 -0.42
N SER A 66 -7.13 -4.26 -0.27
CA SER A 66 -8.27 -4.32 0.64
C SER A 66 -8.55 -5.75 1.08
N CYS A 67 -9.44 -5.91 2.04
CA CYS A 67 -9.80 -7.24 2.54
C CYS A 67 -11.29 -7.29 2.88
N SER A 68 -12.03 -8.06 2.09
CA SER A 68 -13.47 -8.20 2.30
C SER A 68 -13.81 -9.61 2.77
N GLY A 69 -13.46 -10.60 1.96
CA GLY A 69 -13.74 -11.99 2.31
C GLY A 69 -14.54 -12.71 1.25
N PRO A 70 -14.92 -13.96 1.54
CA PRO A 70 -15.70 -14.78 0.62
C PRO A 70 -17.14 -14.27 0.45
N SER A 71 -17.46 -13.77 -0.73
CA SER A 71 -18.79 -13.26 -1.01
C SER A 71 -19.84 -14.34 -0.87
N SER A 72 -19.44 -15.59 -1.13
CA SER A 72 -20.35 -16.72 -1.03
C SER A 72 -21.71 -16.38 -1.63
N GLY A 73 -21.70 -15.57 -2.68
CA GLY A 73 -22.94 -15.19 -3.32
C GLY A 73 -22.86 -13.81 -3.96
N GLY A 1 4.92 10.93 11.70
CA GLY A 1 4.55 10.62 10.33
C GLY A 1 5.73 10.72 9.38
N SER A 2 6.85 11.21 9.88
CA SER A 2 8.05 11.35 9.06
C SER A 2 9.30 11.00 9.86
N SER A 3 10.42 10.86 9.15
CA SER A 3 11.68 10.51 9.80
C SER A 3 12.68 11.66 9.66
N GLY A 4 13.75 11.59 10.45
CA GLY A 4 14.77 12.63 10.42
C GLY A 4 16.10 12.15 10.94
N SER A 5 16.57 12.76 12.03
CA SER A 5 17.84 12.39 12.64
C SER A 5 17.97 10.87 12.76
N SER A 6 16.95 10.25 13.32
CA SER A 6 16.94 8.80 13.50
C SER A 6 16.73 8.09 12.17
N GLY A 7 16.11 8.79 11.22
CA GLY A 7 15.85 8.20 9.92
C GLY A 7 17.11 8.03 9.11
N GLU A 8 17.73 9.14 8.70
CA GLU A 8 18.95 9.09 7.92
C GLU A 8 18.76 8.25 6.66
N ILE A 9 17.70 8.55 5.91
CA ILE A 9 17.40 7.82 4.68
C ILE A 9 17.44 8.75 3.47
N GLU A 10 17.82 8.20 2.32
CA GLU A 10 17.90 8.98 1.09
C GLU A 10 16.50 9.37 0.62
N LYS A 11 15.98 10.46 1.18
CA LYS A 11 14.65 10.96 0.82
C LYS A 11 14.43 10.85 -0.68
N GLY A 12 13.17 10.63 -1.07
CA GLY A 12 12.84 10.51 -2.47
C GLY A 12 12.18 9.20 -2.80
N GLY A 13 10.98 9.26 -3.38
CA GLY A 13 10.26 8.05 -3.73
C GLY A 13 8.82 8.33 -4.12
N CYS A 14 7.90 7.48 -3.66
CA CYS A 14 6.49 7.64 -3.98
C CYS A 14 5.88 8.78 -3.17
N GLY A 15 5.73 8.56 -1.86
CA GLY A 15 5.16 9.58 -1.00
C GLY A 15 4.17 9.01 0.00
N ASP A 16 2.89 9.19 -0.27
CA ASP A 16 1.85 8.69 0.62
C ASP A 16 0.66 8.17 -0.19
N PRO A 17 0.79 6.92 -0.69
CA PRO A 17 -0.26 6.28 -1.48
C PRO A 17 -1.48 5.92 -0.64
N GLY A 18 -1.35 6.06 0.67
CA GLY A 18 -2.45 5.74 1.57
C GLY A 18 -2.32 4.37 2.20
N ILE A 19 -3.09 4.11 3.24
CA ILE A 19 -3.06 2.83 3.93
C ILE A 19 -4.46 2.33 4.25
N PRO A 20 -4.69 1.03 4.06
CA PRO A 20 -5.98 0.40 4.32
C PRO A 20 -6.31 0.34 5.81
N ALA A 21 -7.56 0.61 6.14
CA ALA A 21 -8.01 0.60 7.53
C ALA A 21 -8.60 -0.76 7.90
N TYR A 22 -8.11 -1.81 7.25
CA TYR A 22 -8.59 -3.16 7.50
C TYR A 22 -7.43 -4.10 7.84
N GLY A 23 -6.22 -3.57 7.81
CA GLY A 23 -5.05 -4.37 8.12
C GLY A 23 -3.82 -3.52 8.38
N LYS A 24 -2.66 -4.01 7.95
CA LYS A 24 -1.40 -3.29 8.15
C LYS A 24 -0.50 -3.44 6.93
N ARG A 25 0.23 -2.38 6.61
CA ARG A 25 1.13 -2.38 5.47
C ARG A 25 2.58 -2.58 5.92
N THR A 26 3.36 -3.27 5.11
CA THR A 26 4.76 -3.52 5.42
C THR A 26 5.69 -2.76 4.48
N GLY A 27 6.35 -1.73 5.02
CA GLY A 27 7.26 -0.94 4.21
C GLY A 27 7.04 0.55 4.38
N SER A 28 7.00 0.99 5.63
CA SER A 28 6.78 2.41 5.93
C SER A 28 7.57 3.29 4.97
N SER A 29 8.74 2.81 4.56
CA SER A 29 9.59 3.56 3.64
C SER A 29 9.16 3.34 2.19
N PHE A 30 9.17 4.41 1.41
CA PHE A 30 8.79 4.32 0.00
C PHE A 30 9.89 4.86 -0.89
N LEU A 31 10.58 3.95 -1.58
CA LEU A 31 11.67 4.34 -2.48
C LEU A 31 11.31 4.00 -3.92
N HIS A 32 12.15 4.47 -4.86
CA HIS A 32 11.93 4.21 -6.27
C HIS A 32 12.14 2.74 -6.60
N GLY A 33 11.07 2.07 -7.00
CA GLY A 33 11.17 0.66 -7.34
C GLY A 33 10.83 -0.25 -6.17
N ASP A 34 10.38 0.36 -5.07
CA ASP A 34 10.02 -0.40 -3.88
C ASP A 34 8.67 -1.09 -4.07
N THR A 35 8.28 -1.89 -3.07
CA THR A 35 7.02 -2.62 -3.13
C THR A 35 6.41 -2.76 -1.74
N LEU A 36 5.16 -2.33 -1.59
CA LEU A 36 4.47 -2.41 -0.31
C LEU A 36 3.48 -3.57 -0.30
N THR A 37 3.70 -4.52 0.60
CA THR A 37 2.82 -5.68 0.71
C THR A 37 1.83 -5.52 1.86
N PHE A 38 0.61 -6.01 1.66
CA PHE A 38 -0.42 -5.92 2.68
C PHE A 38 -0.91 -7.31 3.10
N GLU A 39 -1.68 -7.36 4.17
CA GLU A 39 -2.20 -8.63 4.68
C GLU A 39 -3.48 -8.41 5.48
N CYS A 40 -4.46 -9.28 5.27
CA CYS A 40 -5.74 -9.19 5.97
C CYS A 40 -5.90 -10.33 6.95
N PRO A 41 -6.68 -10.09 8.02
CA PRO A 41 -6.94 -11.09 9.05
C PRO A 41 -7.81 -12.24 8.55
N ALA A 42 -7.74 -13.37 9.25
CA ALA A 42 -8.53 -14.55 8.88
C ALA A 42 -10.02 -14.22 8.83
N ALA A 43 -10.39 -13.09 9.43
CA ALA A 43 -11.79 -12.66 9.45
C ALA A 43 -12.25 -12.22 8.07
N PHE A 44 -11.30 -12.00 7.17
CA PHE A 44 -11.61 -11.58 5.81
C PHE A 44 -10.61 -12.17 4.81
N GLU A 45 -10.78 -11.83 3.54
CA GLU A 45 -9.90 -12.32 2.49
C GLU A 45 -9.39 -11.18 1.63
N LEU A 46 -8.15 -11.30 1.14
CA LEU A 46 -7.54 -10.28 0.31
C LEU A 46 -8.41 -9.98 -0.92
N VAL A 47 -8.57 -8.71 -1.22
CA VAL A 47 -9.37 -8.29 -2.37
C VAL A 47 -8.64 -7.25 -3.21
N GLY A 48 -7.46 -7.62 -3.70
CA GLY A 48 -6.67 -6.71 -4.51
C GLY A 48 -5.24 -7.19 -4.69
N GLU A 49 -4.39 -6.31 -5.23
CA GLU A 49 -2.99 -6.65 -5.45
C GLU A 49 -2.23 -6.70 -4.14
N ARG A 50 -1.98 -7.92 -3.65
CA ARG A 50 -1.26 -8.10 -2.40
C ARG A 50 -0.07 -7.14 -2.30
N VAL A 51 0.49 -6.79 -3.46
CA VAL A 51 1.63 -5.89 -3.50
C VAL A 51 1.61 -5.05 -4.78
N ILE A 52 2.16 -3.84 -4.69
CA ILE A 52 2.20 -2.94 -5.84
C ILE A 52 3.62 -2.39 -6.06
N THR A 53 3.86 -1.84 -7.24
CA THR A 53 5.16 -1.28 -7.57
C THR A 53 5.09 0.23 -7.73
N CYS A 54 6.17 0.92 -7.36
CA CYS A 54 6.23 2.37 -7.46
C CYS A 54 6.83 2.80 -8.80
N GLN A 55 6.36 3.92 -9.31
CA GLN A 55 6.85 4.44 -10.59
C GLN A 55 7.66 5.72 -10.38
N GLN A 56 8.49 6.05 -11.36
CA GLN A 56 9.32 7.24 -11.29
C GLN A 56 8.46 8.50 -11.26
N ASN A 57 7.17 8.33 -11.50
CA ASN A 57 6.24 9.46 -11.51
C ASN A 57 5.54 9.59 -10.16
N ASN A 58 6.26 9.27 -9.10
CA ASN A 58 5.71 9.36 -7.75
C ASN A 58 4.28 8.85 -7.71
N GLN A 59 4.03 7.75 -8.42
CA GLN A 59 2.69 7.17 -8.46
C GLN A 59 2.77 5.67 -8.73
N TRP A 60 2.17 4.88 -7.86
CA TRP A 60 2.16 3.43 -7.99
C TRP A 60 1.30 3.00 -9.18
N SER A 61 1.61 1.84 -9.74
CA SER A 61 0.85 1.31 -10.87
C SER A 61 -0.40 0.59 -10.41
N GLY A 62 -0.65 0.61 -9.11
CA GLY A 62 -1.82 -0.05 -8.55
C GLY A 62 -2.18 0.46 -7.17
N ASN A 63 -3.47 0.50 -6.87
CA ASN A 63 -3.94 0.97 -5.58
C ASN A 63 -3.83 -0.14 -4.53
N LYS A 64 -3.67 0.27 -3.27
CA LYS A 64 -3.57 -0.68 -2.17
C LYS A 64 -4.76 -1.64 -2.15
N PRO A 65 -4.52 -2.87 -1.66
CA PRO A 65 -5.57 -3.90 -1.58
C PRO A 65 -6.62 -3.56 -0.52
N SER A 66 -7.50 -4.53 -0.24
CA SER A 66 -8.55 -4.33 0.75
C SER A 66 -9.01 -5.67 1.32
N CYS A 67 -9.70 -5.62 2.45
CA CYS A 67 -10.18 -6.83 3.10
C CYS A 67 -11.71 -6.79 3.24
N SER A 68 -12.38 -7.70 2.54
CA SER A 68 -13.84 -7.77 2.58
C SER A 68 -14.30 -9.09 3.21
N GLY A 69 -13.96 -10.20 2.57
CA GLY A 69 -14.34 -11.49 3.08
C GLY A 69 -15.66 -11.98 2.51
N PRO A 70 -15.95 -13.28 2.67
CA PRO A 70 -17.19 -13.89 2.17
C PRO A 70 -18.42 -13.40 2.93
N SER A 71 -18.24 -13.10 4.22
CA SER A 71 -19.33 -12.63 5.06
C SER A 71 -19.86 -11.29 4.57
N SER A 72 -20.87 -11.32 3.71
CA SER A 72 -21.44 -10.09 3.17
C SER A 72 -22.72 -9.72 3.93
N GLY A 73 -22.57 -9.40 5.21
CA GLY A 73 -23.72 -9.04 6.02
C GLY A 73 -23.99 -7.55 5.99
N GLY A 1 17.60 -5.08 15.56
CA GLY A 1 17.72 -4.26 16.74
C GLY A 1 17.67 -2.77 16.42
N SER A 2 18.85 -2.17 16.33
CA SER A 2 18.96 -0.74 16.03
C SER A 2 19.41 -0.52 14.59
N SER A 3 20.61 -0.99 14.27
CA SER A 3 21.16 -0.85 12.93
C SER A 3 20.24 -1.48 11.89
N GLY A 4 19.52 -0.64 11.16
CA GLY A 4 18.62 -1.13 10.14
C GLY A 4 17.57 -0.10 9.73
N SER A 5 17.82 0.58 8.62
CA SER A 5 16.90 1.60 8.13
C SER A 5 16.46 2.52 9.26
N SER A 6 17.38 2.81 10.17
CA SER A 6 17.09 3.67 11.31
C SER A 6 17.32 5.14 10.95
N GLY A 7 16.57 5.63 9.97
CA GLY A 7 16.71 7.01 9.56
C GLY A 7 15.57 7.47 8.66
N GLU A 8 15.71 8.65 8.08
CA GLU A 8 14.69 9.19 7.20
C GLU A 8 15.31 9.83 5.96
N ILE A 9 14.94 9.31 4.79
CA ILE A 9 15.47 9.82 3.53
C ILE A 9 14.34 10.24 2.60
N GLU A 10 14.56 11.32 1.87
CA GLU A 10 13.56 11.84 0.93
C GLU A 10 14.14 11.94 -0.48
N LYS A 11 15.01 11.00 -0.82
CA LYS A 11 15.63 10.98 -2.15
C LYS A 11 14.58 10.84 -3.24
N GLY A 12 13.58 10.00 -2.99
CA GLY A 12 12.52 9.78 -3.96
C GLY A 12 11.45 8.84 -3.46
N GLY A 13 10.66 8.29 -4.37
CA GLY A 13 9.60 7.38 -3.99
C GLY A 13 8.23 8.03 -4.06
N CYS A 14 7.19 7.22 -3.87
CA CYS A 14 5.82 7.72 -3.91
C CYS A 14 5.49 8.52 -2.66
N GLY A 15 5.33 7.82 -1.54
CA GLY A 15 5.02 8.48 -0.28
C GLY A 15 3.88 7.81 0.46
N ASP A 16 2.80 8.54 0.68
CA ASP A 16 1.63 8.02 1.38
C ASP A 16 0.46 7.83 0.42
N PRO A 17 0.50 6.73 -0.34
CA PRO A 17 -0.56 6.41 -1.31
C PRO A 17 -1.87 6.02 -0.64
N GLY A 18 -1.78 5.20 0.41
CA GLY A 18 -2.97 4.78 1.12
C GLY A 18 -2.75 3.48 1.88
N ILE A 19 -3.39 3.36 3.03
CA ILE A 19 -3.26 2.17 3.85
C ILE A 19 -4.64 1.64 4.27
N PRO A 20 -4.79 0.30 4.23
CA PRO A 20 -6.05 -0.36 4.60
C PRO A 20 -6.31 -0.27 6.10
N ALA A 21 -7.54 0.12 6.45
CA ALA A 21 -7.93 0.24 7.84
C ALA A 21 -8.38 -1.11 8.41
N TYR A 22 -7.95 -2.19 7.76
CA TYR A 22 -8.31 -3.53 8.19
C TYR A 22 -7.06 -4.35 8.50
N GLY A 23 -5.89 -3.79 8.18
CA GLY A 23 -4.64 -4.49 8.44
C GLY A 23 -3.48 -3.53 8.60
N LYS A 24 -2.27 -4.09 8.68
CA LYS A 24 -1.07 -3.27 8.84
C LYS A 24 -0.23 -3.30 7.57
N ARG A 25 0.85 -2.52 7.57
CA ARG A 25 1.74 -2.45 6.42
C ARG A 25 3.10 -3.07 6.74
N THR A 26 3.78 -3.56 5.71
CA THR A 26 5.08 -4.19 5.88
C THR A 26 6.19 -3.28 5.36
N GLY A 27 6.29 -2.09 5.96
CA GLY A 27 7.33 -1.16 5.55
C GLY A 27 6.91 0.28 5.75
N SER A 28 7.80 1.09 6.33
CA SER A 28 7.51 2.50 6.58
C SER A 28 8.25 3.39 5.58
N SER A 29 9.00 2.77 4.68
CA SER A 29 9.76 3.50 3.68
C SER A 29 9.20 3.25 2.28
N PHE A 30 9.18 4.31 1.47
CA PHE A 30 8.68 4.20 0.11
C PHE A 30 9.61 4.90 -0.87
N LEU A 31 10.33 4.11 -1.65
CA LEU A 31 11.26 4.65 -2.64
C LEU A 31 10.82 4.30 -4.06
N HIS A 32 11.50 4.87 -5.05
CA HIS A 32 11.19 4.62 -6.44
C HIS A 32 11.39 3.15 -6.79
N GLY A 33 10.31 2.46 -7.14
CA GLY A 33 10.39 1.06 -7.49
C GLY A 33 10.07 0.15 -6.31
N ASP A 34 10.21 0.69 -5.10
CA ASP A 34 9.93 -0.08 -3.89
C ASP A 34 8.56 -0.75 -3.97
N THR A 35 8.41 -1.88 -3.27
CA THR A 35 7.16 -2.61 -3.28
C THR A 35 6.57 -2.69 -1.87
N LEU A 36 5.29 -2.33 -1.75
CA LEU A 36 4.61 -2.37 -0.46
C LEU A 36 3.49 -3.41 -0.46
N THR A 37 3.64 -4.42 0.39
CA THR A 37 2.66 -5.48 0.49
C THR A 37 1.73 -5.26 1.68
N PHE A 38 0.59 -5.94 1.67
CA PHE A 38 -0.39 -5.81 2.75
C PHE A 38 -0.93 -7.17 3.15
N GLU A 39 -1.35 -7.29 4.40
CA GLU A 39 -1.89 -8.55 4.92
C GLU A 39 -3.05 -8.29 5.88
N CYS A 40 -4.03 -9.19 5.87
CA CYS A 40 -5.20 -9.06 6.74
C CYS A 40 -5.30 -10.26 7.69
N PRO A 41 -5.94 -10.04 8.85
CA PRO A 41 -6.13 -11.07 9.86
C PRO A 41 -7.10 -12.17 9.40
N ALA A 42 -7.36 -13.12 10.29
CA ALA A 42 -8.27 -14.22 9.99
C ALA A 42 -9.68 -13.71 9.76
N ALA A 43 -10.49 -14.52 9.07
CA ALA A 43 -11.88 -14.15 8.78
C ALA A 43 -11.94 -13.02 7.76
N PHE A 44 -11.10 -13.11 6.73
CA PHE A 44 -11.07 -12.10 5.68
C PHE A 44 -10.37 -12.64 4.43
N GLU A 45 -10.32 -11.82 3.39
CA GLU A 45 -9.68 -12.21 2.14
C GLU A 45 -9.03 -11.00 1.46
N LEU A 46 -8.16 -11.27 0.49
CA LEU A 46 -7.47 -10.22 -0.24
C LEU A 46 -8.22 -9.86 -1.52
N VAL A 47 -8.92 -8.73 -1.50
CA VAL A 47 -9.67 -8.28 -2.66
C VAL A 47 -8.95 -7.13 -3.37
N GLY A 48 -7.76 -7.42 -3.89
CA GLY A 48 -7.00 -6.41 -4.58
C GLY A 48 -5.55 -6.81 -4.78
N GLU A 49 -4.73 -5.87 -5.22
CA GLU A 49 -3.30 -6.14 -5.45
C GLU A 49 -2.57 -6.31 -4.14
N ARG A 50 -2.25 -7.56 -3.81
CA ARG A 50 -1.54 -7.87 -2.57
C ARG A 50 -0.37 -6.90 -2.36
N VAL A 51 0.28 -6.52 -3.45
CA VAL A 51 1.40 -5.60 -3.38
C VAL A 51 1.39 -4.63 -4.56
N ILE A 52 2.07 -3.50 -4.40
CA ILE A 52 2.14 -2.49 -5.45
C ILE A 52 3.57 -2.03 -5.68
N THR A 53 3.81 -1.37 -6.81
CA THR A 53 5.14 -0.87 -7.15
C THR A 53 5.10 0.61 -7.49
N CYS A 54 6.06 1.36 -6.98
CA CYS A 54 6.14 2.79 -7.23
C CYS A 54 6.91 3.08 -8.51
N GLN A 55 6.19 3.47 -9.55
CA GLN A 55 6.80 3.77 -10.85
C GLN A 55 7.88 4.83 -10.69
N GLN A 56 8.54 5.16 -11.80
CA GLN A 56 9.60 6.15 -11.80
C GLN A 56 9.02 7.56 -11.89
N ASN A 57 7.69 7.66 -11.92
CA ASN A 57 7.01 8.94 -11.99
C ASN A 57 6.31 9.27 -10.67
N ASN A 58 7.05 9.13 -9.57
CA ASN A 58 6.51 9.42 -8.25
C ASN A 58 5.06 8.99 -8.15
N GLN A 59 4.74 7.83 -8.73
CA GLN A 59 3.38 7.31 -8.70
C GLN A 59 3.39 5.79 -8.55
N TRP A 60 2.25 5.24 -8.14
CA TRP A 60 2.12 3.80 -7.96
C TRP A 60 1.42 3.16 -9.15
N SER A 61 1.79 1.91 -9.43
CA SER A 61 1.20 1.18 -10.54
C SER A 61 -0.08 0.47 -10.12
N GLY A 62 -0.39 0.54 -8.83
CA GLY A 62 -1.58 -0.10 -8.31
C GLY A 62 -2.02 0.47 -6.98
N ASN A 63 -3.33 0.45 -6.72
CA ASN A 63 -3.87 0.98 -5.49
C ASN A 63 -3.88 -0.08 -4.39
N LYS A 64 -3.52 0.32 -3.17
CA LYS A 64 -3.48 -0.60 -2.04
C LYS A 64 -4.65 -1.57 -2.09
N PRO A 65 -4.40 -2.82 -1.67
CA PRO A 65 -5.42 -3.87 -1.65
C PRO A 65 -6.49 -3.62 -0.59
N SER A 66 -7.41 -4.57 -0.45
CA SER A 66 -8.48 -4.46 0.53
C SER A 66 -8.71 -5.78 1.25
N CYS A 67 -9.38 -5.72 2.39
CA CYS A 67 -9.67 -6.90 3.18
C CYS A 67 -11.17 -7.06 3.40
N SER A 68 -11.73 -8.16 2.89
CA SER A 68 -13.15 -8.43 3.03
C SER A 68 -13.42 -9.93 3.08
N GLY A 69 -14.70 -10.29 3.11
CA GLY A 69 -15.07 -11.69 3.15
C GLY A 69 -16.38 -11.97 2.43
N PRO A 70 -16.70 -13.25 2.24
CA PRO A 70 -17.93 -13.68 1.57
C PRO A 70 -19.18 -13.39 2.40
N SER A 71 -20.32 -13.90 1.94
CA SER A 71 -21.58 -13.69 2.63
C SER A 71 -21.93 -14.89 3.51
N SER A 72 -22.92 -14.72 4.37
CA SER A 72 -23.34 -15.78 5.27
C SER A 72 -23.90 -16.97 4.49
N GLY A 73 -23.83 -18.15 5.09
CA GLY A 73 -24.33 -19.35 4.43
C GLY A 73 -25.73 -19.71 4.87
N GLY A 1 25.37 -0.57 7.12
CA GLY A 1 26.11 0.55 6.56
C GLY A 1 26.72 0.24 5.21
N SER A 2 25.96 -0.47 4.37
CA SER A 2 26.44 -0.85 3.05
C SER A 2 25.39 -0.52 1.99
N SER A 3 25.85 -0.04 0.84
CA SER A 3 24.96 0.32 -0.26
C SER A 3 24.20 1.60 0.05
N GLY A 4 24.83 2.47 0.85
CA GLY A 4 24.20 3.73 1.21
C GLY A 4 24.36 4.79 0.13
N SER A 5 23.87 5.99 0.41
CA SER A 5 23.95 7.08 -0.55
C SER A 5 24.32 8.39 0.15
N SER A 6 24.70 9.38 -0.65
CA SER A 6 25.09 10.68 -0.11
C SER A 6 24.08 11.17 0.94
N GLY A 7 22.81 11.17 0.56
CA GLY A 7 21.77 11.61 1.46
C GLY A 7 20.53 10.74 1.39
N GLU A 8 20.20 10.07 2.50
CA GLU A 8 19.03 9.20 2.55
C GLU A 8 17.98 9.76 3.50
N ILE A 9 16.82 10.10 2.96
CA ILE A 9 15.73 10.66 3.76
C ILE A 9 14.52 9.73 3.74
N GLU A 10 13.60 9.95 4.67
CA GLU A 10 12.40 9.13 4.76
C GLU A 10 11.37 9.55 3.70
N LYS A 11 11.79 10.46 2.83
CA LYS A 11 10.92 10.95 1.77
C LYS A 11 11.68 11.11 0.46
N GLY A 12 10.97 11.03 -0.66
CA GLY A 12 11.60 11.17 -1.96
C GLY A 12 10.93 10.34 -3.03
N GLY A 13 10.47 9.14 -2.65
CA GLY A 13 9.81 8.26 -3.60
C GLY A 13 8.38 8.68 -3.87
N CYS A 14 7.49 7.70 -3.99
CA CYS A 14 6.08 7.97 -4.25
C CYS A 14 5.31 8.15 -2.95
N GLY A 15 5.99 8.67 -1.93
CA GLY A 15 5.35 8.89 -0.65
C GLY A 15 4.75 7.62 -0.08
N ASP A 16 3.48 7.37 -0.41
CA ASP A 16 2.78 6.19 0.07
C ASP A 16 1.47 5.99 -0.67
N PRO A 17 1.11 4.72 -0.91
CA PRO A 17 -0.12 4.37 -1.62
C PRO A 17 -1.37 4.66 -0.79
N GLY A 18 -1.36 4.24 0.48
CA GLY A 18 -2.49 4.47 1.35
C GLY A 18 -2.93 3.21 2.06
N ILE A 19 -3.00 3.26 3.39
CA ILE A 19 -3.42 2.12 4.18
C ILE A 19 -4.92 2.10 4.37
N PRO A 20 -5.52 0.90 4.27
CA PRO A 20 -6.96 0.73 4.43
C PRO A 20 -7.42 0.93 5.87
N ALA A 21 -8.69 0.63 6.13
CA ALA A 21 -9.24 0.78 7.47
C ALA A 21 -9.60 -0.58 8.08
N TYR A 22 -8.89 -1.61 7.65
CA TYR A 22 -9.14 -2.96 8.15
C TYR A 22 -7.83 -3.63 8.61
N GLY A 23 -6.75 -3.33 7.90
CA GLY A 23 -5.46 -3.90 8.24
C GLY A 23 -4.37 -2.86 8.31
N LYS A 24 -3.13 -3.28 8.08
CA LYS A 24 -1.98 -2.38 8.12
C LYS A 24 -1.01 -2.68 6.98
N ARG A 25 0.02 -1.86 6.86
CA ARG A 25 1.03 -2.05 5.82
C ARG A 25 2.34 -2.56 6.41
N THR A 26 3.03 -3.40 5.65
CA THR A 26 4.30 -3.96 6.10
C THR A 26 5.48 -3.25 5.44
N GLY A 27 5.77 -2.05 5.90
CA GLY A 27 6.87 -1.29 5.34
C GLY A 27 6.81 0.18 5.72
N SER A 28 7.93 0.72 6.19
CA SER A 28 8.00 2.12 6.59
C SER A 28 8.93 2.90 5.66
N SER A 29 9.21 2.33 4.50
CA SER A 29 10.08 2.98 3.53
C SER A 29 9.47 2.94 2.13
N PHE A 30 9.52 4.06 1.43
CA PHE A 30 8.97 4.16 0.09
C PHE A 30 9.94 4.88 -0.85
N LEU A 31 10.57 4.12 -1.74
CA LEU A 31 11.52 4.69 -2.68
C LEU A 31 11.02 4.53 -4.12
N HIS A 32 11.71 5.17 -5.05
CA HIS A 32 11.34 5.10 -6.47
C HIS A 32 11.58 3.70 -7.02
N GLY A 33 10.69 2.78 -6.69
CA GLY A 33 10.82 1.42 -7.17
C GLY A 33 10.69 0.40 -6.06
N ASP A 34 10.22 0.85 -4.89
CA ASP A 34 10.05 -0.03 -3.74
C ASP A 34 8.78 -0.88 -3.88
N THR A 35 8.59 -1.80 -2.94
CA THR A 35 7.43 -2.67 -2.96
C THR A 35 6.85 -2.85 -1.55
N LEU A 36 5.57 -2.59 -1.41
CA LEU A 36 4.90 -2.73 -0.12
C LEU A 36 3.87 -3.85 -0.15
N THR A 37 3.81 -4.63 0.92
CA THR A 37 2.86 -5.74 1.01
C THR A 37 1.81 -5.48 2.09
N PHE A 38 0.56 -5.81 1.78
CA PHE A 38 -0.53 -5.62 2.73
C PHE A 38 -1.13 -6.96 3.14
N GLU A 39 -1.68 -7.01 4.35
CA GLU A 39 -2.29 -8.22 4.86
C GLU A 39 -3.43 -7.89 5.83
N CYS A 40 -4.40 -8.79 5.91
CA CYS A 40 -5.55 -8.61 6.79
C CYS A 40 -5.68 -9.77 7.78
N PRO A 41 -6.19 -9.47 8.98
CA PRO A 41 -6.38 -10.46 10.03
C PRO A 41 -7.49 -11.46 9.70
N ALA A 42 -7.79 -12.35 10.63
CA ALA A 42 -8.82 -13.36 10.44
C ALA A 42 -10.19 -12.71 10.26
N ALA A 43 -11.14 -13.47 9.75
CA ALA A 43 -12.49 -12.97 9.52
C ALA A 43 -12.52 -11.95 8.38
N PHE A 44 -11.65 -12.15 7.40
CA PHE A 44 -11.57 -11.26 6.25
C PHE A 44 -10.99 -11.98 5.03
N GLU A 45 -11.09 -11.34 3.87
CA GLU A 45 -10.58 -11.92 2.64
C GLU A 45 -9.91 -10.86 1.78
N LEU A 46 -8.68 -11.15 1.35
CA LEU A 46 -7.92 -10.22 0.51
C LEU A 46 -8.58 -10.06 -0.86
N VAL A 47 -8.94 -8.83 -1.19
CA VAL A 47 -9.57 -8.54 -2.48
C VAL A 47 -8.81 -7.45 -3.23
N GLY A 48 -7.70 -7.85 -3.86
CA GLY A 48 -6.90 -6.90 -4.61
C GLY A 48 -5.43 -7.29 -4.67
N GLU A 49 -4.61 -6.40 -5.21
CA GLU A 49 -3.18 -6.67 -5.33
C GLU A 49 -2.54 -6.81 -3.96
N ARG A 50 -1.60 -7.74 -3.84
CA ARG A 50 -0.91 -7.99 -2.57
C ARG A 50 0.27 -7.04 -2.42
N VAL A 51 0.80 -6.56 -3.54
CA VAL A 51 1.94 -5.64 -3.52
C VAL A 51 1.96 -4.78 -4.77
N ILE A 52 2.66 -3.65 -4.69
CA ILE A 52 2.77 -2.74 -5.83
C ILE A 52 4.18 -2.20 -5.97
N THR A 53 4.43 -1.45 -7.04
CA THR A 53 5.74 -0.87 -7.29
C THR A 53 5.63 0.59 -7.73
N CYS A 54 6.30 1.47 -6.99
CA CYS A 54 6.27 2.90 -7.30
C CYS A 54 7.07 3.19 -8.56
N GLN A 55 6.50 4.00 -9.44
CA GLN A 55 7.16 4.37 -10.70
C GLN A 55 7.90 5.69 -10.55
N GLN A 56 8.49 6.15 -11.64
CA GLN A 56 9.25 7.40 -11.63
C GLN A 56 8.32 8.60 -11.82
N ASN A 57 7.04 8.40 -11.53
CA ASN A 57 6.05 9.46 -11.68
C ASN A 57 5.34 9.72 -10.35
N ASN A 58 6.11 9.70 -9.26
CA ASN A 58 5.55 9.93 -7.93
C ASN A 58 4.18 9.28 -7.80
N GLN A 59 4.00 8.14 -8.47
CA GLN A 59 2.73 7.42 -8.42
C GLN A 59 2.95 5.92 -8.52
N TRP A 60 2.11 5.16 -7.84
CA TRP A 60 2.22 3.71 -7.84
C TRP A 60 1.62 3.12 -9.12
N SER A 61 1.88 1.84 -9.35
CA SER A 61 1.37 1.16 -10.54
C SER A 61 0.08 0.39 -10.21
N GLY A 62 -0.41 0.58 -9.00
CA GLY A 62 -1.62 -0.11 -8.58
C GLY A 62 -2.25 0.52 -7.36
N ASN A 63 -3.56 0.37 -7.22
CA ASN A 63 -4.28 0.92 -6.08
C ASN A 63 -4.14 0.02 -4.85
N LYS A 64 -4.45 0.57 -3.69
CA LYS A 64 -4.36 -0.18 -2.44
C LYS A 64 -5.42 -1.27 -2.38
N PRO A 65 -5.07 -2.42 -1.78
CA PRO A 65 -5.98 -3.56 -1.65
C PRO A 65 -7.11 -3.28 -0.67
N SER A 66 -7.92 -4.30 -0.40
CA SER A 66 -9.05 -4.16 0.51
C SER A 66 -9.40 -5.51 1.14
N CYS A 67 -9.90 -5.47 2.37
CA CYS A 67 -10.28 -6.69 3.08
C CYS A 67 -11.80 -6.75 3.27
N SER A 68 -12.43 -7.74 2.65
CA SER A 68 -13.88 -7.91 2.76
C SER A 68 -14.22 -9.34 3.15
N GLY A 69 -15.30 -9.49 3.92
CA GLY A 69 -15.72 -10.81 4.36
C GLY A 69 -17.23 -10.97 4.34
N PRO A 70 -17.70 -12.19 4.61
CA PRO A 70 -19.13 -12.51 4.63
C PRO A 70 -19.85 -11.86 5.81
N SER A 71 -20.41 -10.68 5.57
CA SER A 71 -21.13 -9.95 6.62
C SER A 71 -22.59 -10.37 6.68
N SER A 72 -22.84 -11.67 6.50
CA SER A 72 -24.19 -12.20 6.54
C SER A 72 -24.55 -12.71 7.93
N GLY A 73 -25.77 -13.23 8.06
CA GLY A 73 -26.21 -13.74 9.34
C GLY A 73 -26.94 -12.69 10.17
N GLY A 1 8.38 -14.60 2.29
CA GLY A 1 9.81 -14.33 2.37
C GLY A 1 10.24 -13.21 1.44
N SER A 2 11.04 -12.29 1.96
CA SER A 2 11.52 -11.16 1.17
C SER A 2 12.35 -11.64 -0.02
N SER A 3 12.24 -10.93 -1.13
CA SER A 3 12.98 -11.28 -2.34
C SER A 3 13.91 -10.16 -2.77
N GLY A 4 15.02 -10.02 -2.06
CA GLY A 4 15.98 -8.97 -2.37
C GLY A 4 16.83 -8.58 -1.18
N SER A 5 17.92 -7.87 -1.44
CA SER A 5 18.82 -7.44 -0.37
C SER A 5 18.81 -5.92 -0.24
N SER A 6 19.47 -5.42 0.81
CA SER A 6 19.54 -3.98 1.06
C SER A 6 20.70 -3.35 0.29
N GLY A 7 21.21 -4.09 -0.70
CA GLY A 7 22.33 -3.58 -1.49
C GLY A 7 21.93 -2.42 -2.38
N GLU A 8 22.13 -2.56 -3.68
CA GLU A 8 21.79 -1.51 -4.62
C GLU A 8 20.51 -0.80 -4.21
N ILE A 9 20.61 0.51 -3.98
CA ILE A 9 19.45 1.31 -3.58
C ILE A 9 19.35 2.58 -4.41
N GLU A 10 18.12 3.03 -4.64
CA GLU A 10 17.88 4.24 -5.42
C GLU A 10 16.94 5.19 -4.68
N LYS A 11 17.04 6.48 -5.00
CA LYS A 11 16.20 7.49 -4.37
C LYS A 11 14.88 7.63 -5.11
N GLY A 12 13.92 8.31 -4.47
CA GLY A 12 12.62 8.50 -5.09
C GLY A 12 11.52 7.77 -4.35
N GLY A 13 10.52 7.29 -5.09
CA GLY A 13 9.42 6.58 -4.49
C GLY A 13 8.07 7.23 -4.79
N CYS A 14 7.03 6.74 -4.14
CA CYS A 14 5.69 7.27 -4.34
C CYS A 14 5.34 8.29 -3.27
N GLY A 15 5.05 7.80 -2.06
CA GLY A 15 4.70 8.68 -0.96
C GLY A 15 3.80 8.01 0.05
N ASP A 16 2.77 8.73 0.49
CA ASP A 16 1.82 8.20 1.47
C ASP A 16 0.47 7.89 0.81
N PRO A 17 0.41 6.74 0.12
CA PRO A 17 -0.82 6.30 -0.55
C PRO A 17 -1.92 5.91 0.42
N GLY A 18 -1.63 6.06 1.71
CA GLY A 18 -2.62 5.71 2.72
C GLY A 18 -2.57 4.25 3.11
N ILE A 19 -3.11 3.93 4.28
CA ILE A 19 -3.13 2.55 4.76
C ILE A 19 -4.53 1.94 4.66
N PRO A 20 -4.60 0.68 4.22
CA PRO A 20 -5.87 -0.04 4.08
C PRO A 20 -6.52 -0.36 5.42
N ALA A 21 -7.83 -0.17 5.49
CA ALA A 21 -8.57 -0.44 6.72
C ALA A 21 -8.34 -1.87 7.19
N TYR A 22 -8.50 -2.09 8.49
CA TYR A 22 -8.30 -3.41 9.07
C TYR A 22 -7.19 -4.17 8.36
N GLY A 23 -6.19 -3.42 7.88
CA GLY A 23 -5.07 -4.03 7.20
C GLY A 23 -3.75 -3.38 7.55
N LYS A 24 -2.84 -4.18 8.10
CA LYS A 24 -1.53 -3.68 8.50
C LYS A 24 -0.54 -3.76 7.33
N ARG A 25 0.24 -2.70 7.15
CA ARG A 25 1.22 -2.65 6.07
C ARG A 25 2.63 -2.90 6.60
N THR A 26 3.44 -3.57 5.80
CA THR A 26 4.81 -3.89 6.18
C THR A 26 5.81 -2.99 5.46
N GLY A 27 5.95 -1.75 5.95
CA GLY A 27 6.87 -0.81 5.34
C GLY A 27 6.49 0.63 5.62
N SER A 28 7.45 1.40 6.13
CA SER A 28 7.21 2.80 6.44
C SER A 28 7.89 3.71 5.43
N SER A 29 8.72 3.12 4.57
CA SER A 29 9.44 3.87 3.55
C SER A 29 8.99 3.46 2.15
N PHE A 30 8.91 4.43 1.25
CA PHE A 30 8.49 4.17 -0.13
C PHE A 30 9.48 4.79 -1.11
N LEU A 31 10.26 3.95 -1.76
CA LEU A 31 11.25 4.41 -2.74
C LEU A 31 10.91 3.90 -4.13
N HIS A 32 11.62 4.41 -5.14
CA HIS A 32 11.39 4.00 -6.52
C HIS A 32 11.73 2.53 -6.72
N GLY A 33 10.75 1.74 -7.16
CA GLY A 33 10.96 0.33 -7.37
C GLY A 33 10.57 -0.51 -6.18
N ASP A 34 10.50 0.13 -5.01
CA ASP A 34 10.15 -0.57 -3.78
C ASP A 34 8.78 -1.25 -3.92
N THR A 35 8.31 -1.86 -2.83
CA THR A 35 7.03 -2.54 -2.83
C THR A 35 6.42 -2.55 -1.44
N LEU A 36 5.09 -2.46 -1.39
CA LEU A 36 4.36 -2.45 -0.12
C LEU A 36 3.56 -3.73 0.05
N THR A 37 3.93 -4.54 1.04
CA THR A 37 3.24 -5.79 1.31
C THR A 37 2.06 -5.58 2.25
N PHE A 38 1.01 -6.37 2.07
CA PHE A 38 -0.19 -6.27 2.91
C PHE A 38 -0.60 -7.63 3.44
N GLU A 39 -1.48 -7.64 4.43
CA GLU A 39 -1.95 -8.88 5.03
C GLU A 39 -3.27 -8.66 5.77
N CYS A 40 -4.32 -9.34 5.30
CA CYS A 40 -5.64 -9.21 5.91
C CYS A 40 -5.90 -10.38 6.87
N PRO A 41 -6.74 -10.13 7.88
CA PRO A 41 -7.10 -11.14 8.88
C PRO A 41 -7.97 -12.25 8.30
N ALA A 42 -8.00 -13.38 8.98
CA ALA A 42 -8.80 -14.53 8.53
C ALA A 42 -10.27 -14.13 8.38
N ALA A 43 -10.66 -13.05 9.04
CA ALA A 43 -12.03 -12.57 8.98
C ALA A 43 -12.39 -12.07 7.58
N PHE A 44 -11.36 -11.89 6.76
CA PHE A 44 -11.55 -11.41 5.39
C PHE A 44 -10.51 -12.01 4.45
N GLU A 45 -10.70 -11.78 3.16
CA GLU A 45 -9.78 -12.31 2.15
C GLU A 45 -9.26 -11.19 1.26
N LEU A 46 -7.96 -11.19 1.00
CA LEU A 46 -7.34 -10.17 0.16
C LEU A 46 -8.19 -9.89 -1.07
N VAL A 47 -8.48 -8.62 -1.32
CA VAL A 47 -9.28 -8.21 -2.47
C VAL A 47 -8.57 -7.14 -3.28
N GLY A 48 -7.41 -7.50 -3.85
CA GLY A 48 -6.66 -6.55 -4.65
C GLY A 48 -5.22 -6.99 -4.85
N GLU A 49 -4.35 -6.03 -5.15
CA GLU A 49 -2.93 -6.32 -5.36
C GLU A 49 -2.21 -6.50 -4.04
N ARG A 50 -1.94 -7.75 -3.69
CA ARG A 50 -1.25 -8.07 -2.44
C ARG A 50 -0.03 -7.17 -2.26
N VAL A 51 0.51 -6.67 -3.36
CA VAL A 51 1.67 -5.80 -3.33
C VAL A 51 1.73 -4.89 -4.56
N ILE A 52 2.04 -3.62 -4.34
CA ILE A 52 2.14 -2.67 -5.43
C ILE A 52 3.55 -2.12 -5.57
N THR A 53 3.85 -1.54 -6.73
CA THR A 53 5.16 -0.99 -7.00
C THR A 53 5.06 0.45 -7.51
N CYS A 54 6.07 1.26 -7.18
CA CYS A 54 6.09 2.65 -7.60
C CYS A 54 6.69 2.79 -8.99
N GLN A 55 6.51 3.95 -9.60
CA GLN A 55 7.04 4.21 -10.93
C GLN A 55 7.94 5.45 -10.94
N GLN A 56 8.55 5.72 -12.09
CA GLN A 56 9.44 6.87 -12.21
C GLN A 56 8.64 8.16 -12.28
N ASN A 57 7.32 8.04 -12.23
CA ASN A 57 6.43 9.21 -12.27
C ASN A 57 5.95 9.58 -10.87
N ASN A 58 6.62 9.04 -9.86
CA ASN A 58 6.26 9.32 -8.47
C ASN A 58 4.83 8.90 -8.19
N GLN A 59 4.35 7.90 -8.93
CA GLN A 59 2.99 7.40 -8.75
C GLN A 59 2.98 5.88 -8.59
N TRP A 60 1.95 5.38 -7.91
CA TRP A 60 1.84 3.94 -7.68
C TRP A 60 1.19 3.25 -8.89
N SER A 61 1.80 2.18 -9.34
CA SER A 61 1.29 1.44 -10.49
C SER A 61 -0.07 0.82 -10.17
N GLY A 62 -0.38 0.72 -8.88
CA GLY A 62 -1.65 0.15 -8.46
C GLY A 62 -2.11 0.69 -7.13
N ASN A 63 -3.43 0.83 -6.97
CA ASN A 63 -4.01 1.35 -5.74
C ASN A 63 -3.99 0.27 -4.65
N LYS A 64 -3.55 0.66 -3.46
CA LYS A 64 -3.49 -0.26 -2.33
C LYS A 64 -4.65 -1.26 -2.37
N PRO A 65 -4.39 -2.50 -1.95
CA PRO A 65 -5.39 -3.57 -1.94
C PRO A 65 -6.45 -3.33 -0.87
N SER A 66 -7.39 -4.27 -0.75
CA SER A 66 -8.46 -4.17 0.22
C SER A 66 -8.70 -5.52 0.91
N CYS A 67 -9.53 -5.51 1.95
CA CYS A 67 -9.85 -6.72 2.69
C CYS A 67 -11.36 -6.85 2.90
N SER A 68 -11.95 -7.89 2.34
CA SER A 68 -13.39 -8.13 2.47
C SER A 68 -13.73 -9.57 2.14
N GLY A 69 -14.99 -9.95 2.37
CA GLY A 69 -15.43 -11.30 2.09
C GLY A 69 -16.64 -11.70 2.90
N PRO A 70 -17.51 -12.53 2.32
CA PRO A 70 -18.73 -13.00 2.98
C PRO A 70 -18.42 -13.97 4.12
N SER A 71 -18.76 -13.56 5.34
CA SER A 71 -18.52 -14.39 6.52
C SER A 71 -19.83 -14.90 7.10
N SER A 72 -20.68 -15.45 6.24
CA SER A 72 -21.97 -15.98 6.67
C SER A 72 -22.02 -17.50 6.52
N GLY A 73 -22.11 -18.20 7.65
CA GLY A 73 -22.17 -19.65 7.61
C GLY A 73 -23.58 -20.17 7.47
N GLY A 1 -11.18 11.15 19.26
CA GLY A 1 -11.04 11.57 17.88
C GLY A 1 -9.97 12.64 17.70
N SER A 2 -8.96 12.60 18.57
CA SER A 2 -7.88 13.57 18.51
C SER A 2 -7.54 13.93 17.06
N SER A 3 -7.45 15.22 16.78
CA SER A 3 -7.14 15.70 15.44
C SER A 3 -5.63 15.75 15.22
N GLY A 4 -5.06 14.62 14.81
CA GLY A 4 -3.63 14.56 14.58
C GLY A 4 -3.30 14.03 13.20
N SER A 5 -3.14 14.94 12.23
CA SER A 5 -2.82 14.56 10.86
C SER A 5 -1.32 14.32 10.70
N SER A 6 -0.53 15.17 11.34
CA SER A 6 0.93 15.05 11.26
C SER A 6 1.38 13.63 11.60
N GLY A 7 2.36 13.14 10.86
CA GLY A 7 2.87 11.79 11.10
C GLY A 7 4.28 11.61 10.58
N GLU A 8 4.40 11.31 9.28
CA GLU A 8 5.69 11.11 8.66
C GLU A 8 5.78 11.82 7.32
N ILE A 9 6.65 12.82 7.24
CA ILE A 9 6.82 13.58 6.01
C ILE A 9 8.24 13.42 5.46
N GLU A 10 8.42 12.42 4.60
CA GLU A 10 9.72 12.15 4.00
C GLU A 10 9.59 11.91 2.50
N LYS A 11 10.07 12.86 1.70
CA LYS A 11 10.00 12.74 0.25
C LYS A 11 10.80 11.53 -0.24
N GLY A 12 10.39 10.99 -1.38
CA GLY A 12 11.08 9.83 -1.94
C GLY A 12 10.11 8.82 -2.53
N GLY A 13 10.64 7.97 -3.42
CA GLY A 13 9.80 6.96 -4.05
C GLY A 13 8.43 7.50 -4.42
N CYS A 14 7.39 6.86 -3.91
CA CYS A 14 6.01 7.27 -4.20
C CYS A 14 5.67 8.56 -3.46
N GLY A 15 5.49 8.45 -2.15
CA GLY A 15 5.15 9.61 -1.35
C GLY A 15 4.42 9.25 -0.07
N ASP A 16 3.14 8.93 -0.20
CA ASP A 16 2.32 8.56 0.96
C ASP A 16 0.99 7.97 0.51
N PRO A 17 1.01 6.68 0.15
CA PRO A 17 -0.20 5.98 -0.31
C PRO A 17 -1.19 5.75 0.83
N GLY A 18 -0.67 5.48 2.02
CA GLY A 18 -1.53 5.24 3.16
C GLY A 18 -1.80 3.77 3.41
N ILE A 19 -2.79 3.47 4.24
CA ILE A 19 -3.13 2.09 4.55
C ILE A 19 -4.57 1.78 4.17
N PRO A 20 -4.79 0.59 3.59
CA PRO A 20 -6.13 0.16 3.17
C PRO A 20 -7.04 -0.14 4.36
N ALA A 21 -8.34 -0.16 4.10
CA ALA A 21 -9.32 -0.44 5.14
C ALA A 21 -9.13 -1.84 5.73
N TYR A 22 -9.30 -1.96 7.03
CA TYR A 22 -9.14 -3.24 7.71
C TYR A 22 -7.97 -4.03 7.13
N GLY A 23 -6.85 -3.35 6.95
CA GLY A 23 -5.67 -3.99 6.40
C GLY A 23 -4.44 -3.82 7.27
N LYS A 24 -3.31 -4.31 6.80
CA LYS A 24 -2.06 -4.21 7.55
C LYS A 24 -1.00 -3.47 6.74
N ARG A 25 0.00 -2.91 7.42
CA ARG A 25 1.07 -2.18 6.76
C ARG A 25 2.42 -2.49 7.42
N THR A 26 3.32 -3.10 6.65
CA THR A 26 4.64 -3.45 7.15
C THR A 26 5.74 -2.89 6.25
N GLY A 27 6.45 -1.89 6.75
CA GLY A 27 7.52 -1.28 5.99
C GLY A 27 7.43 0.23 5.96
N SER A 28 6.24 0.75 5.69
CA SER A 28 6.01 2.18 5.62
C SER A 28 7.14 2.87 4.85
N SER A 29 7.66 2.18 3.85
CA SER A 29 8.75 2.73 3.04
C SER A 29 8.33 2.83 1.58
N PHE A 30 8.64 3.96 0.96
CA PHE A 30 8.29 4.19 -0.45
C PHE A 30 9.48 4.76 -1.22
N LEU A 31 10.09 3.94 -2.05
CA LEU A 31 11.25 4.36 -2.84
C LEU A 31 10.92 4.33 -4.34
N HIS A 32 11.83 4.86 -5.14
CA HIS A 32 11.64 4.90 -6.59
C HIS A 32 11.74 3.50 -7.18
N GLY A 33 10.69 2.70 -6.98
CA GLY A 33 10.67 1.35 -7.50
C GLY A 33 10.66 0.30 -6.40
N ASP A 34 9.83 0.53 -5.39
CA ASP A 34 9.71 -0.40 -4.27
C ASP A 34 8.34 -1.07 -4.25
N THR A 35 8.12 -1.93 -3.26
CA THR A 35 6.86 -2.63 -3.13
C THR A 35 6.45 -2.79 -1.67
N LEU A 36 5.19 -2.52 -1.37
CA LEU A 36 4.68 -2.63 -0.01
C LEU A 36 3.93 -3.94 0.19
N THR A 37 4.13 -4.57 1.34
CA THR A 37 3.46 -5.83 1.65
C THR A 37 2.30 -5.61 2.62
N PHE A 38 1.09 -5.85 2.14
CA PHE A 38 -0.11 -5.69 2.97
C PHE A 38 -0.63 -7.03 3.44
N GLU A 39 -1.41 -7.01 4.52
CA GLU A 39 -1.97 -8.23 5.08
C GLU A 39 -3.34 -7.96 5.72
N CYS A 40 -4.34 -8.73 5.33
CA CYS A 40 -5.68 -8.58 5.86
C CYS A 40 -5.97 -9.63 6.93
N PRO A 41 -6.86 -9.29 7.87
CA PRO A 41 -7.24 -10.18 8.97
C PRO A 41 -8.07 -11.36 8.49
N ALA A 42 -8.03 -12.45 9.24
CA ALA A 42 -8.78 -13.66 8.89
C ALA A 42 -10.25 -13.32 8.63
N ALA A 43 -10.78 -12.37 9.38
CA ALA A 43 -12.18 -11.96 9.23
C ALA A 43 -12.48 -11.60 7.78
N PHE A 44 -11.44 -11.26 7.02
CA PHE A 44 -11.60 -10.89 5.63
C PHE A 44 -10.57 -11.60 4.76
N GLU A 45 -10.82 -11.63 3.45
CA GLU A 45 -9.92 -12.28 2.51
C GLU A 45 -9.20 -11.25 1.65
N LEU A 46 -7.87 -11.40 1.53
CA LEU A 46 -7.07 -10.49 0.74
C LEU A 46 -7.61 -10.36 -0.68
N VAL A 47 -7.63 -9.14 -1.19
CA VAL A 47 -8.13 -8.89 -2.55
C VAL A 47 -7.47 -7.65 -3.15
N GLY A 48 -7.54 -7.54 -4.47
CA GLY A 48 -6.95 -6.41 -5.15
C GLY A 48 -5.49 -6.62 -5.48
N GLU A 49 -4.61 -5.84 -4.87
CA GLU A 49 -3.18 -5.96 -5.10
C GLU A 49 -2.41 -6.10 -3.79
N ARG A 50 -2.38 -7.33 -3.27
CA ARG A 50 -1.68 -7.60 -2.02
C ARG A 50 -0.42 -6.74 -1.89
N VAL A 51 0.18 -6.43 -3.03
CA VAL A 51 1.40 -5.62 -3.05
C VAL A 51 1.52 -4.84 -4.35
N ILE A 52 1.69 -3.52 -4.23
CA ILE A 52 1.82 -2.66 -5.39
C ILE A 52 3.26 -2.23 -5.60
N THR A 53 3.53 -1.62 -6.75
CA THR A 53 4.88 -1.15 -7.08
C THR A 53 4.88 0.32 -7.44
N CYS A 54 5.95 1.01 -7.09
CA CYS A 54 6.08 2.44 -7.38
C CYS A 54 6.78 2.67 -8.72
N GLN A 55 6.28 3.63 -9.48
CA GLN A 55 6.84 3.95 -10.79
C GLN A 55 7.93 5.02 -10.66
N GLN A 56 8.48 5.43 -11.79
CA GLN A 56 9.52 6.45 -11.81
C GLN A 56 8.92 7.85 -11.79
N ASN A 57 7.60 7.93 -11.97
CA ASN A 57 6.91 9.20 -11.97
C ASN A 57 6.46 9.58 -10.56
N ASN A 58 7.03 8.91 -9.56
CA ASN A 58 6.69 9.18 -8.16
C ASN A 58 5.22 8.89 -7.90
N GLN A 59 4.74 7.78 -8.45
CA GLN A 59 3.34 7.38 -8.26
C GLN A 59 3.20 5.87 -8.28
N TRP A 60 2.15 5.38 -7.62
CA TRP A 60 1.90 3.94 -7.56
C TRP A 60 1.21 3.45 -8.83
N SER A 61 1.55 2.24 -9.25
CA SER A 61 0.97 1.66 -10.46
C SER A 61 -0.14 0.67 -10.11
N GLY A 62 -0.69 0.81 -8.90
CA GLY A 62 -1.75 -0.08 -8.46
C GLY A 62 -2.51 0.47 -7.26
N ASN A 63 -3.80 0.19 -7.21
CA ASN A 63 -4.63 0.66 -6.11
C ASN A 63 -4.35 -0.13 -4.84
N LYS A 64 -4.80 0.39 -3.71
CA LYS A 64 -4.60 -0.27 -2.42
C LYS A 64 -5.32 -1.62 -2.38
N PRO A 65 -4.69 -2.60 -1.71
CA PRO A 65 -5.25 -3.94 -1.58
C PRO A 65 -6.49 -3.98 -0.69
N SER A 66 -7.58 -4.51 -1.22
CA SER A 66 -8.83 -4.59 -0.47
C SER A 66 -9.02 -5.98 0.13
N CYS A 67 -9.82 -6.07 1.18
CA CYS A 67 -10.08 -7.33 1.85
C CYS A 67 -11.56 -7.69 1.80
N SER A 68 -11.89 -8.73 1.03
CA SER A 68 -13.28 -9.15 0.90
C SER A 68 -14.03 -9.01 2.22
N GLY A 69 -15.05 -8.15 2.23
CA GLY A 69 -15.82 -7.94 3.43
C GLY A 69 -17.22 -8.54 3.34
N PRO A 70 -17.90 -8.63 4.49
CA PRO A 70 -19.25 -9.19 4.56
C PRO A 70 -20.29 -8.27 3.90
N SER A 71 -19.98 -6.97 3.86
CA SER A 71 -20.88 -5.99 3.26
C SER A 71 -21.60 -6.58 2.04
N SER A 72 -22.89 -6.27 1.92
CA SER A 72 -23.68 -6.77 0.80
C SER A 72 -24.45 -5.63 0.13
N GLY A 73 -25.00 -5.91 -1.05
CA GLY A 73 -25.76 -4.90 -1.77
C GLY A 73 -26.87 -5.50 -2.59
N GLY A 1 -2.44 11.19 9.56
CA GLY A 1 -2.64 12.55 10.02
C GLY A 1 -2.51 13.58 8.91
N SER A 2 -2.85 14.82 9.20
CA SER A 2 -2.77 15.89 8.21
C SER A 2 -1.49 16.71 8.41
N SER A 3 -0.37 16.16 7.95
CA SER A 3 0.91 16.84 8.06
C SER A 3 1.18 17.25 9.52
N GLY A 4 0.79 16.39 10.46
CA GLY A 4 0.99 16.68 11.86
C GLY A 4 1.96 15.73 12.52
N SER A 5 1.42 14.79 13.30
CA SER A 5 2.24 13.81 14.00
C SER A 5 2.71 12.72 13.05
N SER A 6 3.86 12.13 13.35
CA SER A 6 4.42 11.07 12.51
C SER A 6 4.39 11.46 11.04
N GLY A 7 4.61 12.74 10.77
CA GLY A 7 4.61 13.22 9.40
C GLY A 7 5.96 13.76 8.98
N GLU A 8 6.78 12.90 8.38
CA GLU A 8 8.10 13.30 7.92
C GLU A 8 8.20 13.20 6.41
N ILE A 9 8.49 14.33 5.77
CA ILE A 9 8.62 14.37 4.31
C ILE A 9 9.80 13.51 3.84
N GLU A 10 9.89 13.31 2.53
CA GLU A 10 10.96 12.52 1.95
C GLU A 10 11.06 12.74 0.44
N LYS A 11 12.16 12.30 -0.14
CA LYS A 11 12.38 12.45 -1.57
C LYS A 11 12.77 11.11 -2.21
N GLY A 12 12.07 10.74 -3.26
CA GLY A 12 12.35 9.50 -3.94
C GLY A 12 11.31 8.43 -3.68
N GLY A 13 10.67 7.94 -4.74
CA GLY A 13 9.65 6.92 -4.59
C GLY A 13 8.25 7.46 -4.80
N CYS A 14 7.32 7.05 -3.95
CA CYS A 14 5.94 7.50 -4.06
C CYS A 14 5.57 8.42 -2.90
N GLY A 15 5.38 7.83 -1.72
CA GLY A 15 5.04 8.61 -0.55
C GLY A 15 3.97 7.94 0.31
N ASP A 16 2.90 8.68 0.61
CA ASP A 16 1.82 8.14 1.42
C ASP A 16 0.57 7.94 0.59
N PRO A 17 0.53 6.82 -0.15
CA PRO A 17 -0.61 6.47 -1.01
C PRO A 17 -1.85 6.11 -0.21
N GLY A 18 -1.66 5.83 1.08
CA GLY A 18 -2.78 5.47 1.94
C GLY A 18 -2.66 4.06 2.48
N ILE A 19 -3.31 3.81 3.61
CA ILE A 19 -3.27 2.50 4.25
C ILE A 19 -4.67 2.05 4.68
N PRO A 20 -4.97 0.77 4.45
CA PRO A 20 -6.27 0.18 4.80
C PRO A 20 -6.47 0.07 6.31
N ALA A 21 -7.67 0.35 6.77
CA ALA A 21 -7.99 0.28 8.20
C ALA A 21 -8.50 -1.11 8.57
N TYR A 22 -7.85 -2.15 8.05
CA TYR A 22 -8.25 -3.52 8.33
C TYR A 22 -7.04 -4.36 8.73
N GLY A 23 -5.90 -4.10 8.10
CA GLY A 23 -4.69 -4.84 8.39
C GLY A 23 -3.51 -3.93 8.68
N LYS A 24 -2.32 -4.42 8.37
CA LYS A 24 -1.10 -3.64 8.59
C LYS A 24 -0.15 -3.77 7.41
N ARG A 25 0.63 -2.72 7.16
CA ARG A 25 1.59 -2.73 6.06
C ARG A 25 3.02 -2.81 6.58
N THR A 26 3.77 -3.76 6.06
CA THR A 26 5.16 -3.95 6.47
C THR A 26 6.10 -3.06 5.65
N GLY A 27 6.47 -1.92 6.22
CA GLY A 27 7.36 -1.00 5.54
C GLY A 27 6.91 0.44 5.66
N SER A 28 7.86 1.33 5.90
CA SER A 28 7.56 2.76 6.05
C SER A 28 8.32 3.58 5.02
N SER A 29 9.33 2.96 4.40
CA SER A 29 10.12 3.64 3.39
C SER A 29 9.54 3.42 1.99
N PHE A 30 9.55 4.48 1.19
CA PHE A 30 9.02 4.41 -0.18
C PHE A 30 9.99 5.04 -1.17
N LEU A 31 10.64 4.19 -1.96
CA LEU A 31 11.60 4.67 -2.96
C LEU A 31 11.12 4.36 -4.36
N HIS A 32 11.82 4.89 -5.36
CA HIS A 32 11.46 4.66 -6.76
C HIS A 32 11.78 3.23 -7.16
N GLY A 33 10.98 2.29 -6.69
CA GLY A 33 11.20 0.89 -7.01
C GLY A 33 10.83 -0.04 -5.88
N ASP A 34 10.63 0.53 -4.69
CA ASP A 34 10.26 -0.25 -3.52
C ASP A 34 8.92 -0.95 -3.73
N THR A 35 8.45 -1.65 -2.70
CA THR A 35 7.18 -2.36 -2.77
C THR A 35 6.52 -2.45 -1.40
N LEU A 36 5.21 -2.23 -1.36
CA LEU A 36 4.46 -2.29 -0.11
C LEU A 36 3.55 -3.51 -0.08
N THR A 37 3.82 -4.43 0.84
CA THR A 37 3.03 -5.64 0.98
C THR A 37 1.98 -5.49 2.08
N PHE A 38 0.85 -6.15 1.91
CA PHE A 38 -0.23 -6.10 2.88
C PHE A 38 -0.73 -7.50 3.22
N GLU A 39 -1.46 -7.61 4.34
CA GLU A 39 -2.00 -8.88 4.78
C GLU A 39 -3.18 -8.69 5.72
N CYS A 40 -4.15 -9.59 5.64
CA CYS A 40 -5.33 -9.51 6.50
C CYS A 40 -5.47 -10.77 7.34
N PRO A 41 -6.03 -10.61 8.55
CA PRO A 41 -6.23 -11.72 9.50
C PRO A 41 -7.31 -12.69 9.01
N ALA A 42 -7.60 -13.68 9.84
CA ALA A 42 -8.62 -14.67 9.50
C ALA A 42 -9.95 -14.01 9.20
N ALA A 43 -10.78 -14.68 8.40
CA ALA A 43 -12.09 -14.15 8.04
C ALA A 43 -11.95 -12.93 7.14
N PHE A 44 -11.09 -13.03 6.13
CA PHE A 44 -10.88 -11.93 5.20
C PHE A 44 -10.31 -12.43 3.88
N GLU A 45 -10.78 -11.85 2.78
CA GLU A 45 -10.31 -12.25 1.45
C GLU A 45 -9.78 -11.05 0.69
N LEU A 46 -8.48 -11.09 0.38
CA LEU A 46 -7.84 -10.00 -0.35
C LEU A 46 -8.63 -9.64 -1.61
N VAL A 47 -8.95 -8.37 -1.76
CA VAL A 47 -9.71 -7.89 -2.91
C VAL A 47 -8.94 -6.82 -3.67
N GLY A 48 -7.63 -7.02 -3.80
CA GLY A 48 -6.80 -6.06 -4.51
C GLY A 48 -5.39 -6.58 -4.77
N GLU A 49 -4.47 -5.65 -5.02
CA GLU A 49 -3.09 -6.03 -5.29
C GLU A 49 -2.35 -6.32 -3.98
N ARG A 50 -1.93 -7.58 -3.82
CA ARG A 50 -1.21 -7.99 -2.62
C ARG A 50 -0.02 -7.09 -2.36
N VAL A 51 0.59 -6.59 -3.43
CA VAL A 51 1.74 -5.71 -3.32
C VAL A 51 1.87 -4.80 -4.53
N ILE A 52 2.15 -3.52 -4.28
CA ILE A 52 2.29 -2.55 -5.35
C ILE A 52 3.72 -2.03 -5.45
N THR A 53 4.08 -1.50 -6.61
CA THR A 53 5.42 -0.98 -6.84
C THR A 53 5.37 0.49 -7.25
N CYS A 54 6.49 1.19 -7.06
CA CYS A 54 6.58 2.60 -7.42
C CYS A 54 7.13 2.78 -8.82
N GLN A 55 6.60 3.75 -9.56
CA GLN A 55 7.04 4.02 -10.92
C GLN A 55 7.86 5.30 -10.98
N GLN A 56 8.33 5.64 -12.17
CA GLN A 56 9.13 6.84 -12.36
C GLN A 56 8.26 8.08 -12.32
N ASN A 57 6.94 7.88 -12.32
CA ASN A 57 6.00 8.99 -12.28
C ASN A 57 5.51 9.24 -10.87
N ASN A 58 6.32 8.83 -9.89
CA ASN A 58 5.96 9.02 -8.48
C ASN A 58 4.56 8.49 -8.20
N GLN A 59 4.16 7.46 -8.94
CA GLN A 59 2.84 6.87 -8.77
C GLN A 59 2.94 5.36 -8.58
N TRP A 60 1.93 4.79 -7.94
CA TRP A 60 1.90 3.34 -7.70
C TRP A 60 1.19 2.61 -8.83
N SER A 61 1.76 1.49 -9.25
CA SER A 61 1.17 0.69 -10.32
C SER A 61 -0.26 0.28 -9.98
N GLY A 62 -0.57 0.27 -8.69
CA GLY A 62 -1.90 -0.11 -8.25
C GLY A 62 -2.25 0.48 -6.91
N ASN A 63 -3.55 0.58 -6.62
CA ASN A 63 -4.02 1.14 -5.37
C ASN A 63 -3.91 0.10 -4.24
N LYS A 64 -3.85 0.58 -3.00
CA LYS A 64 -3.74 -0.30 -1.85
C LYS A 64 -4.83 -1.36 -1.87
N PRO A 65 -4.49 -2.57 -1.41
CA PRO A 65 -5.42 -3.69 -1.36
C PRO A 65 -6.53 -3.49 -0.33
N SER A 66 -7.52 -4.37 -0.35
CA SER A 66 -8.65 -4.29 0.58
C SER A 66 -9.30 -5.66 0.76
N CYS A 67 -9.56 -6.02 2.01
CA CYS A 67 -10.19 -7.29 2.32
C CYS A 67 -11.56 -7.09 2.95
N SER A 68 -12.60 -7.45 2.20
CA SER A 68 -13.97 -7.30 2.68
C SER A 68 -14.41 -8.53 3.47
N GLY A 69 -14.82 -8.31 4.72
CA GLY A 69 -15.25 -9.41 5.57
C GLY A 69 -16.75 -9.59 5.56
N PRO A 70 -17.22 -10.77 6.00
CA PRO A 70 -18.64 -11.09 6.04
C PRO A 70 -19.38 -10.30 7.12
N SER A 71 -19.82 -9.09 6.76
CA SER A 71 -20.53 -8.23 7.70
C SER A 71 -21.67 -8.99 8.38
N SER A 72 -21.51 -9.25 9.67
CA SER A 72 -22.52 -9.98 10.43
C SER A 72 -23.92 -9.46 10.10
N GLY A 73 -24.69 -10.30 9.41
CA GLY A 73 -26.04 -9.92 9.03
C GLY A 73 -26.97 -9.81 10.23
N GLY A 1 -3.61 16.72 21.37
CA GLY A 1 -3.80 15.85 20.22
C GLY A 1 -3.07 16.36 18.99
N SER A 2 -3.47 15.87 17.83
CA SER A 2 -2.86 16.28 16.57
C SER A 2 -3.93 16.65 15.54
N SER A 3 -3.49 17.29 14.46
CA SER A 3 -4.40 17.72 13.40
C SER A 3 -4.36 16.74 12.23
N GLY A 4 -3.15 16.27 11.90
CA GLY A 4 -3.00 15.35 10.80
C GLY A 4 -1.76 15.63 9.97
N SER A 5 -1.57 16.90 9.62
CA SER A 5 -0.41 17.30 8.82
C SER A 5 -0.20 16.33 7.65
N SER A 6 -1.29 15.91 7.04
CA SER A 6 -1.23 14.98 5.92
C SER A 6 -0.71 15.68 4.66
N GLY A 7 0.60 15.90 4.62
CA GLY A 7 1.21 16.56 3.48
C GLY A 7 1.57 15.59 2.37
N GLU A 8 1.25 15.96 1.13
CA GLU A 8 1.55 15.11 -0.01
C GLU A 8 3.03 15.17 -0.36
N ILE A 9 3.86 14.62 0.51
CA ILE A 9 5.31 14.62 0.30
C ILE A 9 5.68 13.75 -0.90
N GLU A 10 6.47 14.31 -1.82
CA GLU A 10 6.89 13.59 -3.01
C GLU A 10 8.39 13.31 -2.97
N LYS A 11 9.04 13.79 -1.92
CA LYS A 11 10.48 13.60 -1.76
C LYS A 11 10.79 12.25 -1.11
N GLY A 12 11.58 11.44 -1.79
CA GLY A 12 11.93 10.13 -1.26
C GLY A 12 11.64 9.00 -2.25
N GLY A 13 10.37 8.87 -2.62
CA GLY A 13 9.99 7.82 -3.56
C GLY A 13 8.56 7.99 -4.06
N CYS A 14 7.73 6.99 -3.80
CA CYS A 14 6.34 7.03 -4.23
C CYS A 14 5.65 8.29 -3.73
N GLY A 15 5.42 8.36 -2.42
CA GLY A 15 4.77 9.52 -1.85
C GLY A 15 4.05 9.20 -0.56
N ASP A 16 2.75 8.98 -0.65
CA ASP A 16 1.93 8.67 0.52
C ASP A 16 0.55 8.19 0.11
N PRO A 17 0.45 6.90 -0.28
CA PRO A 17 -0.82 6.30 -0.70
C PRO A 17 -1.80 6.14 0.46
N GLY A 18 -1.32 5.58 1.56
CA GLY A 18 -2.16 5.38 2.72
C GLY A 18 -2.24 3.92 3.13
N ILE A 19 -2.74 3.67 4.34
CA ILE A 19 -2.88 2.31 4.84
C ILE A 19 -4.35 1.93 5.01
N PRO A 20 -4.68 0.68 4.63
CA PRO A 20 -6.06 0.17 4.72
C PRO A 20 -6.48 -0.06 6.18
N ALA A 21 -7.66 0.45 6.52
CA ALA A 21 -8.19 0.30 7.87
C ALA A 21 -8.91 -1.03 8.04
N TYR A 22 -8.47 -2.03 7.29
CA TYR A 22 -9.07 -3.37 7.35
C TYR A 22 -8.04 -4.42 7.70
N GLY A 23 -6.79 -4.18 7.28
CA GLY A 23 -5.72 -5.13 7.55
C GLY A 23 -4.48 -4.45 8.10
N LYS A 24 -3.32 -4.96 7.71
CA LYS A 24 -2.04 -4.40 8.15
C LYS A 24 -1.04 -4.34 7.01
N ARG A 25 -0.23 -3.28 7.00
CA ARG A 25 0.78 -3.11 5.97
C ARG A 25 2.19 -3.32 6.53
N THR A 26 3.08 -3.81 5.68
CA THR A 26 4.46 -4.06 6.09
C THR A 26 5.42 -3.09 5.41
N GLY A 27 5.98 -2.18 6.19
CA GLY A 27 6.91 -1.20 5.65
C GLY A 27 6.34 0.20 5.64
N SER A 28 7.07 1.14 6.24
CA SER A 28 6.63 2.53 6.29
C SER A 28 7.57 3.43 5.49
N SER A 29 8.18 2.86 4.45
CA SER A 29 9.10 3.61 3.60
C SER A 29 8.75 3.43 2.14
N PHE A 30 8.85 4.51 1.37
CA PHE A 30 8.55 4.47 -0.06
C PHE A 30 9.73 4.98 -0.89
N LEU A 31 10.41 4.06 -1.56
CA LEU A 31 11.57 4.41 -2.38
C LEU A 31 11.28 4.11 -3.85
N HIS A 32 12.18 4.57 -4.72
CA HIS A 32 12.03 4.36 -6.15
C HIS A 32 12.24 2.88 -6.50
N GLY A 33 11.17 2.23 -6.94
CA GLY A 33 11.26 0.83 -7.30
C GLY A 33 10.87 -0.09 -6.16
N ASP A 34 10.53 0.50 -5.02
CA ASP A 34 10.13 -0.27 -3.85
C ASP A 34 8.78 -0.94 -4.07
N THR A 35 8.32 -1.69 -3.06
CA THR A 35 7.05 -2.39 -3.14
C THR A 35 6.38 -2.48 -1.77
N LEU A 36 5.12 -2.09 -1.70
CA LEU A 36 4.37 -2.13 -0.45
C LEU A 36 3.45 -3.34 -0.41
N THR A 37 3.72 -4.25 0.53
CA THR A 37 2.91 -5.46 0.67
C THR A 37 1.90 -5.31 1.79
N PHE A 38 0.85 -6.12 1.76
CA PHE A 38 -0.19 -6.08 2.77
C PHE A 38 -0.64 -7.50 3.15
N GLU A 39 -1.34 -7.61 4.27
CA GLU A 39 -1.83 -8.89 4.75
C GLU A 39 -3.18 -8.74 5.45
N CYS A 40 -3.96 -9.82 5.45
CA CYS A 40 -5.27 -9.81 6.09
C CYS A 40 -5.53 -11.12 6.83
N PRO A 41 -6.31 -11.04 7.91
CA PRO A 41 -6.65 -12.21 8.73
C PRO A 41 -7.59 -13.17 8.00
N ALA A 42 -7.72 -14.38 8.54
CA ALA A 42 -8.59 -15.39 7.94
C ALA A 42 -10.04 -14.92 7.95
N ALA A 43 -10.31 -13.83 8.64
CA ALA A 43 -11.66 -13.28 8.72
C ALA A 43 -11.99 -12.44 7.49
N PHE A 44 -10.95 -12.05 6.75
CA PHE A 44 -11.13 -11.24 5.55
C PHE A 44 -10.16 -11.67 4.45
N GLU A 45 -10.69 -11.89 3.25
CA GLU A 45 -9.88 -12.31 2.12
C GLU A 45 -9.30 -11.09 1.40
N LEU A 46 -8.34 -11.36 0.51
CA LEU A 46 -7.70 -10.29 -0.25
C LEU A 46 -8.53 -9.93 -1.49
N VAL A 47 -8.79 -8.64 -1.66
CA VAL A 47 -9.57 -8.16 -2.80
C VAL A 47 -8.80 -7.10 -3.58
N GLY A 48 -7.50 -7.32 -3.73
CA GLY A 48 -6.67 -6.37 -4.46
C GLY A 48 -5.26 -6.90 -4.70
N GLU A 49 -4.34 -5.99 -5.00
CA GLU A 49 -2.96 -6.37 -5.25
C GLU A 49 -2.19 -6.54 -3.94
N ARG A 50 -1.83 -7.79 -3.64
CA ARG A 50 -1.11 -8.09 -2.41
C ARG A 50 0.10 -7.16 -2.25
N VAL A 51 0.74 -6.85 -3.37
CA VAL A 51 1.91 -5.96 -3.36
C VAL A 51 1.96 -5.10 -4.62
N ILE A 52 2.06 -3.79 -4.42
CA ILE A 52 2.13 -2.86 -5.54
C ILE A 52 3.55 -2.37 -5.77
N THR A 53 3.82 -1.94 -7.00
CA THR A 53 5.15 -1.45 -7.36
C THR A 53 5.15 0.07 -7.53
N CYS A 54 6.33 0.67 -7.39
CA CYS A 54 6.46 2.12 -7.54
C CYS A 54 6.97 2.48 -8.93
N GLN A 55 6.60 3.68 -9.40
CA GLN A 55 7.02 4.14 -10.71
C GLN A 55 7.91 5.37 -10.59
N GLN A 56 8.62 5.69 -11.67
CA GLN A 56 9.51 6.85 -11.68
C GLN A 56 8.72 8.15 -11.53
N ASN A 57 7.47 8.14 -11.98
CA ASN A 57 6.62 9.31 -11.90
C ASN A 57 5.91 9.37 -10.55
N ASN A 58 6.51 8.75 -9.54
CA ASN A 58 5.94 8.74 -8.20
C ASN A 58 4.46 8.36 -8.24
N GLN A 59 4.13 7.39 -9.09
CA GLN A 59 2.76 6.94 -9.23
C GLN A 59 2.65 5.44 -9.02
N TRP A 60 1.95 5.04 -7.96
CA TRP A 60 1.78 3.62 -7.66
C TRP A 60 1.04 2.91 -8.77
N SER A 61 1.56 1.75 -9.18
CA SER A 61 0.96 0.97 -10.25
C SER A 61 -0.46 0.54 -9.87
N GLY A 62 -0.78 0.64 -8.58
CA GLY A 62 -2.10 0.27 -8.11
C GLY A 62 -2.43 0.86 -6.76
N ASN A 63 -3.72 1.06 -6.50
CA ASN A 63 -4.16 1.63 -5.23
C ASN A 63 -4.03 0.61 -4.11
N LYS A 64 -4.10 1.10 -2.87
CA LYS A 64 -4.00 0.22 -1.71
C LYS A 64 -4.99 -0.93 -1.80
N PRO A 65 -4.58 -2.11 -1.30
CA PRO A 65 -5.40 -3.31 -1.33
C PRO A 65 -6.59 -3.21 -0.37
N SER A 66 -7.40 -4.26 -0.32
CA SER A 66 -8.57 -4.28 0.55
C SER A 66 -8.93 -5.72 0.93
N CYS A 67 -9.81 -5.87 1.91
CA CYS A 67 -10.24 -7.18 2.37
C CYS A 67 -11.62 -7.12 3.01
N SER A 68 -12.58 -7.83 2.42
CA SER A 68 -13.95 -7.85 2.93
C SER A 68 -14.29 -9.21 3.52
N GLY A 69 -15.49 -9.32 4.09
CA GLY A 69 -15.92 -10.56 4.69
C GLY A 69 -16.94 -11.30 3.84
N PRO A 70 -17.64 -12.26 4.45
CA PRO A 70 -18.66 -13.05 3.76
C PRO A 70 -19.89 -12.23 3.41
N SER A 71 -20.39 -12.41 2.18
CA SER A 71 -21.56 -11.67 1.72
C SER A 71 -22.83 -12.48 1.96
N SER A 72 -22.78 -13.77 1.62
CA SER A 72 -23.93 -14.65 1.80
C SER A 72 -23.53 -15.91 2.56
N GLY A 73 -24.36 -16.31 3.51
CA GLY A 73 -24.07 -17.50 4.29
C GLY A 73 -25.04 -17.68 5.45
N GLY A 1 3.01 18.58 -21.24
CA GLY A 1 4.19 17.78 -21.00
C GLY A 1 5.18 18.47 -20.09
N SER A 2 6.46 18.11 -20.22
CA SER A 2 7.50 18.69 -19.39
C SER A 2 8.54 19.41 -20.25
N SER A 3 8.79 20.68 -19.96
CA SER A 3 9.76 21.46 -20.70
C SER A 3 11.14 21.38 -20.06
N GLY A 4 12.18 21.43 -20.90
CA GLY A 4 13.54 21.36 -20.40
C GLY A 4 13.90 19.97 -19.92
N SER A 5 15.00 19.87 -19.18
CA SER A 5 15.47 18.59 -18.66
C SER A 5 14.75 18.23 -17.36
N SER A 6 15.05 17.05 -16.84
CA SER A 6 14.43 16.59 -15.60
C SER A 6 14.32 17.73 -14.58
N GLY A 7 13.43 17.57 -13.62
CA GLY A 7 13.23 18.58 -12.60
C GLY A 7 14.39 18.64 -11.62
N GLU A 8 14.10 18.39 -10.35
CA GLU A 8 15.13 18.42 -9.31
C GLU A 8 15.46 17.01 -8.84
N ILE A 9 16.32 16.92 -7.83
CA ILE A 9 16.73 15.64 -7.29
C ILE A 9 15.61 15.01 -6.46
N GLU A 10 15.32 13.74 -6.73
CA GLU A 10 14.28 13.02 -6.02
C GLU A 10 14.77 12.57 -4.64
N LYS A 11 13.96 12.79 -3.62
CA LYS A 11 14.31 12.40 -2.26
C LYS A 11 14.10 10.90 -2.05
N GLY A 12 12.98 10.40 -2.57
CA GLY A 12 12.67 8.98 -2.43
C GLY A 12 11.75 8.48 -3.53
N GLY A 13 10.69 7.79 -3.13
CA GLY A 13 9.75 7.26 -4.10
C GLY A 13 8.42 7.99 -4.07
N CYS A 14 7.33 7.21 -4.01
CA CYS A 14 5.99 7.79 -3.98
C CYS A 14 5.76 8.56 -2.68
N GLY A 15 5.83 7.85 -1.56
CA GLY A 15 5.63 8.47 -0.27
C GLY A 15 4.51 7.83 0.53
N ASP A 16 3.46 8.59 0.80
CA ASP A 16 2.32 8.08 1.55
C ASP A 16 1.08 7.99 0.68
N PRO A 17 1.02 6.95 -0.16
CA PRO A 17 -0.12 6.74 -1.08
C PRO A 17 -1.38 6.33 -0.33
N GLY A 18 -1.29 6.25 1.00
CA GLY A 18 -2.44 5.88 1.80
C GLY A 18 -2.30 4.49 2.39
N ILE A 19 -3.12 4.20 3.39
CA ILE A 19 -3.09 2.90 4.06
C ILE A 19 -4.49 2.39 4.34
N PRO A 20 -4.72 1.09 4.10
CA PRO A 20 -6.02 0.45 4.32
C PRO A 20 -6.36 0.33 5.81
N ALA A 21 -7.63 0.51 6.13
CA ALA A 21 -8.09 0.43 7.51
C ALA A 21 -8.62 -0.96 7.83
N TYR A 22 -8.06 -1.97 7.15
CA TYR A 22 -8.49 -3.36 7.36
C TYR A 22 -7.36 -4.18 7.96
N GLY A 23 -6.17 -3.58 8.05
CA GLY A 23 -5.03 -4.28 8.60
C GLY A 23 -3.82 -3.38 8.75
N LYS A 24 -2.64 -3.93 8.48
CA LYS A 24 -1.39 -3.17 8.59
C LYS A 24 -0.52 -3.39 7.36
N ARG A 25 0.46 -2.50 7.18
CA ARG A 25 1.36 -2.60 6.04
C ARG A 25 2.80 -2.83 6.52
N THR A 26 3.59 -3.50 5.68
CA THR A 26 4.98 -3.80 6.01
C THR A 26 5.91 -2.77 5.38
N GLY A 27 7.10 -2.62 5.97
CA GLY A 27 8.07 -1.67 5.44
C GLY A 27 7.72 -0.24 5.78
N SER A 28 8.74 0.59 5.96
CA SER A 28 8.53 2.00 6.30
C SER A 28 9.28 2.90 5.32
N SER A 29 9.57 2.37 4.14
CA SER A 29 10.28 3.12 3.12
C SER A 29 9.59 3.00 1.76
N PHE A 30 9.55 4.11 1.03
CA PHE A 30 8.91 4.12 -0.29
C PHE A 30 9.83 4.77 -1.33
N LEU A 31 10.39 3.94 -2.20
CA LEU A 31 11.30 4.42 -3.24
C LEU A 31 10.71 4.17 -4.63
N HIS A 32 11.33 4.75 -5.65
CA HIS A 32 10.88 4.58 -7.02
C HIS A 32 11.10 3.14 -7.49
N GLY A 33 10.30 2.23 -6.97
CA GLY A 33 10.42 0.82 -7.34
C GLY A 33 10.12 -0.11 -6.19
N ASP A 34 10.23 0.40 -4.97
CA ASP A 34 9.97 -0.41 -3.78
C ASP A 34 8.64 -1.16 -3.91
N THR A 35 8.33 -1.97 -2.91
CA THR A 35 7.09 -2.74 -2.92
C THR A 35 6.50 -2.84 -1.51
N LEU A 36 5.22 -2.50 -1.39
CA LEU A 36 4.54 -2.55 -0.10
C LEU A 36 3.47 -3.64 -0.10
N THR A 37 3.66 -4.65 0.76
CA THR A 37 2.71 -5.75 0.86
C THR A 37 1.76 -5.54 2.03
N PHE A 38 0.50 -5.94 1.83
CA PHE A 38 -0.52 -5.80 2.88
C PHE A 38 -1.11 -7.15 3.23
N GLU A 39 -1.90 -7.18 4.31
CA GLU A 39 -2.54 -8.41 4.76
C GLU A 39 -3.70 -8.11 5.71
N CYS A 40 -4.56 -9.10 5.91
CA CYS A 40 -5.71 -8.94 6.80
C CYS A 40 -5.94 -10.21 7.61
N PRO A 41 -6.70 -10.06 8.72
CA PRO A 41 -7.00 -11.19 9.61
C PRO A 41 -7.96 -12.18 8.97
N ALA A 42 -8.04 -13.37 9.56
CA ALA A 42 -8.92 -14.42 9.05
C ALA A 42 -10.36 -13.91 8.90
N ALA A 43 -10.66 -12.81 9.58
CA ALA A 43 -11.99 -12.23 9.53
C ALA A 43 -12.28 -11.64 8.15
N PHE A 44 -11.26 -11.60 7.30
CA PHE A 44 -11.41 -11.07 5.96
C PHE A 44 -10.40 -11.72 5.00
N GLU A 45 -10.53 -11.40 3.72
CA GLU A 45 -9.63 -11.96 2.71
C GLU A 45 -8.97 -10.85 1.90
N LEU A 46 -8.01 -11.22 1.07
CA LEU A 46 -7.30 -10.25 0.23
C LEU A 46 -8.01 -10.06 -1.11
N VAL A 47 -8.40 -8.82 -1.38
CA VAL A 47 -9.10 -8.50 -2.62
C VAL A 47 -8.38 -7.38 -3.38
N GLY A 48 -7.31 -7.76 -4.09
CA GLY A 48 -6.56 -6.78 -4.84
C GLY A 48 -5.10 -7.17 -5.00
N GLU A 49 -4.25 -6.19 -5.33
CA GLU A 49 -2.83 -6.43 -5.51
C GLU A 49 -2.12 -6.52 -4.17
N ARG A 50 -1.94 -7.74 -3.67
CA ARG A 50 -1.28 -7.96 -2.39
C ARG A 50 -0.09 -7.01 -2.22
N VAL A 51 0.56 -6.69 -3.33
CA VAL A 51 1.71 -5.79 -3.32
C VAL A 51 1.71 -4.86 -4.52
N ILE A 52 2.25 -3.66 -4.34
CA ILE A 52 2.30 -2.68 -5.42
C ILE A 52 3.73 -2.21 -5.66
N THR A 53 3.93 -1.42 -6.71
CA THR A 53 5.25 -0.90 -7.05
C THR A 53 5.16 0.56 -7.47
N CYS A 54 6.00 1.39 -6.86
CA CYS A 54 6.03 2.82 -7.17
C CYS A 54 6.77 3.07 -8.47
N GLN A 55 6.50 4.23 -9.08
CA GLN A 55 7.14 4.59 -10.35
C GLN A 55 7.98 5.85 -10.18
N GLN A 56 8.54 6.33 -11.30
CA GLN A 56 9.37 7.53 -11.27
C GLN A 56 8.51 8.77 -11.08
N ASN A 57 7.21 8.64 -11.32
CA ASN A 57 6.29 9.77 -11.18
C ASN A 57 5.39 9.57 -9.97
N ASN A 58 5.98 9.15 -8.85
CA ASN A 58 5.23 8.93 -7.63
C ASN A 58 3.85 8.35 -7.93
N GLN A 59 3.81 7.38 -8.83
CA GLN A 59 2.55 6.74 -9.21
C GLN A 59 2.67 5.22 -9.14
N TRP A 60 1.96 4.62 -8.20
CA TRP A 60 1.99 3.16 -8.02
C TRP A 60 1.25 2.47 -9.16
N SER A 61 1.95 1.58 -9.85
CA SER A 61 1.35 0.84 -10.97
C SER A 61 -0.04 0.32 -10.60
N GLY A 62 -0.28 0.17 -9.30
CA GLY A 62 -1.57 -0.32 -8.83
C GLY A 62 -1.96 0.27 -7.49
N ASN A 63 -3.26 0.34 -7.24
CA ASN A 63 -3.77 0.89 -5.99
C ASN A 63 -3.63 -0.13 -4.86
N LYS A 64 -3.80 0.35 -3.63
CA LYS A 64 -3.69 -0.52 -2.47
C LYS A 64 -4.82 -1.56 -2.45
N PRO A 65 -4.53 -2.74 -1.89
CA PRO A 65 -5.50 -3.82 -1.79
C PRO A 65 -6.63 -3.52 -0.81
N SER A 66 -7.62 -4.41 -0.77
CA SER A 66 -8.76 -4.21 0.13
C SER A 66 -9.16 -5.54 0.78
N CYS A 67 -9.96 -5.46 1.84
CA CYS A 67 -10.42 -6.65 2.55
C CYS A 67 -11.93 -6.64 2.71
N SER A 68 -12.60 -7.63 2.12
CA SER A 68 -14.05 -7.73 2.21
C SER A 68 -14.47 -9.03 2.89
N GLY A 69 -14.14 -10.15 2.26
CA GLY A 69 -14.49 -11.44 2.82
C GLY A 69 -15.49 -12.20 1.96
N PRO A 70 -15.05 -12.62 0.77
CA PRO A 70 -15.89 -13.36 -0.16
C PRO A 70 -16.20 -14.77 0.32
N SER A 71 -16.97 -15.51 -0.47
CA SER A 71 -17.34 -16.87 -0.11
C SER A 71 -17.78 -17.66 -1.35
N SER A 72 -17.37 -18.92 -1.41
CA SER A 72 -17.72 -19.78 -2.54
C SER A 72 -18.60 -20.95 -2.10
N GLY A 73 -19.90 -20.68 -2.00
CA GLY A 73 -20.84 -21.72 -1.58
C GLY A 73 -21.67 -21.29 -0.38
#